data_2D8H
#
_entry.id   2D8H
#
_entity_poly.entity_id   1
_entity_poly.type   'polypeptide(L)'
_entity_poly.pdbx_seq_one_letter_code
;GSSGSSGHERVGNLNQPIEVTALYSFEGQQPGDLNFQAGDRITVISKTDSHFDWWEGKLRGQTGIFPANYVTMNSGPSSG
;
_entity_poly.pdbx_strand_id   A
#
# COMPACT_ATOMS: atom_id res chain seq x y z
N GLY A 1 -9.23 1.49 -23.86
CA GLY A 1 -8.34 0.45 -24.32
C GLY A 1 -7.02 1.00 -24.85
N SER A 2 -7.09 1.66 -26.00
CA SER A 2 -5.89 2.23 -26.62
C SER A 2 -5.12 3.08 -25.62
N SER A 3 -3.80 2.93 -25.61
CA SER A 3 -2.95 3.68 -24.70
C SER A 3 -2.01 4.60 -25.47
N GLY A 4 -1.51 5.63 -24.80
CA GLY A 4 -0.62 6.57 -25.43
C GLY A 4 0.83 6.37 -25.01
N SER A 5 1.18 6.87 -23.83
CA SER A 5 2.54 6.75 -23.32
C SER A 5 2.53 6.19 -21.90
N SER A 6 2.83 4.90 -21.78
CA SER A 6 2.86 4.24 -20.48
C SER A 6 3.91 3.15 -20.45
N GLY A 7 4.37 2.81 -19.24
CA GLY A 7 5.38 1.77 -19.10
C GLY A 7 5.78 1.57 -17.65
N HIS A 8 6.70 0.62 -17.43
CA HIS A 8 7.18 0.32 -16.09
C HIS A 8 8.70 0.30 -16.04
N GLU A 9 9.32 1.25 -16.75
CA GLU A 9 10.77 1.34 -16.79
C GLU A 9 11.28 2.27 -15.70
N ARG A 10 11.57 1.70 -14.54
CA ARG A 10 12.06 2.47 -13.40
C ARG A 10 12.91 1.60 -12.47
N VAL A 11 13.76 2.24 -11.68
CA VAL A 11 14.61 1.52 -10.75
C VAL A 11 13.79 0.85 -9.66
N GLY A 12 14.10 -0.42 -9.39
CA GLY A 12 13.38 -1.16 -8.36
C GLY A 12 12.74 -2.42 -8.91
N ASN A 13 13.12 -3.57 -8.37
CA ASN A 13 12.57 -4.84 -8.81
C ASN A 13 11.47 -5.32 -7.84
N LEU A 14 10.28 -5.53 -8.39
CA LEU A 14 9.16 -5.99 -7.58
C LEU A 14 8.55 -7.27 -8.16
N ASN A 15 9.10 -8.41 -7.77
CA ASN A 15 8.62 -9.70 -8.24
C ASN A 15 7.26 -10.03 -7.64
N GLN A 16 7.00 -9.51 -6.45
CA GLN A 16 5.73 -9.75 -5.76
C GLN A 16 5.48 -8.68 -4.71
N PRO A 17 4.20 -8.31 -4.54
CA PRO A 17 3.79 -7.30 -3.57
C PRO A 17 3.94 -7.77 -2.12
N ILE A 18 3.56 -6.92 -1.18
CA ILE A 18 3.65 -7.26 0.24
C ILE A 18 2.28 -7.27 0.89
N GLU A 19 2.14 -8.05 1.96
CA GLU A 19 0.87 -8.14 2.68
C GLU A 19 0.97 -7.48 4.04
N VAL A 20 0.11 -6.50 4.29
CA VAL A 20 0.09 -5.78 5.55
C VAL A 20 -1.31 -5.77 6.16
N THR A 21 -1.37 -5.78 7.49
CA THR A 21 -2.64 -5.76 8.20
C THR A 21 -2.93 -4.38 8.79
N ALA A 22 -3.99 -3.76 8.31
CA ALA A 22 -4.39 -2.44 8.79
C ALA A 22 -4.56 -2.43 10.30
N LEU A 23 -3.67 -1.72 10.99
CA LEU A 23 -3.73 -1.64 12.46
C LEU A 23 -4.92 -0.81 12.90
N TYR A 24 -5.31 0.16 12.08
CA TYR A 24 -6.44 1.03 12.39
C TYR A 24 -7.24 1.35 11.13
N SER A 25 -8.50 1.73 11.31
CA SER A 25 -9.38 2.07 10.20
C SER A 25 -8.98 3.41 9.58
N PHE A 26 -9.31 3.59 8.32
CA PHE A 26 -9.00 4.83 7.61
C PHE A 26 -10.03 5.12 6.53
N GLU A 27 -10.27 6.40 6.28
CA GLU A 27 -11.24 6.81 5.27
C GLU A 27 -10.63 7.82 4.30
N GLY A 28 -10.27 7.35 3.12
CA GLY A 28 -9.68 8.23 2.12
C GLY A 28 -10.56 9.41 1.78
N GLN A 29 -10.14 10.60 2.21
CA GLN A 29 -10.91 11.81 1.95
C GLN A 29 -11.01 12.09 0.46
N GLN A 30 -9.98 11.68 -0.29
CA GLN A 30 -9.95 11.88 -1.73
C GLN A 30 -10.26 10.58 -2.46
N PRO A 31 -10.68 10.72 -3.74
CA PRO A 31 -11.01 9.56 -4.58
C PRO A 31 -9.78 8.75 -4.97
N GLY A 32 -8.61 9.37 -4.86
CA GLY A 32 -7.39 8.69 -5.20
C GLY A 32 -6.83 7.87 -4.05
N ASP A 33 -7.35 8.11 -2.85
CA ASP A 33 -6.91 7.39 -1.67
C ASP A 33 -7.54 6.01 -1.61
N LEU A 34 -7.28 5.29 -0.52
CA LEU A 34 -7.83 3.95 -0.33
C LEU A 34 -8.69 3.88 0.92
N ASN A 35 -9.66 2.96 0.92
CA ASN A 35 -10.56 2.79 2.06
C ASN A 35 -10.40 1.40 2.66
N PHE A 36 -9.98 1.35 3.92
CA PHE A 36 -9.79 0.08 4.61
C PHE A 36 -10.24 0.18 6.07
N GLN A 37 -10.20 -0.94 6.78
CA GLN A 37 -10.59 -0.97 8.18
C GLN A 37 -9.62 -1.83 9.00
N ALA A 38 -9.51 -1.50 10.29
CA ALA A 38 -8.63 -2.24 11.18
C ALA A 38 -8.77 -3.75 10.98
N GLY A 39 -7.79 -4.36 10.32
CA GLY A 39 -7.84 -5.79 10.08
C GLY A 39 -7.75 -6.13 8.60
N ASP A 40 -8.36 -5.29 7.77
CA ASP A 40 -8.34 -5.51 6.33
C ASP A 40 -6.91 -5.55 5.79
N ARG A 41 -6.59 -6.62 5.07
CA ARG A 41 -5.26 -6.78 4.50
C ARG A 41 -5.10 -5.98 3.21
N ILE A 42 -4.04 -5.18 3.13
CA ILE A 42 -3.78 -4.37 1.95
C ILE A 42 -2.56 -4.88 1.20
N THR A 43 -2.72 -5.09 -0.11
CA THR A 43 -1.63 -5.56 -0.94
C THR A 43 -0.72 -4.41 -1.37
N VAL A 44 0.43 -4.30 -0.71
CA VAL A 44 1.39 -3.25 -1.02
C VAL A 44 2.00 -3.45 -2.39
N ILE A 45 1.59 -2.62 -3.35
CA ILE A 45 2.11 -2.72 -4.71
C ILE A 45 3.28 -1.77 -4.92
N SER A 46 3.18 -0.58 -4.33
CA SER A 46 4.24 0.43 -4.45
C SER A 46 4.42 1.20 -3.15
N LYS A 47 5.49 0.88 -2.43
CA LYS A 47 5.78 1.55 -1.15
C LYS A 47 7.22 2.05 -1.12
N THR A 48 7.54 2.84 -0.10
CA THR A 48 8.88 3.38 0.06
C THR A 48 9.57 2.80 1.29
N ASP A 49 10.83 3.16 1.48
CA ASP A 49 11.60 2.68 2.62
C ASP A 49 11.44 3.61 3.82
N SER A 50 10.20 4.02 4.08
CA SER A 50 9.92 4.92 5.19
C SER A 50 8.54 4.62 5.79
N HIS A 51 8.49 4.51 7.11
CA HIS A 51 7.24 4.23 7.81
C HIS A 51 6.40 5.50 7.96
N PHE A 52 7.08 6.64 8.00
CA PHE A 52 6.39 7.92 8.15
C PHE A 52 6.04 8.50 6.78
N ASP A 53 5.47 7.66 5.92
CA ASP A 53 5.08 8.10 4.59
C ASP A 53 3.87 7.31 4.09
N TRP A 54 3.23 7.80 3.03
CA TRP A 54 2.07 7.14 2.46
C TRP A 54 2.47 6.17 1.37
N TRP A 55 1.92 4.97 1.41
CA TRP A 55 2.23 3.94 0.41
C TRP A 55 1.03 3.68 -0.49
N GLU A 56 1.22 2.86 -1.51
CA GLU A 56 0.16 2.53 -2.45
C GLU A 56 -0.12 1.03 -2.45
N GLY A 57 -1.28 0.64 -1.96
CA GLY A 57 -1.64 -0.77 -1.92
C GLY A 57 -2.96 -1.04 -2.61
N LYS A 58 -3.41 -2.30 -2.55
CA LYS A 58 -4.66 -2.70 -3.18
C LYS A 58 -5.54 -3.47 -2.20
N LEU A 59 -6.81 -3.11 -2.16
CA LEU A 59 -7.76 -3.78 -1.26
C LEU A 59 -9.13 -3.92 -1.92
N ARG A 60 -9.82 -5.01 -1.63
CA ARG A 60 -11.14 -5.26 -2.19
C ARG A 60 -11.18 -4.87 -3.66
N GLY A 61 -10.15 -5.28 -4.41
CA GLY A 61 -10.10 -4.97 -5.83
C GLY A 61 -10.04 -3.47 -6.09
N GLN A 62 -9.32 -2.75 -5.23
CA GLN A 62 -9.19 -1.30 -5.38
C GLN A 62 -7.73 -0.88 -5.24
N THR A 63 -7.49 0.42 -5.45
CA THR A 63 -6.14 0.96 -5.35
C THR A 63 -6.16 2.39 -4.83
N GLY A 64 -5.19 2.72 -3.98
CA GLY A 64 -5.12 4.06 -3.43
C GLY A 64 -3.93 4.24 -2.50
N ILE A 65 -3.75 5.46 -2.00
CA ILE A 65 -2.65 5.75 -1.09
C ILE A 65 -3.12 5.76 0.37
N PHE A 66 -2.22 5.38 1.26
CA PHE A 66 -2.55 5.35 2.68
C PHE A 66 -1.28 5.37 3.54
N PRO A 67 -1.39 5.91 4.76
CA PRO A 67 -0.26 6.01 5.70
C PRO A 67 0.18 4.65 6.22
N ALA A 68 1.45 4.32 6.01
CA ALA A 68 1.99 3.05 6.47
C ALA A 68 1.84 2.90 7.98
N ASN A 69 1.77 4.03 8.68
CA ASN A 69 1.63 4.02 10.12
C ASN A 69 0.29 3.40 10.54
N TYR A 70 -0.58 3.19 9.56
CA TYR A 70 -1.89 2.60 9.82
C TYR A 70 -1.88 1.11 9.53
N VAL A 71 -0.72 0.59 9.15
CA VAL A 71 -0.57 -0.83 8.85
C VAL A 71 0.66 -1.41 9.51
N THR A 72 0.90 -2.70 9.29
CA THR A 72 2.05 -3.38 9.88
C THR A 72 2.51 -4.54 9.00
N MET A 73 3.80 -4.85 9.07
CA MET A 73 4.36 -5.94 8.27
C MET A 73 4.22 -7.27 9.00
N ASN A 74 3.43 -8.17 8.44
CA ASN A 74 3.20 -9.48 9.03
C ASN A 74 3.85 -10.58 8.18
N SER A 75 4.80 -11.29 8.77
CA SER A 75 5.49 -12.36 8.06
C SER A 75 5.61 -13.60 8.94
N GLY A 76 5.75 -14.76 8.30
CA GLY A 76 5.87 -16.00 9.05
C GLY A 76 7.17 -16.10 9.82
N PRO A 77 7.57 -17.34 10.15
CA PRO A 77 8.82 -17.59 10.90
C PRO A 77 10.06 -17.30 10.07
N SER A 78 10.90 -16.40 10.58
CA SER A 78 12.13 -16.03 9.88
C SER A 78 13.24 -17.01 10.19
N SER A 79 13.22 -17.57 11.39
CA SER A 79 14.22 -18.53 11.82
C SER A 79 13.72 -19.96 11.66
N GLY A 80 12.47 -20.19 12.05
CA GLY A 80 11.89 -21.52 11.94
C GLY A 80 11.72 -21.96 10.49
N GLY A 1 -6.80 16.18 -26.98
CA GLY A 1 -6.77 14.74 -27.07
C GLY A 1 -5.38 14.17 -26.91
N SER A 2 -4.81 14.33 -25.72
CA SER A 2 -3.47 13.84 -25.43
C SER A 2 -3.52 12.38 -24.98
N SER A 3 -2.39 11.69 -25.13
CA SER A 3 -2.30 10.28 -24.74
C SER A 3 -0.85 9.81 -24.70
N GLY A 4 -0.51 9.03 -23.68
CA GLY A 4 0.85 8.53 -23.55
C GLY A 4 1.38 8.67 -22.14
N SER A 5 0.93 7.78 -21.26
CA SER A 5 1.36 7.80 -19.86
C SER A 5 2.49 6.78 -19.62
N SER A 6 3.73 7.25 -19.70
CA SER A 6 4.89 6.39 -19.51
C SER A 6 6.10 7.19 -19.04
N GLY A 7 7.11 6.49 -18.58
CA GLY A 7 8.32 7.16 -18.11
C GLY A 7 8.37 7.28 -16.60
N HIS A 8 8.45 6.14 -15.91
CA HIS A 8 8.51 6.12 -14.46
C HIS A 8 9.59 5.18 -13.96
N GLU A 9 10.84 5.66 -13.95
CA GLU A 9 11.97 4.86 -13.50
C GLU A 9 11.72 4.31 -12.09
N ARG A 10 11.33 3.04 -12.02
CA ARG A 10 11.06 2.41 -10.74
C ARG A 10 12.32 2.32 -9.90
N VAL A 11 12.16 2.39 -8.57
CA VAL A 11 13.29 2.32 -7.66
C VAL A 11 14.03 0.99 -7.79
N GLY A 12 13.27 -0.09 -7.86
CA GLY A 12 13.87 -1.41 -7.99
C GLY A 12 12.93 -2.42 -8.61
N ASN A 13 13.30 -3.70 -8.52
CA ASN A 13 12.47 -4.77 -9.07
C ASN A 13 11.48 -5.29 -8.04
N LEU A 14 10.25 -5.54 -8.48
CA LEU A 14 9.20 -6.04 -7.60
C LEU A 14 8.55 -7.28 -8.19
N ASN A 15 8.93 -8.44 -7.68
CA ASN A 15 8.39 -9.71 -8.15
C ASN A 15 7.00 -9.95 -7.56
N GLN A 16 6.83 -9.60 -6.29
CA GLN A 16 5.56 -9.77 -5.60
C GLN A 16 5.35 -8.69 -4.56
N PRO A 17 4.08 -8.29 -4.36
CA PRO A 17 3.71 -7.26 -3.39
C PRO A 17 3.90 -7.73 -1.94
N ILE A 18 3.50 -6.89 -1.00
CA ILE A 18 3.61 -7.22 0.42
C ILE A 18 2.26 -7.21 1.10
N GLU A 19 2.08 -8.06 2.10
CA GLU A 19 0.83 -8.15 2.84
C GLU A 19 0.94 -7.41 4.17
N VAL A 20 0.05 -6.44 4.38
CA VAL A 20 0.04 -5.66 5.61
C VAL A 20 -1.35 -5.65 6.25
N THR A 21 -1.39 -5.76 7.57
CA THR A 21 -2.66 -5.76 8.30
C THR A 21 -2.97 -4.37 8.85
N ALA A 22 -4.11 -3.83 8.45
CA ALA A 22 -4.54 -2.51 8.91
C ALA A 22 -4.68 -2.48 10.42
N LEU A 23 -3.80 -1.74 11.09
CA LEU A 23 -3.84 -1.63 12.54
C LEU A 23 -5.08 -0.88 13.01
N TYR A 24 -5.53 0.07 12.19
CA TYR A 24 -6.72 0.85 12.51
C TYR A 24 -7.55 1.14 11.26
N SER A 25 -8.77 1.63 11.47
CA SER A 25 -9.66 1.93 10.35
C SER A 25 -9.26 3.23 9.67
N PHE A 26 -9.55 3.33 8.38
CA PHE A 26 -9.22 4.52 7.61
C PHE A 26 -10.20 4.72 6.46
N GLU A 27 -10.35 5.97 6.02
CA GLU A 27 -11.26 6.29 4.94
C GLU A 27 -10.68 7.38 4.04
N GLY A 28 -10.30 7.00 2.82
CA GLY A 28 -9.72 7.94 1.89
C GLY A 28 -10.52 9.23 1.80
N GLN A 29 -10.02 10.28 2.45
CA GLN A 29 -10.71 11.57 2.44
C GLN A 29 -10.50 12.29 1.11
N GLN A 30 -9.39 11.98 0.45
CA GLN A 30 -9.07 12.60 -0.83
C GLN A 30 -9.38 11.65 -1.99
N PRO A 31 -9.62 12.22 -3.18
CA PRO A 31 -9.94 11.44 -4.38
C PRO A 31 -8.73 10.66 -4.90
N GLY A 32 -8.78 9.34 -4.76
CA GLY A 32 -7.69 8.50 -5.21
C GLY A 32 -7.14 7.61 -4.11
N ASP A 33 -7.34 8.02 -2.87
CA ASP A 33 -6.87 7.25 -1.72
C ASP A 33 -7.58 5.91 -1.63
N LEU A 34 -7.23 5.13 -0.62
CA LEU A 34 -7.84 3.81 -0.42
C LEU A 34 -8.53 3.74 0.93
N ASN A 35 -9.66 3.04 0.98
CA ASN A 35 -10.42 2.88 2.21
C ASN A 35 -10.30 1.46 2.75
N PHE A 36 -9.92 1.34 4.02
CA PHE A 36 -9.77 0.03 4.65
C PHE A 36 -10.26 0.06 6.10
N GLN A 37 -10.18 -1.08 6.76
CA GLN A 37 -10.61 -1.18 8.16
C GLN A 37 -9.58 -1.93 8.99
N ALA A 38 -9.57 -1.65 10.29
CA ALA A 38 -8.63 -2.30 11.20
C ALA A 38 -8.70 -3.82 11.06
N GLY A 39 -7.71 -4.39 10.38
CA GLY A 39 -7.67 -5.83 10.20
C GLY A 39 -7.61 -6.22 8.73
N ASP A 40 -8.20 -5.38 7.88
CA ASP A 40 -8.22 -5.65 6.44
C ASP A 40 -6.80 -5.68 5.88
N ARG A 41 -6.48 -6.75 5.17
CA ARG A 41 -5.15 -6.91 4.57
C ARG A 41 -5.05 -6.12 3.27
N ILE A 42 -3.98 -5.34 3.13
CA ILE A 42 -3.77 -4.54 1.94
C ILE A 42 -2.56 -5.05 1.15
N THR A 43 -2.75 -5.25 -0.15
CA THR A 43 -1.68 -5.72 -1.01
C THR A 43 -0.77 -4.59 -1.45
N VAL A 44 0.35 -4.41 -0.75
CA VAL A 44 1.30 -3.36 -1.07
C VAL A 44 1.92 -3.58 -2.45
N ILE A 45 1.59 -2.72 -3.39
CA ILE A 45 2.12 -2.82 -4.74
C ILE A 45 3.31 -1.89 -4.94
N SER A 46 3.22 -0.70 -4.34
CA SER A 46 4.28 0.29 -4.46
C SER A 46 4.46 1.05 -3.15
N LYS A 47 5.61 0.86 -2.51
CA LYS A 47 5.91 1.53 -1.25
C LYS A 47 7.29 2.19 -1.29
N THR A 48 7.53 3.09 -0.33
CA THR A 48 8.80 3.78 -0.27
C THR A 48 9.62 3.32 0.93
N ASP A 49 10.84 3.85 1.06
CA ASP A 49 11.73 3.49 2.16
C ASP A 49 11.47 4.38 3.37
N SER A 50 10.26 4.35 3.89
CA SER A 50 9.89 5.16 5.04
C SER A 50 8.51 4.74 5.58
N HIS A 51 8.38 4.76 6.90
CA HIS A 51 7.12 4.40 7.55
C HIS A 51 6.10 5.51 7.41
N PHE A 52 6.39 6.66 8.02
CA PHE A 52 5.49 7.81 7.97
C PHE A 52 4.94 7.99 6.56
N ASP A 53 5.83 8.07 5.59
CA ASP A 53 5.44 8.26 4.20
C ASP A 53 4.24 7.39 3.85
N TRP A 54 3.49 7.79 2.83
CA TRP A 54 2.32 7.04 2.40
C TRP A 54 2.68 6.04 1.31
N TRP A 55 2.07 4.86 1.37
CA TRP A 55 2.33 3.82 0.38
C TRP A 55 1.10 3.57 -0.49
N GLU A 56 1.27 2.73 -1.51
CA GLU A 56 0.18 2.41 -2.42
C GLU A 56 -0.09 0.90 -2.44
N GLY A 57 -1.28 0.51 -1.98
CA GLY A 57 -1.64 -0.89 -1.96
C GLY A 57 -2.96 -1.17 -2.63
N LYS A 58 -3.38 -2.43 -2.62
CA LYS A 58 -4.64 -2.82 -3.24
C LYS A 58 -5.52 -3.60 -2.25
N LEU A 59 -6.78 -3.22 -2.17
CA LEU A 59 -7.72 -3.89 -1.27
C LEU A 59 -9.10 -3.99 -1.90
N ARG A 60 -9.79 -5.09 -1.62
CA ARG A 60 -11.13 -5.31 -2.16
C ARG A 60 -11.19 -4.92 -3.63
N GLY A 61 -10.20 -5.35 -4.40
CA GLY A 61 -10.16 -5.04 -5.82
C GLY A 61 -10.11 -3.55 -6.08
N GLN A 62 -9.32 -2.84 -5.29
CA GLN A 62 -9.20 -1.39 -5.44
C GLN A 62 -7.75 -0.95 -5.31
N THR A 63 -7.48 0.31 -5.66
CA THR A 63 -6.13 0.85 -5.58
C THR A 63 -6.13 2.27 -5.03
N GLY A 64 -5.18 2.57 -4.15
CA GLY A 64 -5.10 3.88 -3.56
C GLY A 64 -3.93 4.03 -2.61
N ILE A 65 -3.69 5.25 -2.14
CA ILE A 65 -2.59 5.51 -1.22
C ILE A 65 -3.08 5.54 0.22
N PHE A 66 -2.17 5.27 1.16
CA PHE A 66 -2.52 5.27 2.57
C PHE A 66 -1.26 5.32 3.44
N PRO A 67 -1.40 5.89 4.65
CA PRO A 67 -0.28 6.01 5.59
C PRO A 67 0.15 4.66 6.16
N ALA A 68 1.43 4.33 5.98
CA ALA A 68 1.97 3.07 6.47
C ALA A 68 1.82 2.97 7.99
N ASN A 69 1.56 4.11 8.63
CA ASN A 69 1.40 4.15 10.07
C ASN A 69 0.08 3.51 10.50
N TYR A 70 -0.79 3.29 9.53
CA TYR A 70 -2.10 2.69 9.79
C TYR A 70 -2.05 1.18 9.57
N VAL A 71 -0.92 0.69 9.08
CA VAL A 71 -0.74 -0.73 8.83
C VAL A 71 0.55 -1.25 9.45
N THR A 72 0.78 -2.56 9.32
CA THR A 72 1.98 -3.18 9.88
C THR A 72 2.38 -4.40 9.07
N MET A 73 3.63 -4.85 9.26
CA MET A 73 4.13 -6.01 8.55
C MET A 73 4.38 -7.17 9.50
N ASN A 74 3.46 -8.13 9.52
CA ASN A 74 3.59 -9.30 10.39
C ASN A 74 3.27 -10.59 9.63
N SER A 75 3.82 -10.69 8.42
CA SER A 75 3.60 -11.87 7.58
C SER A 75 4.89 -12.66 7.42
N GLY A 76 4.78 -13.81 6.77
CA GLY A 76 5.95 -14.66 6.57
C GLY A 76 6.18 -14.99 5.10
N PRO A 77 7.40 -15.45 4.78
CA PRO A 77 7.77 -15.81 3.41
C PRO A 77 7.05 -17.06 2.92
N SER A 78 5.86 -16.89 2.38
CA SER A 78 5.07 -18.01 1.88
C SER A 78 4.87 -17.90 0.37
N SER A 79 4.32 -18.95 -0.23
CA SER A 79 4.09 -18.99 -1.67
C SER A 79 2.72 -18.38 -2.00
N GLY A 80 2.74 -17.12 -2.42
CA GLY A 80 1.50 -16.45 -2.77
C GLY A 80 1.71 -14.98 -3.10
N GLY A 1 -10.54 4.64 -25.68
CA GLY A 1 -9.20 5.02 -26.11
C GLY A 1 -8.16 4.80 -25.04
N SER A 2 -6.89 4.81 -25.43
CA SER A 2 -5.79 4.60 -24.51
C SER A 2 -4.46 4.98 -25.13
N SER A 3 -3.70 5.82 -24.45
CA SER A 3 -2.39 6.26 -24.94
C SER A 3 -1.65 7.05 -23.88
N GLY A 4 -0.39 7.36 -24.15
CA GLY A 4 0.41 8.11 -23.21
C GLY A 4 1.87 7.67 -23.19
N SER A 5 2.73 8.50 -22.60
CA SER A 5 4.15 8.19 -22.53
C SER A 5 4.38 6.83 -21.86
N SER A 6 5.60 6.32 -21.98
CA SER A 6 5.94 5.03 -21.39
C SER A 6 6.21 5.18 -19.89
N GLY A 7 7.21 5.99 -19.56
CA GLY A 7 7.55 6.19 -18.17
C GLY A 7 7.76 4.90 -17.41
N HIS A 8 8.47 3.96 -18.04
CA HIS A 8 8.74 2.67 -17.43
C HIS A 8 10.18 2.59 -16.93
N GLU A 9 10.38 2.81 -15.64
CA GLU A 9 11.70 2.76 -15.04
C GLU A 9 11.61 2.75 -13.52
N ARG A 10 12.17 1.70 -12.92
CA ARG A 10 12.15 1.55 -11.46
C ARG A 10 13.55 1.24 -10.93
N VAL A 11 13.86 1.80 -9.76
CA VAL A 11 15.17 1.60 -9.15
C VAL A 11 15.32 0.16 -8.66
N GLY A 12 14.21 -0.45 -8.27
CA GLY A 12 14.24 -1.81 -7.79
C GLY A 12 13.27 -2.71 -8.52
N ASN A 13 13.41 -4.02 -8.32
CA ASN A 13 12.54 -4.99 -8.98
C ASN A 13 11.50 -5.54 -8.01
N LEU A 14 10.23 -5.47 -8.40
CA LEU A 14 9.14 -5.96 -7.56
C LEU A 14 8.56 -7.25 -8.13
N ASN A 15 9.11 -8.37 -7.69
CA ASN A 15 8.64 -9.68 -8.16
C ASN A 15 7.26 -9.99 -7.61
N GLN A 16 6.97 -9.49 -6.41
CA GLN A 16 5.68 -9.70 -5.77
C GLN A 16 5.40 -8.64 -4.72
N PRO A 17 4.11 -8.32 -4.54
CA PRO A 17 3.68 -7.30 -3.57
C PRO A 17 3.88 -7.76 -2.13
N ILE A 18 3.50 -6.91 -1.18
CA ILE A 18 3.64 -7.22 0.24
C ILE A 18 2.28 -7.18 0.94
N GLU A 19 2.10 -8.07 1.91
CA GLU A 19 0.85 -8.13 2.66
C GLU A 19 1.01 -7.46 4.02
N VAL A 20 0.15 -6.48 4.30
CA VAL A 20 0.19 -5.76 5.56
C VAL A 20 -1.19 -5.72 6.21
N THR A 21 -1.21 -5.79 7.54
CA THR A 21 -2.46 -5.77 8.29
C THR A 21 -2.73 -4.38 8.86
N ALA A 22 -3.83 -3.78 8.44
CA ALA A 22 -4.21 -2.45 8.90
C ALA A 22 -4.44 -2.45 10.41
N LEU A 23 -3.65 -1.66 11.13
CA LEU A 23 -3.77 -1.57 12.58
C LEU A 23 -5.02 -0.79 12.97
N TYR A 24 -5.37 0.22 12.18
CA TYR A 24 -6.54 1.04 12.45
C TYR A 24 -7.31 1.31 11.16
N SER A 25 -8.60 1.62 11.31
CA SER A 25 -9.45 1.90 10.16
C SER A 25 -9.07 3.23 9.51
N PHE A 26 -9.51 3.42 8.27
CA PHE A 26 -9.21 4.65 7.53
C PHE A 26 -10.19 4.84 6.38
N GLU A 27 -10.33 6.08 5.94
CA GLU A 27 -11.24 6.40 4.84
C GLU A 27 -10.63 7.45 3.92
N GLY A 28 -10.21 7.02 2.74
CA GLY A 28 -9.61 7.93 1.78
C GLY A 28 -10.45 9.18 1.56
N GLN A 29 -10.04 10.27 2.16
CA GLN A 29 -10.77 11.53 2.03
C GLN A 29 -10.74 12.03 0.59
N GLN A 30 -9.64 11.74 -0.11
CA GLN A 30 -9.48 12.17 -1.50
C GLN A 30 -9.92 11.06 -2.45
N PRO A 31 -10.31 11.46 -3.67
CA PRO A 31 -10.77 10.52 -4.70
C PRO A 31 -9.62 9.65 -5.23
N GLY A 32 -8.43 9.81 -4.66
CA GLY A 32 -7.29 9.04 -5.09
C GLY A 32 -6.66 8.26 -3.95
N ASP A 33 -7.40 8.10 -2.86
CA ASP A 33 -6.91 7.38 -1.69
C ASP A 33 -7.57 6.00 -1.60
N LEU A 34 -7.22 5.26 -0.56
CA LEU A 34 -7.77 3.92 -0.35
C LEU A 34 -8.51 3.84 0.98
N ASN A 35 -9.60 3.08 0.99
CA ASN A 35 -10.40 2.91 2.20
C ASN A 35 -10.28 1.49 2.75
N PHE A 36 -9.88 1.39 4.01
CA PHE A 36 -9.72 0.09 4.65
C PHE A 36 -10.22 0.13 6.09
N GLN A 37 -10.11 -1.00 6.78
CA GLN A 37 -10.55 -1.10 8.17
C GLN A 37 -9.49 -1.78 9.02
N ALA A 38 -9.63 -1.67 10.34
CA ALA A 38 -8.69 -2.28 11.27
C ALA A 38 -8.68 -3.79 11.12
N GLY A 39 -7.63 -4.32 10.48
CA GLY A 39 -7.52 -5.75 10.28
C GLY A 39 -7.63 -6.15 8.83
N ASP A 40 -7.85 -5.16 7.97
CA ASP A 40 -7.97 -5.41 6.53
C ASP A 40 -6.61 -5.52 5.88
N ARG A 41 -6.39 -6.62 5.16
CA ARG A 41 -5.12 -6.84 4.48
C ARG A 41 -5.02 -5.99 3.22
N ILE A 42 -3.95 -5.20 3.12
CA ILE A 42 -3.74 -4.34 1.97
C ILE A 42 -2.54 -4.81 1.15
N THR A 43 -2.79 -5.21 -0.09
CA THR A 43 -1.73 -5.67 -0.97
C THR A 43 -0.84 -4.52 -1.42
N VAL A 44 0.26 -4.32 -0.69
CA VAL A 44 1.20 -3.25 -1.01
C VAL A 44 1.82 -3.46 -2.39
N ILE A 45 1.45 -2.61 -3.34
CA ILE A 45 1.98 -2.71 -4.69
C ILE A 45 3.18 -1.78 -4.89
N SER A 46 3.10 -0.59 -4.31
CA SER A 46 4.17 0.39 -4.41
C SER A 46 4.37 1.12 -3.08
N LYS A 47 5.52 0.90 -2.46
CA LYS A 47 5.83 1.53 -1.19
C LYS A 47 7.28 2.01 -1.17
N THR A 48 7.62 2.82 -0.17
CA THR A 48 8.98 3.34 -0.03
C THR A 48 9.64 2.82 1.24
N ASP A 49 10.89 3.20 1.43
CA ASP A 49 11.65 2.77 2.61
C ASP A 49 11.35 3.67 3.80
N SER A 50 10.10 4.07 3.95
CA SER A 50 9.68 4.94 5.04
C SER A 50 8.23 4.67 5.43
N HIS A 51 8.02 4.36 6.71
CA HIS A 51 6.68 4.08 7.21
C HIS A 51 5.85 5.36 7.26
N PHE A 52 6.33 6.35 8.02
CA PHE A 52 5.62 7.62 8.14
C PHE A 52 5.03 8.06 6.81
N ASP A 53 5.76 7.81 5.73
CA ASP A 53 5.31 8.18 4.40
C ASP A 53 4.11 7.34 3.98
N TRP A 54 3.38 7.81 2.98
CA TRP A 54 2.21 7.11 2.48
C TRP A 54 2.60 6.10 1.40
N TRP A 55 1.99 4.91 1.47
CA TRP A 55 2.28 3.86 0.50
C TRP A 55 1.06 3.59 -0.38
N GLU A 56 1.25 2.80 -1.43
CA GLU A 56 0.18 2.47 -2.35
C GLU A 56 -0.09 0.96 -2.35
N GLY A 57 -1.30 0.58 -1.93
CA GLY A 57 -1.66 -0.82 -1.89
C GLY A 57 -2.97 -1.10 -2.59
N LYS A 58 -3.41 -2.35 -2.54
CA LYS A 58 -4.66 -2.74 -3.18
C LYS A 58 -5.55 -3.53 -2.21
N LEU A 59 -6.82 -3.16 -2.15
CA LEU A 59 -7.76 -3.83 -1.26
C LEU A 59 -9.14 -3.93 -1.91
N ARG A 60 -9.84 -5.03 -1.66
CA ARG A 60 -11.17 -5.24 -2.22
C ARG A 60 -11.21 -4.85 -3.69
N GLY A 61 -10.17 -5.26 -4.43
CA GLY A 61 -10.10 -4.95 -5.85
C GLY A 61 -10.05 -3.46 -6.12
N GLN A 62 -9.35 -2.73 -5.25
CA GLN A 62 -9.22 -1.28 -5.41
C GLN A 62 -7.78 -0.85 -5.26
N THR A 63 -7.51 0.43 -5.55
CA THR A 63 -6.17 0.97 -5.44
C THR A 63 -6.18 2.40 -4.89
N GLY A 64 -5.23 2.71 -4.03
CA GLY A 64 -5.16 4.04 -3.45
C GLY A 64 -4.00 4.20 -2.49
N ILE A 65 -3.77 5.42 -2.02
CA ILE A 65 -2.68 5.69 -1.09
C ILE A 65 -3.17 5.70 0.35
N PHE A 66 -2.29 5.36 1.27
CA PHE A 66 -2.63 5.32 2.69
C PHE A 66 -1.37 5.37 3.55
N PRO A 67 -1.52 5.91 4.77
CA PRO A 67 -0.41 6.04 5.72
C PRO A 67 0.05 4.68 6.26
N ALA A 68 1.32 4.37 6.07
CA ALA A 68 1.88 3.11 6.54
C ALA A 68 1.69 2.96 8.04
N ASN A 69 1.69 4.09 8.74
CA ASN A 69 1.53 4.08 10.20
C ASN A 69 0.21 3.41 10.60
N TYR A 70 -0.67 3.23 9.62
CA TYR A 70 -1.97 2.61 9.86
C TYR A 70 -1.93 1.12 9.52
N VAL A 71 -0.73 0.60 9.29
CA VAL A 71 -0.55 -0.81 8.96
C VAL A 71 0.72 -1.36 9.59
N THR A 72 0.89 -2.68 9.48
CA THR A 72 2.07 -3.35 10.04
C THR A 72 2.58 -4.43 9.11
N MET A 73 3.86 -4.76 9.23
CA MET A 73 4.47 -5.78 8.39
C MET A 73 4.57 -7.11 9.15
N ASN A 74 3.55 -7.40 9.95
CA ASN A 74 3.52 -8.64 10.72
C ASN A 74 2.16 -9.33 10.60
N SER A 75 2.19 -10.66 10.54
CA SER A 75 0.97 -11.44 10.42
C SER A 75 0.84 -12.43 11.57
N GLY A 76 -0.38 -12.95 11.77
CA GLY A 76 -0.60 -13.90 12.83
C GLY A 76 -1.89 -13.63 13.60
N PRO A 77 -2.37 -14.63 14.35
CA PRO A 77 -3.60 -14.51 15.13
C PRO A 77 -3.43 -13.57 16.33
N SER A 78 -3.64 -12.27 16.09
CA SER A 78 -3.49 -11.27 17.14
C SER A 78 -4.77 -11.20 17.98
N SER A 79 -4.67 -10.56 19.14
CA SER A 79 -5.81 -10.41 20.04
C SER A 79 -6.34 -8.98 20.02
N GLY A 80 -5.45 -8.02 20.24
CA GLY A 80 -5.86 -6.63 20.25
C GLY A 80 -5.55 -5.94 21.56
N GLY A 1 -7.29 11.46 -15.10
CA GLY A 1 -5.87 11.58 -14.82
C GLY A 1 -5.03 11.38 -16.07
N SER A 2 -4.92 10.13 -16.50
CA SER A 2 -4.12 9.80 -17.68
C SER A 2 -2.63 9.96 -17.40
N SER A 3 -2.21 9.50 -16.23
CA SER A 3 -0.81 9.61 -15.84
C SER A 3 0.02 8.53 -16.54
N GLY A 4 1.29 8.86 -16.81
CA GLY A 4 2.16 7.92 -17.47
C GLY A 4 2.43 6.68 -16.64
N SER A 5 3.41 5.89 -17.06
CA SER A 5 3.75 4.65 -16.35
C SER A 5 5.14 4.18 -16.74
N SER A 6 6.11 4.36 -15.84
CA SER A 6 7.48 3.94 -16.09
C SER A 6 8.00 3.06 -14.95
N GLY A 7 9.01 2.26 -15.25
CA GLY A 7 9.58 1.38 -14.25
C GLY A 7 11.02 1.75 -13.91
N HIS A 8 11.18 2.72 -13.01
CA HIS A 8 12.50 3.17 -12.60
C HIS A 8 13.02 2.32 -11.44
N GLU A 9 14.31 2.02 -11.47
CA GLU A 9 14.93 1.21 -10.42
C GLU A 9 15.13 2.04 -9.16
N ARG A 10 14.77 1.44 -8.02
CA ARG A 10 14.91 2.12 -6.73
C ARG A 10 15.59 1.21 -5.71
N VAL A 11 16.07 1.81 -4.62
CA VAL A 11 16.74 1.06 -3.57
C VAL A 11 15.95 -0.20 -3.21
N GLY A 12 16.62 -1.35 -3.26
CA GLY A 12 15.97 -2.61 -2.94
C GLY A 12 15.26 -3.21 -4.13
N ASN A 13 14.23 -4.02 -3.87
CA ASN A 13 13.47 -4.66 -4.93
C ASN A 13 12.06 -5.01 -4.45
N LEU A 14 11.08 -4.79 -5.31
CA LEU A 14 9.69 -5.08 -4.97
C LEU A 14 9.06 -6.01 -6.01
N ASN A 15 9.87 -6.94 -6.53
CA ASN A 15 9.40 -7.89 -7.53
C ASN A 15 8.00 -8.39 -7.18
N GLN A 16 7.73 -8.55 -5.89
CA GLN A 16 6.44 -9.03 -5.43
C GLN A 16 5.87 -8.10 -4.36
N PRO A 17 4.53 -8.01 -4.31
CA PRO A 17 3.83 -7.16 -3.33
C PRO A 17 3.95 -7.70 -1.91
N ILE A 18 3.58 -6.86 -0.94
CA ILE A 18 3.64 -7.26 0.46
C ILE A 18 2.25 -7.24 1.09
N GLU A 19 2.04 -8.10 2.09
CA GLU A 19 0.77 -8.18 2.78
C GLU A 19 0.85 -7.53 4.16
N VAL A 20 0.00 -6.54 4.39
CA VAL A 20 -0.02 -5.83 5.67
C VAL A 20 -1.41 -5.85 6.28
N THR A 21 -1.47 -5.85 7.61
CA THR A 21 -2.74 -5.87 8.32
C THR A 21 -3.08 -4.50 8.90
N ALA A 22 -4.12 -3.87 8.36
CA ALA A 22 -4.53 -2.56 8.83
C ALA A 22 -4.70 -2.54 10.34
N LEU A 23 -3.83 -1.80 11.02
CA LEU A 23 -3.88 -1.69 12.48
C LEU A 23 -5.09 -0.87 12.92
N TYR A 24 -5.49 0.09 12.09
CA TYR A 24 -6.63 0.94 12.40
C TYR A 24 -7.43 1.26 11.15
N SER A 25 -8.68 1.66 11.34
CA SER A 25 -9.55 2.00 10.21
C SER A 25 -9.12 3.31 9.57
N PHE A 26 -9.57 3.53 8.33
CA PHE A 26 -9.24 4.74 7.59
C PHE A 26 -10.21 4.96 6.45
N GLU A 27 -10.38 6.23 6.07
CA GLU A 27 -11.29 6.59 4.98
C GLU A 27 -10.68 7.64 4.08
N GLY A 28 -10.26 7.24 2.88
CA GLY A 28 -9.66 8.16 1.94
C GLY A 28 -10.44 9.45 1.82
N GLN A 29 -9.95 10.50 2.47
CA GLN A 29 -10.61 11.80 2.43
C GLN A 29 -10.34 12.51 1.11
N GLN A 30 -9.26 12.13 0.45
CA GLN A 30 -8.89 12.74 -0.83
C GLN A 30 -9.11 11.76 -1.97
N PRO A 31 -9.26 12.29 -3.19
CA PRO A 31 -9.49 11.48 -4.39
C PRO A 31 -8.25 10.69 -4.79
N GLY A 32 -8.37 9.36 -4.78
CA GLY A 32 -7.25 8.51 -5.14
C GLY A 32 -6.80 7.63 -4.00
N ASP A 33 -7.07 8.06 -2.77
CA ASP A 33 -6.69 7.30 -1.59
C ASP A 33 -7.38 5.93 -1.57
N LEU A 34 -7.16 5.17 -0.51
CA LEU A 34 -7.76 3.85 -0.38
C LEU A 34 -8.60 3.76 0.89
N ASN A 35 -9.59 2.87 0.87
CA ASN A 35 -10.47 2.69 2.02
C ASN A 35 -10.29 1.29 2.62
N PHE A 36 -9.92 1.24 3.90
CA PHE A 36 -9.72 -0.02 4.59
C PHE A 36 -10.21 0.06 6.03
N GLN A 37 -10.15 -1.06 6.74
CA GLN A 37 -10.59 -1.12 8.12
C GLN A 37 -9.61 -1.92 8.98
N ALA A 38 -9.62 -1.67 10.28
CA ALA A 38 -8.72 -2.36 11.20
C ALA A 38 -8.81 -3.88 11.01
N GLY A 39 -7.79 -4.45 10.36
CA GLY A 39 -7.77 -5.88 10.12
C GLY A 39 -7.69 -6.22 8.64
N ASP A 40 -8.29 -5.37 7.81
CA ASP A 40 -8.28 -5.58 6.37
C ASP A 40 -6.84 -5.68 5.85
N ARG A 41 -6.58 -6.70 5.04
CA ARG A 41 -5.26 -6.91 4.47
C ARG A 41 -5.08 -6.10 3.19
N ILE A 42 -4.08 -5.22 3.19
CA ILE A 42 -3.81 -4.39 2.03
C ILE A 42 -2.59 -4.89 1.26
N THR A 43 -2.80 -5.23 -0.01
CA THR A 43 -1.73 -5.73 -0.86
C THR A 43 -0.82 -4.59 -1.32
N VAL A 44 0.29 -4.41 -0.63
CA VAL A 44 1.24 -3.36 -0.97
C VAL A 44 1.88 -3.62 -2.34
N ILE A 45 1.55 -2.77 -3.31
CA ILE A 45 2.08 -2.92 -4.65
C ILE A 45 3.26 -1.98 -4.87
N SER A 46 3.17 -0.77 -4.32
CA SER A 46 4.24 0.22 -4.46
C SER A 46 4.40 1.01 -3.17
N LYS A 47 5.54 0.84 -2.50
CA LYS A 47 5.82 1.54 -1.26
C LYS A 47 7.20 2.20 -1.32
N THR A 48 7.53 2.96 -0.27
CA THR A 48 8.81 3.64 -0.19
C THR A 48 9.62 3.15 1.00
N ASP A 49 10.81 3.72 1.17
CA ASP A 49 11.68 3.34 2.27
C ASP A 49 11.37 4.16 3.53
N SER A 50 10.07 4.32 3.82
CA SER A 50 9.64 5.08 4.98
C SER A 50 8.19 4.74 5.33
N HIS A 51 7.94 4.55 6.63
CA HIS A 51 6.60 4.22 7.10
C HIS A 51 5.73 5.47 7.16
N PHE A 52 6.24 6.51 7.81
CA PHE A 52 5.52 7.77 7.94
C PHE A 52 4.87 8.17 6.62
N ASP A 53 5.60 7.95 5.53
CA ASP A 53 5.10 8.30 4.20
C ASP A 53 3.92 7.40 3.82
N TRP A 54 3.21 7.79 2.77
CA TRP A 54 2.05 7.04 2.30
C TRP A 54 2.46 6.03 1.23
N TRP A 55 1.89 4.82 1.30
CA TRP A 55 2.20 3.78 0.33
C TRP A 55 0.99 3.49 -0.55
N GLU A 56 1.20 2.70 -1.60
CA GLU A 56 0.13 2.34 -2.52
C GLU A 56 -0.15 0.85 -2.46
N GLY A 57 -1.33 0.49 -1.97
CA GLY A 57 -1.72 -0.91 -1.88
C GLY A 57 -3.03 -1.20 -2.58
N LYS A 58 -3.50 -2.44 -2.45
CA LYS A 58 -4.75 -2.85 -3.06
C LYS A 58 -5.64 -3.61 -2.08
N LEU A 59 -6.91 -3.27 -2.03
CA LEU A 59 -7.85 -3.91 -1.13
C LEU A 59 -9.22 -4.07 -1.78
N ARG A 60 -9.92 -5.15 -1.45
CA ARG A 60 -11.24 -5.42 -2.01
C ARG A 60 -11.28 -5.07 -3.49
N GLY A 61 -10.27 -5.52 -4.23
CA GLY A 61 -10.21 -5.25 -5.65
C GLY A 61 -10.16 -3.77 -5.96
N GLN A 62 -9.41 -3.03 -5.15
CA GLN A 62 -9.29 -1.59 -5.34
C GLN A 62 -7.83 -1.14 -5.19
N THR A 63 -7.58 0.14 -5.46
CA THR A 63 -6.24 0.69 -5.36
C THR A 63 -6.26 2.12 -4.84
N GLY A 64 -5.30 2.46 -4.01
CA GLY A 64 -5.23 3.80 -3.45
C GLY A 64 -4.07 3.98 -2.50
N ILE A 65 -3.81 5.23 -2.11
CA ILE A 65 -2.72 5.53 -1.20
C ILE A 65 -3.20 5.55 0.25
N PHE A 66 -2.28 5.26 1.17
CA PHE A 66 -2.61 5.23 2.59
C PHE A 66 -1.34 5.29 3.44
N PRO A 67 -1.47 5.84 4.66
CA PRO A 67 -0.35 5.95 5.59
C PRO A 67 0.10 4.60 6.14
N ALA A 68 1.37 4.27 5.92
CA ALA A 68 1.92 3.01 6.39
C ALA A 68 1.81 2.89 7.90
N ASN A 69 1.73 4.03 8.58
CA ASN A 69 1.62 4.05 10.03
C ASN A 69 0.31 3.43 10.48
N TYR A 70 -0.59 3.20 9.54
CA TYR A 70 -1.89 2.60 9.84
C TYR A 70 -1.89 1.11 9.54
N VAL A 71 -0.71 0.59 9.18
CA VAL A 71 -0.58 -0.82 8.87
C VAL A 71 0.70 -1.40 9.48
N THR A 72 0.86 -2.72 9.39
CA THR A 72 2.04 -3.39 9.93
C THR A 72 2.53 -4.49 8.99
N MET A 73 3.82 -4.48 8.70
CA MET A 73 4.41 -5.47 7.81
C MET A 73 4.76 -6.74 8.58
N ASN A 74 3.76 -7.60 8.77
CA ASN A 74 3.96 -8.85 9.49
C ASN A 74 4.43 -9.95 8.54
N SER A 75 5.70 -10.33 8.66
CA SER A 75 6.28 -11.36 7.82
C SER A 75 6.24 -12.72 8.53
N GLY A 76 5.25 -13.53 8.17
CA GLY A 76 5.11 -14.84 8.78
C GLY A 76 5.06 -15.94 7.75
N PRO A 77 5.57 -17.14 8.12
CA PRO A 77 5.59 -18.30 7.23
C PRO A 77 4.19 -18.87 6.99
N SER A 78 4.13 -19.98 6.25
CA SER A 78 2.85 -20.61 5.94
C SER A 78 2.75 -21.97 6.62
N SER A 79 1.65 -22.18 7.35
CA SER A 79 1.43 -23.45 8.05
C SER A 79 0.41 -24.31 7.30
N GLY A 80 0.92 -25.33 6.60
CA GLY A 80 0.04 -26.21 5.85
C GLY A 80 0.81 -27.22 5.01
N GLY A 1 -9.24 7.85 -17.02
CA GLY A 1 -8.10 8.40 -17.72
C GLY A 1 -7.66 9.74 -17.14
N SER A 2 -6.39 10.06 -17.33
CA SER A 2 -5.83 11.31 -16.81
C SER A 2 -5.76 12.37 -17.90
N SER A 3 -5.92 13.63 -17.51
CA SER A 3 -5.88 14.74 -18.46
C SER A 3 -4.48 15.33 -18.55
N GLY A 4 -3.90 15.28 -19.75
CA GLY A 4 -2.56 15.82 -19.94
C GLY A 4 -1.47 14.80 -19.63
N SER A 5 -0.74 14.38 -20.66
CA SER A 5 0.32 13.41 -20.49
C SER A 5 1.23 13.79 -19.32
N SER A 6 1.81 12.78 -18.68
CA SER A 6 2.70 13.00 -17.55
C SER A 6 3.98 12.18 -17.68
N GLY A 7 5.11 12.79 -17.34
CA GLY A 7 6.38 12.11 -17.43
C GLY A 7 6.54 11.02 -16.39
N HIS A 8 6.39 9.77 -16.81
CA HIS A 8 6.51 8.63 -15.91
C HIS A 8 7.98 8.35 -15.59
N GLU A 9 8.32 8.33 -14.30
CA GLU A 9 9.68 8.07 -13.87
C GLU A 9 9.76 6.78 -13.08
N ARG A 10 10.05 5.68 -13.78
CA ARG A 10 10.16 4.38 -13.13
C ARG A 10 11.55 4.17 -12.53
N VAL A 11 11.61 3.43 -11.43
CA VAL A 11 12.88 3.15 -10.77
C VAL A 11 12.71 2.12 -9.66
N GLY A 12 13.17 0.90 -9.92
CA GLY A 12 13.06 -0.16 -8.93
C GLY A 12 12.47 -1.43 -9.51
N ASN A 13 12.04 -2.34 -8.64
CA ASN A 13 11.46 -3.59 -9.07
C ASN A 13 10.87 -4.36 -7.89
N LEU A 14 9.62 -4.79 -8.03
CA LEU A 14 8.94 -5.53 -6.98
C LEU A 14 8.61 -6.94 -7.44
N ASN A 15 9.58 -7.85 -7.31
CA ASN A 15 9.38 -9.24 -7.71
C ASN A 15 8.05 -9.77 -7.20
N GLN A 16 7.62 -9.26 -6.05
CA GLN A 16 6.36 -9.69 -5.45
C GLN A 16 5.82 -8.64 -4.49
N PRO A 17 4.49 -8.51 -4.43
CA PRO A 17 3.83 -7.53 -3.55
C PRO A 17 3.97 -7.90 -2.08
N ILE A 18 3.60 -6.96 -1.21
CA ILE A 18 3.67 -7.19 0.23
C ILE A 18 2.29 -7.17 0.87
N GLU A 19 2.11 -7.97 1.91
CA GLU A 19 0.83 -8.05 2.61
C GLU A 19 0.93 -7.42 3.99
N VAL A 20 0.06 -6.44 4.26
CA VAL A 20 0.03 -5.77 5.55
C VAL A 20 -1.35 -5.79 6.17
N THR A 21 -1.40 -5.73 7.49
CA THR A 21 -2.68 -5.74 8.22
C THR A 21 -3.00 -4.37 8.79
N ALA A 22 -4.03 -3.74 8.26
CA ALA A 22 -4.44 -2.41 8.73
C ALA A 22 -4.58 -2.40 10.25
N LEU A 23 -3.74 -1.62 10.92
CA LEU A 23 -3.77 -1.51 12.37
C LEU A 23 -5.01 -0.77 12.83
N TYR A 24 -5.43 0.22 12.05
CA TYR A 24 -6.61 1.01 12.38
C TYR A 24 -7.45 1.28 11.14
N SER A 25 -8.60 1.93 11.34
CA SER A 25 -9.49 2.25 10.23
C SER A 25 -9.01 3.48 9.48
N PHE A 26 -9.54 3.66 8.26
CA PHE A 26 -9.16 4.80 7.43
C PHE A 26 -10.22 5.07 6.38
N GLU A 27 -10.49 6.35 6.13
CA GLU A 27 -11.49 6.75 5.14
C GLU A 27 -10.92 7.81 4.20
N GLY A 28 -10.54 7.37 3.00
CA GLY A 28 -9.98 8.29 2.02
C GLY A 28 -10.95 9.40 1.66
N GLN A 29 -10.62 10.62 2.08
CA GLN A 29 -11.47 11.77 1.80
C GLN A 29 -11.61 12.00 0.30
N GLN A 30 -10.58 11.62 -0.45
CA GLN A 30 -10.60 11.79 -1.90
C GLN A 30 -10.77 10.44 -2.59
N PRO A 31 -11.18 10.48 -3.87
CA PRO A 31 -11.39 9.27 -4.67
C PRO A 31 -10.09 8.57 -5.01
N GLY A 32 -8.99 9.31 -4.94
CA GLY A 32 -7.68 8.74 -5.25
C GLY A 32 -7.11 7.95 -4.10
N ASP A 33 -7.63 8.20 -2.90
CA ASP A 33 -7.16 7.50 -1.70
C ASP A 33 -7.79 6.12 -1.59
N LEU A 34 -7.42 5.38 -0.55
CA LEU A 34 -7.94 4.04 -0.33
C LEU A 34 -8.66 3.95 1.01
N ASN A 35 -9.77 3.22 1.04
CA ASN A 35 -10.54 3.04 2.26
C ASN A 35 -10.40 1.62 2.80
N PHE A 36 -9.92 1.52 4.03
CA PHE A 36 -9.73 0.22 4.68
C PHE A 36 -10.19 0.25 6.13
N GLN A 37 -10.18 -0.91 6.78
CA GLN A 37 -10.60 -1.01 8.17
C GLN A 37 -9.55 -1.75 9.00
N ALA A 38 -9.57 -1.52 10.30
CA ALA A 38 -8.62 -2.15 11.21
C ALA A 38 -8.66 -3.67 11.05
N GLY A 39 -7.68 -4.21 10.34
CA GLY A 39 -7.62 -5.65 10.14
C GLY A 39 -7.57 -6.02 8.66
N ASP A 40 -8.26 -5.24 7.83
CA ASP A 40 -8.28 -5.49 6.40
C ASP A 40 -6.88 -5.53 5.83
N ARG A 41 -6.58 -6.58 5.06
CA ARG A 41 -5.27 -6.73 4.45
C ARG A 41 -5.16 -5.89 3.18
N ILE A 42 -4.04 -5.16 3.06
CA ILE A 42 -3.82 -4.32 1.89
C ILE A 42 -2.61 -4.79 1.10
N THR A 43 -2.83 -5.16 -0.16
CA THR A 43 -1.76 -5.63 -1.03
C THR A 43 -0.88 -4.47 -1.48
N VAL A 44 0.29 -4.34 -0.86
CA VAL A 44 1.23 -3.28 -1.20
C VAL A 44 1.83 -3.50 -2.59
N ILE A 45 1.69 -2.50 -3.45
CA ILE A 45 2.22 -2.58 -4.81
C ILE A 45 3.39 -1.62 -5.01
N SER A 46 3.29 -0.44 -4.39
CA SER A 46 4.33 0.57 -4.50
C SER A 46 4.53 1.30 -3.18
N LYS A 47 5.64 0.98 -2.50
CA LYS A 47 5.95 1.61 -1.23
C LYS A 47 7.43 1.94 -1.13
N THR A 48 7.81 2.70 -0.10
CA THR A 48 9.19 3.09 0.09
C THR A 48 9.77 2.45 1.36
N ASP A 49 11.04 2.70 1.62
CA ASP A 49 11.71 2.15 2.78
C ASP A 49 11.57 3.09 3.98
N SER A 50 10.36 3.56 4.22
CA SER A 50 10.08 4.46 5.33
C SER A 50 8.66 4.27 5.86
N HIS A 51 8.56 3.98 7.15
CA HIS A 51 7.27 3.77 7.79
C HIS A 51 6.51 5.08 7.94
N PHE A 52 7.26 6.18 8.02
CA PHE A 52 6.67 7.50 8.17
C PHE A 52 6.38 8.13 6.81
N ASP A 53 5.73 7.35 5.94
CA ASP A 53 5.39 7.84 4.60
C ASP A 53 4.16 7.11 4.06
N TRP A 54 3.49 7.73 3.11
CA TRP A 54 2.29 7.15 2.50
C TRP A 54 2.66 6.18 1.39
N TRP A 55 2.10 4.97 1.46
CA TRP A 55 2.37 3.96 0.45
C TRP A 55 1.15 3.72 -0.43
N GLU A 56 1.29 2.86 -1.43
CA GLU A 56 0.20 2.54 -2.33
C GLU A 56 -0.10 1.05 -2.34
N GLY A 57 -1.29 0.68 -1.88
CA GLY A 57 -1.67 -0.72 -1.84
C GLY A 57 -3.02 -0.97 -2.48
N LYS A 58 -3.43 -2.24 -2.52
CA LYS A 58 -4.70 -2.61 -3.12
C LYS A 58 -5.56 -3.36 -2.11
N LEU A 59 -6.86 -3.08 -2.12
CA LEU A 59 -7.80 -3.74 -1.21
C LEU A 59 -9.14 -4.02 -1.91
N ARG A 60 -9.60 -5.26 -1.82
CA ARG A 60 -10.86 -5.65 -2.43
C ARG A 60 -10.93 -5.17 -3.88
N GLY A 61 -9.78 -5.12 -4.54
CA GLY A 61 -9.73 -4.67 -5.92
C GLY A 61 -9.46 -3.18 -6.04
N GLN A 62 -9.84 -2.42 -5.01
CA GLN A 62 -9.64 -0.98 -5.02
C GLN A 62 -8.16 -0.65 -4.84
N THR A 63 -7.79 0.58 -5.20
CA THR A 63 -6.40 1.02 -5.07
C THR A 63 -6.33 2.47 -4.60
N GLY A 64 -5.26 2.80 -3.89
CA GLY A 64 -5.10 4.15 -3.39
C GLY A 64 -3.89 4.28 -2.47
N ILE A 65 -3.68 5.49 -1.95
CA ILE A 65 -2.57 5.74 -1.04
C ILE A 65 -3.01 5.75 0.41
N PHE A 66 -2.09 5.47 1.32
CA PHE A 66 -2.40 5.45 2.74
C PHE A 66 -1.12 5.45 3.57
N PRO A 67 -1.20 6.00 4.80
CA PRO A 67 -0.07 6.07 5.71
C PRO A 67 0.33 4.70 6.24
N ALA A 68 1.59 4.32 5.99
CA ALA A 68 2.10 3.03 6.46
C ALA A 68 1.97 2.90 7.98
N ASN A 69 1.81 4.03 8.65
CA ASN A 69 1.67 4.04 10.10
C ASN A 69 0.35 3.41 10.53
N TYR A 70 -0.56 3.25 9.57
CA TYR A 70 -1.87 2.66 9.85
C TYR A 70 -1.86 1.16 9.53
N VAL A 71 -0.69 0.63 9.21
CA VAL A 71 -0.56 -0.78 8.89
C VAL A 71 0.72 -1.36 9.50
N THR A 72 0.90 -2.67 9.34
CA THR A 72 2.08 -3.34 9.86
C THR A 72 2.59 -4.40 8.89
N MET A 73 3.92 -4.49 8.78
CA MET A 73 4.54 -5.46 7.89
C MET A 73 4.73 -6.81 8.59
N ASN A 74 4.07 -7.84 8.06
CA ASN A 74 4.17 -9.17 8.64
C ASN A 74 4.60 -10.19 7.58
N SER A 75 5.76 -10.80 7.78
CA SER A 75 6.28 -11.79 6.85
C SER A 75 6.60 -13.10 7.58
N GLY A 76 5.74 -13.47 8.51
CA GLY A 76 5.94 -14.70 9.25
C GLY A 76 6.01 -14.47 10.75
N PRO A 77 5.51 -15.43 11.54
CA PRO A 77 5.50 -15.35 13.00
C PRO A 77 6.89 -15.46 13.59
N SER A 78 6.98 -15.41 14.92
CA SER A 78 8.26 -15.52 15.61
C SER A 78 8.28 -16.71 16.54
N SER A 79 9.44 -17.35 16.64
CA SER A 79 9.60 -18.53 17.49
C SER A 79 8.82 -18.36 18.79
N GLY A 80 8.94 -17.19 19.41
CA GLY A 80 8.25 -16.93 20.65
C GLY A 80 9.16 -17.00 21.86
N GLY A 1 1.25 -1.55 -25.80
CA GLY A 1 1.85 -2.56 -26.63
C GLY A 1 2.13 -2.06 -28.04
N SER A 2 3.25 -1.35 -28.20
CA SER A 2 3.62 -0.80 -29.50
C SER A 2 5.01 -1.29 -29.91
N SER A 3 5.17 -1.59 -31.20
CA SER A 3 6.45 -2.07 -31.72
C SER A 3 7.31 -0.90 -32.19
N GLY A 4 8.59 -0.95 -31.82
CA GLY A 4 9.51 0.11 -32.22
C GLY A 4 10.58 0.36 -31.19
N SER A 5 10.71 1.61 -30.76
CA SER A 5 11.71 1.98 -29.77
C SER A 5 11.15 1.86 -28.35
N SER A 6 11.89 1.21 -27.47
CA SER A 6 11.46 1.02 -26.09
C SER A 6 11.26 2.37 -25.40
N GLY A 7 12.32 3.16 -25.33
CA GLY A 7 12.23 4.46 -24.69
C GLY A 7 12.11 4.36 -23.18
N HIS A 8 10.87 4.44 -22.69
CA HIS A 8 10.63 4.36 -21.25
C HIS A 8 11.35 3.17 -20.63
N GLU A 9 11.33 3.08 -19.31
CA GLU A 9 11.99 1.99 -18.60
C GLU A 9 11.03 0.83 -18.37
N ARG A 10 11.57 -0.38 -18.32
CA ARG A 10 10.76 -1.58 -18.10
C ARG A 10 10.91 -2.08 -16.67
N VAL A 11 10.06 -3.03 -16.29
CA VAL A 11 10.08 -3.60 -14.95
C VAL A 11 11.52 -3.78 -14.47
N GLY A 12 11.71 -3.71 -13.15
CA GLY A 12 13.03 -3.87 -12.58
C GLY A 12 13.00 -4.58 -11.24
N ASN A 13 12.19 -4.07 -10.32
CA ASN A 13 12.07 -4.66 -9.00
C ASN A 13 10.62 -4.89 -8.62
N LEU A 14 10.38 -5.33 -7.39
CA LEU A 14 9.03 -5.59 -6.92
C LEU A 14 8.48 -6.88 -7.51
N ASN A 15 9.35 -7.88 -7.62
CA ASN A 15 8.94 -9.17 -8.18
C ASN A 15 7.59 -9.60 -7.64
N GLN A 16 7.25 -9.11 -6.45
CA GLN A 16 5.98 -9.44 -5.81
C GLN A 16 5.62 -8.41 -4.75
N PRO A 17 4.31 -8.16 -4.59
CA PRO A 17 3.81 -7.20 -3.60
C PRO A 17 3.98 -7.69 -2.17
N ILE A 18 3.45 -6.93 -1.22
CA ILE A 18 3.55 -7.29 0.20
C ILE A 18 2.18 -7.32 0.85
N GLU A 19 2.07 -8.04 1.96
CA GLU A 19 0.82 -8.15 2.69
C GLU A 19 0.92 -7.48 4.06
N VAL A 20 0.05 -6.52 4.32
CA VAL A 20 0.04 -5.80 5.59
C VAL A 20 -1.35 -5.80 6.22
N THR A 21 -1.38 -5.78 7.55
CA THR A 21 -2.65 -5.78 8.27
C THR A 21 -2.96 -4.40 8.84
N ALA A 22 -4.07 -3.81 8.39
CA ALA A 22 -4.47 -2.50 8.86
C ALA A 22 -4.69 -2.49 10.37
N LEU A 23 -3.83 -1.76 11.07
CA LEU A 23 -3.92 -1.67 12.53
C LEU A 23 -5.18 -0.93 12.95
N TYR A 24 -5.58 0.05 12.15
CA TYR A 24 -6.77 0.84 12.44
C TYR A 24 -7.56 1.12 11.16
N SER A 25 -8.76 1.67 11.33
CA SER A 25 -9.62 1.98 10.20
C SER A 25 -9.11 3.22 9.47
N PHE A 26 -9.65 3.45 8.27
CA PHE A 26 -9.26 4.60 7.46
C PHE A 26 -10.29 4.88 6.37
N GLU A 27 -10.37 6.15 5.96
CA GLU A 27 -11.32 6.56 4.93
C GLU A 27 -10.69 7.57 3.98
N GLY A 28 -10.40 7.12 2.76
CA GLY A 28 -9.80 8.00 1.77
C GLY A 28 -10.55 9.31 1.62
N GLN A 29 -10.02 10.37 2.22
CA GLN A 29 -10.64 11.69 2.14
C GLN A 29 -10.73 12.18 0.71
N GLN A 30 -9.74 11.82 -0.10
CA GLN A 30 -9.69 12.22 -1.50
C GLN A 30 -10.18 11.09 -2.40
N PRO A 31 -10.58 11.45 -3.63
CA PRO A 31 -11.07 10.48 -4.61
C PRO A 31 -9.96 9.57 -5.13
N GLY A 32 -8.75 9.79 -4.64
CA GLY A 32 -7.62 8.98 -5.07
C GLY A 32 -6.99 8.21 -3.93
N ASP A 33 -7.78 7.95 -2.88
CA ASP A 33 -7.29 7.22 -1.71
C ASP A 33 -7.90 5.82 -1.66
N LEU A 34 -7.60 5.10 -0.59
CA LEU A 34 -8.12 3.75 -0.41
C LEU A 34 -8.96 3.65 0.86
N ASN A 35 -9.88 2.70 0.89
CA ASN A 35 -10.74 2.49 2.04
C ASN A 35 -10.54 1.11 2.64
N PHE A 36 -10.09 1.07 3.89
CA PHE A 36 -9.85 -0.19 4.59
C PHE A 36 -10.30 -0.11 6.04
N GLN A 37 -10.21 -1.23 6.74
CA GLN A 37 -10.60 -1.28 8.14
C GLN A 37 -9.56 -2.02 8.98
N ALA A 38 -9.59 -1.80 10.29
CA ALA A 38 -8.65 -2.44 11.20
C ALA A 38 -8.68 -3.95 11.04
N GLY A 39 -7.67 -4.50 10.37
CA GLY A 39 -7.60 -5.93 10.16
C GLY A 39 -7.55 -6.31 8.69
N ASP A 40 -8.21 -5.50 7.85
CA ASP A 40 -8.23 -5.75 6.41
C ASP A 40 -6.81 -5.75 5.84
N ARG A 41 -6.49 -6.78 5.07
CA ARG A 41 -5.17 -6.90 4.46
C ARG A 41 -5.08 -6.04 3.20
N ILE A 42 -4.02 -5.25 3.10
CA ILE A 42 -3.82 -4.38 1.95
C ILE A 42 -2.60 -4.81 1.15
N THR A 43 -2.80 -5.09 -0.14
CA THR A 43 -1.71 -5.51 -1.01
C THR A 43 -0.80 -4.34 -1.37
N VAL A 44 0.35 -4.27 -0.71
CA VAL A 44 1.30 -3.20 -0.96
C VAL A 44 1.94 -3.34 -2.34
N ILE A 45 1.59 -2.42 -3.25
CA ILE A 45 2.13 -2.45 -4.60
C ILE A 45 3.30 -1.49 -4.74
N SER A 46 3.19 -0.32 -4.11
CA SER A 46 4.22 0.69 -4.17
C SER A 46 4.48 1.29 -2.79
N LYS A 47 5.69 1.08 -2.28
CA LYS A 47 6.06 1.59 -0.96
C LYS A 47 7.56 1.92 -0.92
N THR A 48 8.04 2.31 0.26
CA THR A 48 9.44 2.65 0.45
C THR A 48 9.90 2.34 1.87
N ASP A 49 11.20 2.10 2.03
CA ASP A 49 11.77 1.80 3.34
C ASP A 49 11.16 2.71 4.41
N SER A 50 10.96 3.98 4.06
CA SER A 50 10.39 4.94 5.00
C SER A 50 8.91 4.68 5.21
N HIS A 51 8.53 4.41 6.46
CA HIS A 51 7.14 4.14 6.79
C HIS A 51 6.34 5.44 6.92
N PHE A 52 6.96 6.44 7.52
CA PHE A 52 6.32 7.75 7.71
C PHE A 52 5.60 8.18 6.43
N ASP A 53 6.27 8.00 5.30
CA ASP A 53 5.70 8.38 4.01
C ASP A 53 4.43 7.59 3.73
N TRP A 54 3.73 7.95 2.66
CA TRP A 54 2.49 7.27 2.28
C TRP A 54 2.76 6.21 1.23
N TRP A 55 2.15 5.05 1.41
CA TRP A 55 2.32 3.93 0.48
C TRP A 55 1.04 3.69 -0.32
N GLU A 56 1.14 2.86 -1.36
CA GLU A 56 0.00 2.55 -2.20
C GLU A 56 -0.28 1.05 -2.20
N GLY A 57 -1.47 0.67 -1.76
CA GLY A 57 -1.84 -0.73 -1.72
C GLY A 57 -3.15 -1.02 -2.44
N LYS A 58 -3.56 -2.27 -2.46
CA LYS A 58 -4.79 -2.68 -3.12
C LYS A 58 -5.65 -3.52 -2.20
N LEU A 59 -6.95 -3.20 -2.14
CA LEU A 59 -7.89 -3.92 -1.30
C LEU A 59 -9.26 -4.01 -1.95
N ARG A 60 -9.93 -5.13 -1.78
CA ARG A 60 -11.25 -5.34 -2.35
C ARG A 60 -11.28 -4.92 -3.82
N GLY A 61 -10.23 -5.28 -4.55
CA GLY A 61 -10.15 -4.93 -5.95
C GLY A 61 -10.12 -3.43 -6.19
N GLN A 62 -9.40 -2.72 -5.32
CA GLN A 62 -9.31 -1.26 -5.43
C GLN A 62 -7.86 -0.81 -5.24
N THR A 63 -7.61 0.46 -5.57
CA THR A 63 -6.26 1.01 -5.44
C THR A 63 -6.32 2.42 -4.85
N GLY A 64 -5.39 2.72 -3.94
CA GLY A 64 -5.35 4.03 -3.32
C GLY A 64 -4.13 4.20 -2.43
N ILE A 65 -3.93 5.42 -1.95
CA ILE A 65 -2.79 5.73 -1.09
C ILE A 65 -3.22 5.76 0.38
N PHE A 66 -2.26 5.53 1.27
CA PHE A 66 -2.53 5.53 2.70
C PHE A 66 -1.23 5.55 3.51
N PRO A 67 -1.30 6.10 4.72
CA PRO A 67 -0.14 6.19 5.62
C PRO A 67 0.27 4.83 6.16
N ALA A 68 1.52 4.45 5.89
CA ALA A 68 2.05 3.16 6.36
C ALA A 68 1.98 3.07 7.87
N ASN A 69 1.83 4.22 8.53
CA ASN A 69 1.77 4.26 9.99
C ASN A 69 0.46 3.63 10.49
N TYR A 70 -0.49 3.46 9.58
CA TYR A 70 -1.78 2.88 9.94
C TYR A 70 -1.75 1.36 9.78
N VAL A 71 -0.69 0.87 9.16
CA VAL A 71 -0.53 -0.57 8.95
C VAL A 71 0.74 -1.09 9.59
N THR A 72 0.91 -2.41 9.59
CA THR A 72 2.09 -3.03 10.18
C THR A 72 2.64 -4.13 9.28
N MET A 73 3.93 -4.44 9.45
CA MET A 73 4.58 -5.46 8.64
C MET A 73 4.75 -6.75 9.45
N ASN A 74 3.69 -7.15 10.15
CA ASN A 74 3.72 -8.36 10.97
C ASN A 74 3.30 -9.57 10.15
N SER A 75 4.29 -10.33 9.67
CA SER A 75 4.02 -11.52 8.87
C SER A 75 3.19 -12.53 9.65
N GLY A 76 2.75 -13.58 8.97
CA GLY A 76 1.95 -14.61 9.62
C GLY A 76 0.73 -14.03 10.30
N PRO A 77 0.19 -14.79 11.28
CA PRO A 77 -0.99 -14.36 12.04
C PRO A 77 -0.70 -13.19 12.97
N SER A 78 -1.76 -12.50 13.40
CA SER A 78 -1.61 -11.36 14.29
C SER A 78 -2.28 -11.63 15.64
N SER A 79 -1.90 -10.84 16.64
CA SER A 79 -2.45 -11.00 17.99
C SER A 79 -3.96 -11.13 17.93
N GLY A 80 -4.61 -10.15 17.30
CA GLY A 80 -6.06 -10.17 17.20
C GLY A 80 -6.73 -9.27 18.22
N GLY A 1 -11.51 10.74 -25.70
CA GLY A 1 -10.98 11.13 -24.41
C GLY A 1 -9.57 10.60 -24.17
N SER A 2 -8.64 11.02 -25.03
CA SER A 2 -7.25 10.58 -24.92
C SER A 2 -6.52 11.36 -23.82
N SER A 3 -5.85 10.63 -22.95
CA SER A 3 -5.11 11.25 -21.85
C SER A 3 -3.89 10.41 -21.47
N GLY A 4 -2.71 11.01 -21.59
CA GLY A 4 -1.49 10.30 -21.27
C GLY A 4 -1.05 10.53 -19.83
N SER A 5 -0.90 9.44 -19.09
CA SER A 5 -0.49 9.53 -17.69
C SER A 5 0.94 10.04 -17.57
N SER A 6 1.89 9.28 -18.12
CA SER A 6 3.29 9.66 -18.07
C SER A 6 3.80 9.67 -16.64
N GLY A 7 3.40 8.68 -15.86
CA GLY A 7 3.83 8.59 -14.48
C GLY A 7 3.83 7.17 -13.95
N HIS A 8 4.98 6.50 -14.07
CA HIS A 8 5.12 5.13 -13.61
C HIS A 8 6.57 4.82 -13.27
N GLU A 9 6.80 4.30 -12.06
CA GLU A 9 8.14 3.96 -11.62
C GLU A 9 8.10 3.01 -10.43
N ARG A 10 8.99 2.02 -10.43
CA ARG A 10 9.04 1.04 -9.35
C ARG A 10 10.43 1.03 -8.70
N VAL A 11 10.46 1.30 -7.41
CA VAL A 11 11.73 1.32 -6.67
C VAL A 11 12.35 -0.08 -6.62
N GLY A 12 13.60 -0.17 -7.07
CA GLY A 12 14.29 -1.44 -7.06
C GLY A 12 13.56 -2.50 -7.86
N ASN A 13 13.21 -3.61 -7.20
CA ASN A 13 12.50 -4.70 -7.85
C ASN A 13 11.17 -4.97 -7.17
N LEU A 14 10.14 -5.23 -7.97
CA LEU A 14 8.81 -5.52 -7.44
C LEU A 14 8.40 -6.95 -7.75
N ASN A 15 9.34 -7.88 -7.64
CA ASN A 15 9.06 -9.28 -7.90
C ASN A 15 7.65 -9.66 -7.47
N GLN A 16 7.24 -9.13 -6.32
CA GLN A 16 5.92 -9.41 -5.79
C GLN A 16 5.53 -8.39 -4.71
N PRO A 17 4.22 -8.16 -4.56
CA PRO A 17 3.69 -7.21 -3.57
C PRO A 17 3.87 -7.70 -2.14
N ILE A 18 3.35 -6.94 -1.19
CA ILE A 18 3.45 -7.31 0.22
C ILE A 18 2.07 -7.29 0.88
N GLU A 19 1.91 -8.12 1.91
CA GLU A 19 0.66 -8.20 2.64
C GLU A 19 0.78 -7.57 4.02
N VAL A 20 -0.08 -6.60 4.31
CA VAL A 20 -0.07 -5.94 5.61
C VAL A 20 -1.47 -5.88 6.22
N THR A 21 -1.52 -5.80 7.55
CA THR A 21 -2.80 -5.74 8.25
C THR A 21 -3.04 -4.35 8.82
N ALA A 22 -4.14 -3.73 8.41
CA ALA A 22 -4.49 -2.40 8.87
C ALA A 22 -4.74 -2.39 10.38
N LEU A 23 -3.78 -1.84 11.13
CA LEU A 23 -3.89 -1.78 12.58
C LEU A 23 -5.09 -0.95 13.00
N TYR A 24 -5.42 0.06 12.20
CA TYR A 24 -6.56 0.93 12.49
C TYR A 24 -7.36 1.21 11.22
N SER A 25 -8.53 1.83 11.40
CA SER A 25 -9.39 2.15 10.27
C SER A 25 -8.86 3.36 9.50
N PHE A 26 -9.41 3.59 8.32
CA PHE A 26 -8.99 4.70 7.48
C PHE A 26 -10.03 4.98 6.38
N GLU A 27 -10.23 6.26 6.08
CA GLU A 27 -11.18 6.66 5.07
C GLU A 27 -10.59 7.73 4.15
N GLY A 28 -10.24 7.33 2.93
CA GLY A 28 -9.66 8.28 2.00
C GLY A 28 -10.61 9.40 1.64
N GLN A 29 -10.26 10.62 2.05
CA GLN A 29 -11.10 11.78 1.78
C GLN A 29 -11.25 12.01 0.28
N GLN A 30 -10.23 11.62 -0.47
CA GLN A 30 -10.25 11.79 -1.93
C GLN A 30 -10.45 10.44 -2.62
N PRO A 31 -10.89 10.48 -3.89
CA PRO A 31 -11.14 9.29 -4.68
C PRO A 31 -9.84 8.57 -5.07
N GLY A 32 -8.73 9.29 -4.96
CA GLY A 32 -7.44 8.69 -5.29
C GLY A 32 -6.85 7.91 -4.15
N ASP A 33 -7.36 8.14 -2.94
CA ASP A 33 -6.88 7.44 -1.76
C ASP A 33 -7.50 6.05 -1.65
N LEU A 34 -7.18 5.35 -0.57
CA LEU A 34 -7.72 4.01 -0.35
C LEU A 34 -8.49 3.94 0.97
N ASN A 35 -9.58 3.16 0.97
CA ASN A 35 -10.39 3.02 2.16
C ASN A 35 -10.29 1.60 2.73
N PHE A 36 -9.84 1.51 3.97
CA PHE A 36 -9.69 0.21 4.63
C PHE A 36 -10.14 0.29 6.09
N GLN A 37 -10.16 -0.86 6.76
CA GLN A 37 -10.58 -0.93 8.15
C GLN A 37 -9.58 -1.73 8.98
N ALA A 38 -9.67 -1.59 10.30
CA ALA A 38 -8.77 -2.30 11.21
C ALA A 38 -8.84 -3.80 10.99
N GLY A 39 -7.84 -4.35 10.31
CA GLY A 39 -7.82 -5.78 10.05
C GLY A 39 -7.73 -6.10 8.57
N ASP A 40 -8.36 -5.25 7.76
CA ASP A 40 -8.35 -5.45 6.31
C ASP A 40 -6.92 -5.54 5.78
N ARG A 41 -6.68 -6.53 4.94
CA ARG A 41 -5.34 -6.73 4.36
C ARG A 41 -5.17 -5.87 3.11
N ILE A 42 -4.06 -5.15 3.05
CA ILE A 42 -3.77 -4.28 1.91
C ILE A 42 -2.56 -4.80 1.12
N THR A 43 -2.81 -5.17 -0.13
CA THR A 43 -1.76 -5.69 -0.99
C THR A 43 -0.83 -4.56 -1.46
N VAL A 44 0.27 -4.38 -0.76
CA VAL A 44 1.24 -3.34 -1.10
C VAL A 44 1.80 -3.56 -2.50
N ILE A 45 1.57 -2.61 -3.39
CA ILE A 45 2.05 -2.69 -4.77
C ILE A 45 3.25 -1.77 -4.98
N SER A 46 3.21 -0.60 -4.36
CA SER A 46 4.28 0.37 -4.49
C SER A 46 4.45 1.17 -3.21
N LYS A 47 5.56 0.95 -2.52
CA LYS A 47 5.84 1.65 -1.26
C LYS A 47 7.22 2.30 -1.31
N THR A 48 7.61 2.93 -0.21
CA THR A 48 8.90 3.60 -0.12
C THR A 48 9.73 3.06 1.05
N ASP A 49 10.92 3.61 1.23
CA ASP A 49 11.80 3.19 2.31
C ASP A 49 11.53 3.99 3.58
N SER A 50 10.25 4.19 3.89
CA SER A 50 9.86 4.94 5.07
C SER A 50 8.43 4.60 5.48
N HIS A 51 8.22 4.39 6.77
CA HIS A 51 6.91 4.06 7.30
C HIS A 51 6.01 5.30 7.32
N PHE A 52 6.39 6.29 8.10
CA PHE A 52 5.62 7.52 8.22
C PHE A 52 5.05 7.93 6.87
N ASP A 53 5.86 7.77 5.82
CA ASP A 53 5.44 8.13 4.47
C ASP A 53 4.21 7.32 4.06
N TRP A 54 3.57 7.75 2.97
CA TRP A 54 2.38 7.07 2.47
C TRP A 54 2.74 6.07 1.38
N TRP A 55 2.14 4.88 1.44
CA TRP A 55 2.41 3.85 0.45
C TRP A 55 1.18 3.61 -0.43
N GLU A 56 1.34 2.79 -1.47
CA GLU A 56 0.25 2.49 -2.37
C GLU A 56 -0.07 0.99 -2.37
N GLY A 57 -1.25 0.64 -1.87
CA GLY A 57 -1.64 -0.75 -1.82
C GLY A 57 -2.97 -1.00 -2.50
N LYS A 58 -3.43 -2.25 -2.45
CA LYS A 58 -4.71 -2.62 -3.06
C LYS A 58 -5.58 -3.37 -2.08
N LEU A 59 -6.89 -3.07 -2.10
CA LEU A 59 -7.83 -3.72 -1.21
C LEU A 59 -9.16 -3.99 -1.92
N ARG A 60 -9.63 -5.23 -1.82
CA ARG A 60 -10.88 -5.61 -2.46
C ARG A 60 -10.95 -5.11 -3.90
N GLY A 61 -9.78 -5.03 -4.55
CA GLY A 61 -9.72 -4.56 -5.91
C GLY A 61 -9.42 -3.08 -6.01
N GLN A 62 -9.83 -2.34 -4.99
CA GLN A 62 -9.61 -0.90 -4.96
C GLN A 62 -8.11 -0.58 -4.80
N THR A 63 -7.72 0.62 -5.23
CA THR A 63 -6.33 1.04 -5.13
C THR A 63 -6.22 2.49 -4.69
N GLY A 64 -5.21 2.79 -3.89
CA GLY A 64 -5.01 4.15 -3.40
C GLY A 64 -3.83 4.27 -2.47
N ILE A 65 -3.62 5.48 -1.95
CA ILE A 65 -2.51 5.72 -1.04
C ILE A 65 -2.96 5.69 0.41
N PHE A 66 -2.02 5.41 1.32
CA PHE A 66 -2.33 5.35 2.74
C PHE A 66 -1.05 5.32 3.57
N PRO A 67 -1.14 5.84 4.81
CA PRO A 67 0.00 5.89 5.73
C PRO A 67 0.40 4.51 6.23
N ALA A 68 1.66 4.14 6.00
CA ALA A 68 2.17 2.85 6.43
C ALA A 68 2.15 2.74 7.95
N ASN A 69 1.93 3.86 8.62
CA ASN A 69 1.89 3.89 10.08
C ASN A 69 0.59 3.28 10.61
N TYR A 70 -0.38 3.13 9.73
CA TYR A 70 -1.67 2.57 10.10
C TYR A 70 -1.67 1.05 9.94
N VAL A 71 -0.62 0.53 9.31
CA VAL A 71 -0.49 -0.91 9.09
C VAL A 71 0.78 -1.44 9.72
N THR A 72 0.93 -2.77 9.70
CA THR A 72 2.11 -3.41 10.27
C THR A 72 2.61 -4.54 9.38
N MET A 73 3.82 -5.00 9.64
CA MET A 73 4.42 -6.08 8.86
C MET A 73 4.72 -7.29 9.74
N ASN A 74 3.72 -8.13 9.95
CA ASN A 74 3.88 -9.32 10.77
C ASN A 74 4.27 -10.53 9.91
N SER A 75 3.52 -10.76 8.85
CA SER A 75 3.78 -11.88 7.96
C SER A 75 4.86 -11.52 6.94
N GLY A 76 6.03 -12.16 7.07
CA GLY A 76 7.12 -11.89 6.16
C GLY A 76 8.37 -12.67 6.51
N PRO A 77 9.53 -12.18 6.05
CA PRO A 77 10.82 -12.83 6.30
C PRO A 77 11.25 -12.71 7.76
N SER A 78 10.45 -12.01 8.55
CA SER A 78 10.74 -11.81 9.97
C SER A 78 9.83 -12.69 10.84
N SER A 79 10.37 -13.83 11.28
CA SER A 79 9.61 -14.76 12.10
C SER A 79 9.91 -14.52 13.59
N GLY A 80 8.87 -14.17 14.34
CA GLY A 80 9.04 -13.92 15.76
C GLY A 80 7.75 -13.49 16.42
N GLY A 1 -11.30 12.34 -24.95
CA GLY A 1 -9.91 12.16 -24.59
C GLY A 1 -9.70 12.04 -23.09
N SER A 2 -8.62 11.38 -22.69
CA SER A 2 -8.31 11.20 -21.28
C SER A 2 -6.81 11.31 -21.03
N SER A 3 -6.42 12.28 -20.21
CA SER A 3 -5.02 12.50 -19.89
C SER A 3 -4.49 11.40 -18.99
N GLY A 4 -3.25 10.97 -19.25
CA GLY A 4 -2.66 9.91 -18.44
C GLY A 4 -1.18 9.73 -18.76
N SER A 5 -0.51 8.92 -17.93
CA SER A 5 0.92 8.67 -18.12
C SER A 5 1.29 7.27 -17.63
N SER A 6 2.26 6.66 -18.29
CA SER A 6 2.70 5.31 -17.92
C SER A 6 4.18 5.12 -18.26
N GLY A 7 5.00 4.93 -17.22
CA GLY A 7 6.42 4.73 -17.43
C GLY A 7 6.77 3.28 -17.70
N HIS A 8 7.93 3.06 -18.31
CA HIS A 8 8.38 1.72 -18.63
C HIS A 8 9.50 1.28 -17.68
N GLU A 9 10.46 2.18 -17.47
CA GLU A 9 11.59 1.89 -16.59
C GLU A 9 11.31 2.36 -15.17
N ARG A 10 10.56 1.54 -14.43
CA ARG A 10 10.22 1.87 -13.05
C ARG A 10 11.37 1.53 -12.10
N VAL A 11 11.74 2.49 -11.25
CA VAL A 11 12.82 2.28 -10.30
C VAL A 11 12.70 0.92 -9.61
N GLY A 12 13.60 0.01 -9.96
CA GLY A 12 13.57 -1.32 -9.36
C GLY A 12 12.20 -1.97 -9.46
N ASN A 13 12.03 -2.82 -10.47
CA ASN A 13 10.77 -3.51 -10.67
C ASN A 13 10.33 -4.24 -9.40
N LEU A 14 9.08 -4.68 -9.38
CA LEU A 14 8.54 -5.39 -8.22
C LEU A 14 8.26 -6.85 -8.56
N ASN A 15 8.98 -7.76 -7.90
CA ASN A 15 8.81 -9.18 -8.15
C ASN A 15 7.50 -9.68 -7.54
N GLN A 16 7.09 -9.05 -6.45
CA GLN A 16 5.85 -9.43 -5.76
C GLN A 16 5.47 -8.40 -4.70
N PRO A 17 4.17 -8.16 -4.54
CA PRO A 17 3.65 -7.21 -3.55
C PRO A 17 3.84 -7.70 -2.12
N ILE A 18 3.45 -6.87 -1.16
CA ILE A 18 3.56 -7.23 0.26
C ILE A 18 2.20 -7.26 0.93
N GLU A 19 2.11 -7.98 2.04
CA GLU A 19 0.85 -8.10 2.78
C GLU A 19 0.98 -7.44 4.14
N VAL A 20 0.09 -6.48 4.41
CA VAL A 20 0.10 -5.76 5.68
C VAL A 20 -1.30 -5.73 6.30
N THR A 21 -1.35 -5.77 7.63
CA THR A 21 -2.63 -5.75 8.34
C THR A 21 -2.91 -4.37 8.91
N ALA A 22 -3.99 -3.75 8.44
CA ALA A 22 -4.37 -2.42 8.90
C ALA A 22 -4.61 -2.42 10.41
N LEU A 23 -3.66 -1.85 11.14
CA LEU A 23 -3.76 -1.77 12.60
C LEU A 23 -4.98 -0.97 13.02
N TYR A 24 -5.35 0.01 12.20
CA TYR A 24 -6.51 0.86 12.48
C TYR A 24 -7.30 1.15 11.22
N SER A 25 -8.55 1.57 11.39
CA SER A 25 -9.42 1.86 10.26
C SER A 25 -9.01 3.18 9.60
N PHE A 26 -9.48 3.40 8.37
CA PHE A 26 -9.17 4.61 7.64
C PHE A 26 -10.19 4.85 6.52
N GLU A 27 -10.21 6.07 6.00
CA GLU A 27 -11.13 6.43 4.94
C GLU A 27 -10.54 7.52 4.04
N GLY A 28 -10.25 7.16 2.80
CA GLY A 28 -9.68 8.12 1.87
C GLY A 28 -10.52 9.37 1.72
N GLN A 29 -9.97 10.50 2.13
CA GLN A 29 -10.68 11.77 2.05
C GLN A 29 -10.46 12.44 0.69
N GLN A 30 -9.31 12.15 0.08
CA GLN A 30 -8.99 12.72 -1.21
C GLN A 30 -9.27 11.72 -2.34
N PRO A 31 -9.46 12.25 -3.56
CA PRO A 31 -9.74 11.43 -4.74
C PRO A 31 -8.54 10.59 -5.17
N GLY A 32 -8.62 9.29 -4.94
CA GLY A 32 -7.54 8.40 -5.31
C GLY A 32 -7.08 7.53 -4.16
N ASP A 33 -7.22 8.04 -2.94
CA ASP A 33 -6.82 7.30 -1.75
C ASP A 33 -7.55 5.97 -1.66
N LEU A 34 -7.22 5.17 -0.65
CA LEU A 34 -7.85 3.88 -0.46
C LEU A 34 -8.52 3.79 0.91
N ASN A 35 -9.69 3.14 0.95
CA ASN A 35 -10.43 2.99 2.19
C ASN A 35 -10.33 1.57 2.72
N PHE A 36 -9.94 1.44 3.99
CA PHE A 36 -9.80 0.14 4.61
C PHE A 36 -10.27 0.17 6.06
N GLN A 37 -10.16 -0.97 6.74
CA GLN A 37 -10.59 -1.07 8.13
C GLN A 37 -9.56 -1.84 8.95
N ALA A 38 -9.51 -1.54 10.26
CA ALA A 38 -8.57 -2.22 11.15
C ALA A 38 -8.66 -3.73 10.99
N GLY A 39 -7.67 -4.31 10.33
CA GLY A 39 -7.64 -5.75 10.12
C GLY A 39 -7.58 -6.11 8.65
N ASP A 40 -8.21 -5.31 7.81
CA ASP A 40 -8.23 -5.56 6.37
C ASP A 40 -6.81 -5.61 5.82
N ARG A 41 -6.53 -6.63 5.00
CA ARG A 41 -5.21 -6.79 4.41
C ARG A 41 -5.07 -5.94 3.16
N ILE A 42 -4.05 -5.07 3.15
CA ILE A 42 -3.82 -4.20 2.01
C ILE A 42 -2.61 -4.67 1.20
N THR A 43 -2.87 -5.15 -0.01
CA THR A 43 -1.81 -5.63 -0.89
C THR A 43 -0.90 -4.49 -1.34
N VAL A 44 0.22 -4.33 -0.65
CA VAL A 44 1.17 -3.27 -0.99
C VAL A 44 1.78 -3.48 -2.37
N ILE A 45 1.48 -2.57 -3.29
CA ILE A 45 1.99 -2.66 -4.65
C ILE A 45 3.15 -1.70 -4.87
N SER A 46 3.03 -0.51 -4.30
CA SER A 46 4.06 0.51 -4.43
C SER A 46 4.26 1.26 -3.12
N LYS A 47 5.35 0.95 -2.43
CA LYS A 47 5.66 1.60 -1.15
C LYS A 47 7.11 2.08 -1.13
N THR A 48 7.43 2.92 -0.15
CA THR A 48 8.78 3.45 -0.01
C THR A 48 9.43 3.00 1.30
N ASP A 49 10.70 3.32 1.48
CA ASP A 49 11.42 2.95 2.68
C ASP A 49 11.16 3.94 3.80
N SER A 50 9.89 4.30 3.98
CA SER A 50 9.51 5.26 5.02
C SER A 50 8.16 4.86 5.63
N HIS A 51 8.19 4.54 6.92
CA HIS A 51 6.97 4.16 7.63
C HIS A 51 5.98 5.32 7.70
N PHE A 52 6.51 6.52 7.90
CA PHE A 52 5.68 7.72 7.98
C PHE A 52 5.05 8.05 6.63
N ASP A 53 5.84 7.94 5.57
CA ASP A 53 5.37 8.21 4.22
C ASP A 53 4.15 7.36 3.88
N TRP A 54 3.41 7.77 2.87
CA TRP A 54 2.22 7.03 2.45
C TRP A 54 2.56 6.04 1.35
N TRP A 55 1.96 4.85 1.42
CA TRP A 55 2.20 3.81 0.44
C TRP A 55 0.95 3.55 -0.39
N GLU A 56 1.10 2.75 -1.45
CA GLU A 56 -0.02 2.43 -2.33
C GLU A 56 -0.26 0.92 -2.36
N GLY A 57 -1.43 0.50 -1.86
CA GLY A 57 -1.76 -0.91 -1.85
C GLY A 57 -3.09 -1.20 -2.52
N LYS A 58 -3.50 -2.46 -2.48
CA LYS A 58 -4.77 -2.86 -3.07
C LYS A 58 -5.64 -3.62 -2.07
N LEU A 59 -6.93 -3.32 -2.06
CA LEU A 59 -7.87 -3.97 -1.16
C LEU A 59 -9.17 -4.32 -1.87
N ARG A 60 -9.59 -5.58 -1.75
CA ARG A 60 -10.82 -6.03 -2.38
C ARG A 60 -10.89 -5.57 -3.83
N GLY A 61 -9.74 -5.52 -4.49
CA GLY A 61 -9.69 -5.09 -5.87
C GLY A 61 -9.43 -3.60 -6.01
N GLN A 62 -9.85 -2.83 -5.01
CA GLN A 62 -9.65 -1.39 -5.03
C GLN A 62 -8.17 -1.03 -4.92
N THR A 63 -7.83 0.20 -5.27
CA THR A 63 -6.45 0.66 -5.21
C THR A 63 -6.38 2.12 -4.77
N GLY A 64 -5.34 2.46 -4.00
CA GLY A 64 -5.18 3.82 -3.53
C GLY A 64 -4.01 3.97 -2.58
N ILE A 65 -3.78 5.18 -2.10
CA ILE A 65 -2.69 5.45 -1.17
C ILE A 65 -3.19 5.45 0.28
N PHE A 66 -2.26 5.23 1.21
CA PHE A 66 -2.60 5.22 2.63
C PHE A 66 -1.34 5.28 3.49
N PRO A 67 -1.49 5.83 4.70
CA PRO A 67 -0.37 5.97 5.65
C PRO A 67 0.09 4.63 6.20
N ALA A 68 1.36 4.31 5.98
CA ALA A 68 1.92 3.06 6.47
C ALA A 68 1.74 2.91 7.97
N ASN A 69 1.66 4.04 8.67
CA ASN A 69 1.48 4.04 10.11
C ASN A 69 0.17 3.37 10.50
N TYR A 70 -0.70 3.15 9.52
CA TYR A 70 -1.99 2.52 9.76
C TYR A 70 -1.93 1.03 9.42
N VAL A 71 -0.71 0.52 9.24
CA VAL A 71 -0.52 -0.89 8.93
C VAL A 71 0.76 -1.43 9.56
N THR A 72 1.01 -2.72 9.38
CA THR A 72 2.20 -3.36 9.94
C THR A 72 2.72 -4.46 9.01
N MET A 73 4.05 -4.55 8.91
CA MET A 73 4.67 -5.55 8.05
C MET A 73 4.95 -6.83 8.84
N ASN A 74 4.00 -7.23 9.66
CA ASN A 74 4.14 -8.44 10.47
C ASN A 74 4.21 -9.68 9.59
N SER A 75 5.32 -10.40 9.68
CA SER A 75 5.51 -11.61 8.88
C SER A 75 5.15 -12.85 9.69
N GLY A 76 3.95 -13.38 9.43
CA GLY A 76 3.49 -14.55 10.14
C GLY A 76 3.62 -15.82 9.31
N PRO A 77 2.85 -16.85 9.67
CA PRO A 77 2.86 -18.14 8.96
C PRO A 77 2.26 -18.03 7.57
N SER A 78 3.13 -17.89 6.57
CA SER A 78 2.68 -17.78 5.18
C SER A 78 2.21 -19.13 4.65
N SER A 79 0.99 -19.16 4.12
CA SER A 79 0.42 -20.39 3.59
C SER A 79 0.00 -20.21 2.13
N GLY A 80 0.51 -21.07 1.26
CA GLY A 80 0.18 -20.98 -0.15
C GLY A 80 -1.06 -21.78 -0.51
N GLY A 1 10.89 30.16 -1.45
CA GLY A 1 10.64 29.66 -2.79
C GLY A 1 11.42 28.40 -3.11
N SER A 2 11.45 28.02 -4.37
CA SER A 2 12.16 26.82 -4.81
C SER A 2 11.48 25.56 -4.28
N SER A 3 10.15 25.55 -4.35
CA SER A 3 9.37 24.41 -3.88
C SER A 3 8.85 23.58 -5.05
N GLY A 4 9.12 22.28 -5.01
CA GLY A 4 8.67 21.41 -6.07
C GLY A 4 9.60 20.22 -6.28
N SER A 5 9.28 19.38 -7.26
CA SER A 5 10.09 18.21 -7.56
C SER A 5 10.92 18.43 -8.83
N SER A 6 12.19 18.76 -8.63
CA SER A 6 13.10 18.99 -9.76
C SER A 6 13.38 17.70 -10.51
N GLY A 7 12.89 16.58 -9.96
CA GLY A 7 13.10 15.30 -10.59
C GLY A 7 13.25 14.18 -9.59
N HIS A 8 13.09 12.95 -10.05
CA HIS A 8 13.20 11.78 -9.18
C HIS A 8 13.47 10.52 -9.99
N GLU A 9 13.65 9.40 -9.30
CA GLU A 9 13.92 8.12 -9.96
C GLU A 9 13.51 6.95 -9.06
N ARG A 10 13.34 5.78 -9.68
CA ARG A 10 12.94 4.59 -8.94
C ARG A 10 14.15 3.73 -8.62
N VAL A 11 14.24 3.29 -7.37
CA VAL A 11 15.36 2.45 -6.93
C VAL A 11 14.87 1.07 -6.47
N GLY A 12 15.43 0.02 -7.05
CA GLY A 12 15.05 -1.33 -6.69
C GLY A 12 13.92 -1.86 -7.56
N ASN A 13 13.78 -3.18 -7.59
CA ASN A 13 12.73 -3.81 -8.39
C ASN A 13 11.70 -4.49 -7.49
N LEU A 14 10.49 -4.64 -8.01
CA LEU A 14 9.41 -5.28 -7.25
C LEU A 14 8.86 -6.49 -8.00
N ASN A 15 9.28 -7.68 -7.55
CA ASN A 15 8.83 -8.92 -8.18
C ASN A 15 7.41 -9.27 -7.73
N GLN A 16 7.13 -9.07 -6.45
CA GLN A 16 5.82 -9.37 -5.90
C GLN A 16 5.45 -8.37 -4.80
N PRO A 17 4.13 -8.12 -4.65
CA PRO A 17 3.63 -7.19 -3.63
C PRO A 17 3.80 -7.73 -2.21
N ILE A 18 3.41 -6.92 -1.23
CA ILE A 18 3.52 -7.31 0.17
C ILE A 18 2.15 -7.35 0.84
N GLU A 19 2.05 -8.08 1.95
CA GLU A 19 0.80 -8.19 2.69
C GLU A 19 0.92 -7.56 4.07
N VAL A 20 0.03 -6.62 4.37
CA VAL A 20 0.04 -5.94 5.66
C VAL A 20 -1.36 -5.91 6.27
N THR A 21 -1.41 -5.75 7.59
CA THR A 21 -2.69 -5.71 8.30
C THR A 21 -2.97 -4.31 8.85
N ALA A 22 -4.09 -3.74 8.44
CA ALA A 22 -4.47 -2.40 8.89
C ALA A 22 -4.70 -2.38 10.39
N LEU A 23 -3.76 -1.80 11.13
CA LEU A 23 -3.86 -1.71 12.58
C LEU A 23 -5.08 -0.90 12.99
N TYR A 24 -5.41 0.11 12.19
CA TYR A 24 -6.56 0.96 12.47
C TYR A 24 -7.34 1.27 11.19
N SER A 25 -8.62 1.60 11.34
CA SER A 25 -9.47 1.91 10.21
C SER A 25 -9.06 3.24 9.57
N PHE A 26 -9.43 3.42 8.31
CA PHE A 26 -9.10 4.65 7.60
C PHE A 26 -10.15 4.95 6.53
N GLU A 27 -10.17 6.20 6.05
CA GLU A 27 -11.13 6.61 5.03
C GLU A 27 -10.48 7.60 4.07
N GLY A 28 -10.18 7.12 2.86
CA GLY A 28 -9.57 7.97 1.86
C GLY A 28 -10.29 9.30 1.70
N GLN A 29 -9.72 10.35 2.29
CA GLN A 29 -10.32 11.67 2.21
C GLN A 29 -10.31 12.19 0.78
N GLN A 30 -9.28 11.84 0.03
CA GLN A 30 -9.15 12.27 -1.35
C GLN A 30 -9.74 11.23 -2.31
N PRO A 31 -10.11 11.67 -3.52
CA PRO A 31 -10.70 10.80 -4.53
C PRO A 31 -9.67 9.83 -5.11
N GLY A 32 -8.45 9.87 -4.59
CA GLY A 32 -7.41 8.99 -5.06
C GLY A 32 -6.75 8.20 -3.94
N ASP A 33 -7.51 7.95 -2.88
CA ASP A 33 -7.00 7.21 -1.74
C ASP A 33 -7.63 5.81 -1.68
N LEU A 34 -7.32 5.08 -0.61
CA LEU A 34 -7.84 3.74 -0.43
C LEU A 34 -8.66 3.62 0.85
N ASN A 35 -9.70 2.79 0.82
CA ASN A 35 -10.56 2.60 1.98
C ASN A 35 -10.31 1.24 2.62
N PHE A 36 -9.86 1.24 3.87
CA PHE A 36 -9.59 0.01 4.60
C PHE A 36 -10.02 0.13 6.05
N GLN A 37 -10.17 -1.02 6.71
CA GLN A 37 -10.59 -1.04 8.12
C GLN A 37 -9.57 -1.79 8.96
N ALA A 38 -9.61 -1.57 10.28
CA ALA A 38 -8.69 -2.23 11.20
C ALA A 38 -8.77 -3.74 11.06
N GLY A 39 -7.77 -4.33 10.41
CA GLY A 39 -7.74 -5.77 10.23
C GLY A 39 -7.67 -6.17 8.77
N ASP A 40 -8.30 -5.37 7.91
CA ASP A 40 -8.30 -5.64 6.48
C ASP A 40 -6.88 -5.65 5.92
N ARG A 41 -6.55 -6.68 5.15
CA ARG A 41 -5.22 -6.81 4.57
C ARG A 41 -5.12 -5.99 3.29
N ILE A 42 -4.06 -5.18 3.19
CA ILE A 42 -3.84 -4.35 2.02
C ILE A 42 -2.64 -4.83 1.22
N THR A 43 -2.88 -5.21 -0.04
CA THR A 43 -1.81 -5.69 -0.91
C THR A 43 -0.90 -4.55 -1.34
N VAL A 44 0.23 -4.41 -0.66
CA VAL A 44 1.19 -3.36 -0.98
C VAL A 44 1.83 -3.59 -2.34
N ILE A 45 1.50 -2.73 -3.30
CA ILE A 45 2.05 -2.83 -4.65
C ILE A 45 3.24 -1.92 -4.83
N SER A 46 3.17 -0.73 -4.25
CA SER A 46 4.26 0.24 -4.35
C SER A 46 4.43 1.01 -3.04
N LYS A 47 5.47 0.67 -2.29
CA LYS A 47 5.76 1.33 -1.02
C LYS A 47 7.13 1.98 -1.03
N THR A 48 7.46 2.66 0.06
CA THR A 48 8.75 3.33 0.17
C THR A 48 9.48 2.91 1.45
N ASP A 49 10.72 3.34 1.58
CA ASP A 49 11.53 3.02 2.75
C ASP A 49 10.91 3.59 4.02
N SER A 50 10.76 4.91 4.05
CA SER A 50 10.19 5.59 5.21
C SER A 50 8.80 5.05 5.51
N HIS A 51 8.46 4.96 6.80
CA HIS A 51 7.15 4.47 7.22
C HIS A 51 6.12 5.58 7.19
N PHE A 52 6.31 6.60 8.01
CA PHE A 52 5.39 7.73 8.08
C PHE A 52 4.83 8.05 6.71
N ASP A 53 5.68 7.98 5.69
CA ASP A 53 5.27 8.25 4.32
C ASP A 53 4.08 7.41 3.92
N TRP A 54 3.38 7.83 2.88
CA TRP A 54 2.21 7.10 2.39
C TRP A 54 2.61 6.08 1.33
N TRP A 55 1.99 4.91 1.37
CA TRP A 55 2.28 3.85 0.42
C TRP A 55 1.08 3.59 -0.49
N GLU A 56 1.27 2.74 -1.48
CA GLU A 56 0.19 2.41 -2.43
C GLU A 56 -0.11 0.91 -2.40
N GLY A 57 -1.29 0.56 -1.90
CA GLY A 57 -1.69 -0.83 -1.83
C GLY A 57 -3.00 -1.10 -2.55
N LYS A 58 -3.46 -2.35 -2.50
CA LYS A 58 -4.70 -2.74 -3.14
C LYS A 58 -5.59 -3.52 -2.18
N LEU A 59 -6.86 -3.14 -2.11
CA LEU A 59 -7.82 -3.80 -1.22
C LEU A 59 -9.18 -3.92 -1.90
N ARG A 60 -9.86 -5.02 -1.63
CA ARG A 60 -11.19 -5.26 -2.21
C ARG A 60 -11.21 -4.90 -3.68
N GLY A 61 -10.21 -5.37 -4.41
CA GLY A 61 -10.13 -5.09 -5.83
C GLY A 61 -10.07 -3.60 -6.12
N GLN A 62 -9.35 -2.87 -5.29
CA GLN A 62 -9.22 -1.42 -5.45
C GLN A 62 -7.76 -0.98 -5.29
N THR A 63 -7.49 0.29 -5.58
CA THR A 63 -6.15 0.83 -5.45
C THR A 63 -6.17 2.26 -4.94
N GLY A 64 -5.24 2.58 -4.05
CA GLY A 64 -5.17 3.92 -3.48
C GLY A 64 -3.99 4.09 -2.56
N ILE A 65 -3.80 5.31 -2.06
CA ILE A 65 -2.71 5.62 -1.15
C ILE A 65 -3.17 5.60 0.29
N PHE A 66 -2.24 5.37 1.21
CA PHE A 66 -2.55 5.33 2.64
C PHE A 66 -1.27 5.34 3.47
N PRO A 67 -1.37 5.88 4.70
CA PRO A 67 -0.24 5.94 5.62
C PRO A 67 0.18 4.57 6.15
N ALA A 68 1.43 4.20 5.91
CA ALA A 68 1.94 2.92 6.36
C ALA A 68 1.90 2.81 7.87
N ASN A 69 1.65 3.94 8.54
CA ASN A 69 1.60 3.98 9.99
C ASN A 69 0.34 3.28 10.50
N TYR A 70 -0.67 3.19 9.65
CA TYR A 70 -1.93 2.56 10.01
C TYR A 70 -1.88 1.05 9.74
N VAL A 71 -0.78 0.60 9.14
CA VAL A 71 -0.60 -0.81 8.82
C VAL A 71 0.68 -1.36 9.43
N THR A 72 0.85 -2.67 9.38
CA THR A 72 2.02 -3.31 9.94
C THR A 72 2.65 -4.27 8.93
N MET A 73 3.95 -4.51 9.07
CA MET A 73 4.67 -5.40 8.17
C MET A 73 5.21 -6.61 8.93
N ASN A 74 4.48 -7.72 8.90
CA ASN A 74 4.89 -8.93 9.58
C ASN A 74 4.73 -10.15 8.67
N SER A 75 5.84 -10.66 8.17
CA SER A 75 5.83 -11.82 7.28
C SER A 75 6.46 -13.03 7.96
N GLY A 76 5.62 -13.95 8.43
CA GLY A 76 6.11 -15.13 9.10
C GLY A 76 5.00 -16.11 9.44
N PRO A 77 5.36 -17.40 9.55
CA PRO A 77 4.40 -18.46 9.87
C PRO A 77 3.90 -18.37 11.32
N SER A 78 4.61 -17.59 12.14
CA SER A 78 4.24 -17.42 13.53
C SER A 78 3.62 -16.05 13.77
N SER A 79 2.73 -15.97 14.76
CA SER A 79 2.06 -14.72 15.08
C SER A 79 2.76 -14.00 16.24
N GLY A 80 2.83 -14.70 17.38
CA GLY A 80 3.47 -14.12 18.56
C GLY A 80 2.53 -14.00 19.73
N GLY A 1 -12.04 -5.38 -16.72
CA GLY A 1 -11.04 -4.64 -17.47
C GLY A 1 -9.75 -4.49 -16.70
N SER A 2 -8.76 -3.85 -17.33
CA SER A 2 -7.46 -3.64 -16.70
C SER A 2 -6.83 -2.34 -17.21
N SER A 3 -5.86 -1.83 -16.44
CA SER A 3 -5.17 -0.61 -16.80
C SER A 3 -3.75 -0.59 -16.25
N GLY A 4 -2.78 -0.42 -17.15
CA GLY A 4 -1.39 -0.39 -16.73
C GLY A 4 -0.89 1.01 -16.44
N SER A 5 0.41 1.16 -16.28
CA SER A 5 1.02 2.45 -15.99
C SER A 5 2.41 2.56 -16.60
N SER A 6 2.95 3.77 -16.63
CA SER A 6 4.27 4.01 -17.20
C SER A 6 5.14 4.81 -16.22
N GLY A 7 6.31 4.27 -15.92
CA GLY A 7 7.22 4.95 -15.00
C GLY A 7 8.62 4.37 -15.05
N HIS A 8 9.57 5.06 -14.42
CA HIS A 8 10.96 4.61 -14.39
C HIS A 8 11.24 3.82 -13.12
N GLU A 9 12.20 2.89 -13.21
CA GLU A 9 12.56 2.07 -12.06
C GLU A 9 13.88 2.54 -11.44
N ARG A 10 13.96 2.49 -10.12
CA ARG A 10 15.15 2.92 -9.41
C ARG A 10 15.78 1.76 -8.64
N VAL A 11 16.60 0.97 -9.34
CA VAL A 11 17.27 -0.17 -8.74
C VAL A 11 16.36 -0.85 -7.71
N GLY A 12 15.05 -0.84 -7.99
CA GLY A 12 14.10 -1.48 -7.09
C GLY A 12 13.19 -2.46 -7.80
N ASN A 13 13.64 -3.72 -7.88
CA ASN A 13 12.87 -4.75 -8.54
C ASN A 13 11.78 -5.30 -7.61
N LEU A 14 10.54 -5.30 -8.10
CA LEU A 14 9.42 -5.79 -7.32
C LEU A 14 8.87 -7.09 -7.89
N ASN A 15 9.40 -8.21 -7.45
CA ASN A 15 8.96 -9.52 -7.93
C ASN A 15 7.55 -9.83 -7.44
N GLN A 16 7.26 -9.44 -6.21
CA GLN A 16 5.94 -9.67 -5.62
C GLN A 16 5.59 -8.58 -4.61
N PRO A 17 4.29 -8.31 -4.47
CA PRO A 17 3.78 -7.30 -3.54
C PRO A 17 3.98 -7.70 -2.07
N ILE A 18 3.54 -6.84 -1.16
CA ILE A 18 3.66 -7.11 0.26
C ILE A 18 2.29 -7.18 0.93
N GLU A 19 2.20 -7.93 2.03
CA GLU A 19 0.95 -8.07 2.76
C GLU A 19 1.03 -7.41 4.12
N VAL A 20 0.06 -6.53 4.40
CA VAL A 20 0.02 -5.83 5.68
C VAL A 20 -1.38 -5.81 6.26
N THR A 21 -1.47 -5.79 7.58
CA THR A 21 -2.76 -5.78 8.27
C THR A 21 -3.07 -4.40 8.84
N ALA A 22 -4.14 -3.78 8.37
CA ALA A 22 -4.53 -2.46 8.84
C ALA A 22 -4.72 -2.46 10.36
N LEU A 23 -3.82 -1.79 11.06
CA LEU A 23 -3.89 -1.72 12.51
C LEU A 23 -5.14 -0.96 12.96
N TYR A 24 -5.53 0.03 12.17
CA TYR A 24 -6.70 0.84 12.49
C TYR A 24 -7.50 1.16 11.22
N SER A 25 -8.70 1.71 11.40
CA SER A 25 -9.56 2.05 10.28
C SER A 25 -9.06 3.32 9.57
N PHE A 26 -9.58 3.57 8.38
CA PHE A 26 -9.19 4.74 7.61
C PHE A 26 -10.21 5.04 6.51
N GLU A 27 -10.24 6.28 6.05
CA GLU A 27 -11.16 6.70 5.01
C GLU A 27 -10.48 7.66 4.04
N GLY A 28 -10.16 7.16 2.85
CA GLY A 28 -9.52 7.99 1.84
C GLY A 28 -10.23 9.32 1.65
N GLN A 29 -9.65 10.38 2.22
CA GLN A 29 -10.24 11.71 2.11
C GLN A 29 -10.15 12.22 0.67
N GLN A 30 -9.07 11.87 -0.01
CA GLN A 30 -8.86 12.30 -1.39
C GLN A 30 -9.49 11.30 -2.36
N PRO A 31 -9.78 11.77 -3.58
CA PRO A 31 -10.38 10.94 -4.63
C PRO A 31 -9.40 9.89 -5.16
N GLY A 32 -8.20 9.87 -4.60
CA GLY A 32 -7.20 8.90 -5.03
C GLY A 32 -6.62 8.11 -3.87
N ASP A 33 -7.38 8.00 -2.80
CA ASP A 33 -6.95 7.26 -1.62
C ASP A 33 -7.58 5.87 -1.58
N LEU A 34 -7.30 5.13 -0.52
CA LEU A 34 -7.84 3.78 -0.35
C LEU A 34 -8.69 3.68 0.91
N ASN A 35 -9.70 2.82 0.88
CA ASN A 35 -10.58 2.64 2.02
C ASN A 35 -10.41 1.24 2.62
N PHE A 36 -10.01 1.18 3.87
CA PHE A 36 -9.80 -0.10 4.56
C PHE A 36 -10.28 -0.01 6.00
N GLN A 37 -10.20 -1.13 6.71
CA GLN A 37 -10.62 -1.20 8.10
C GLN A 37 -9.62 -1.98 8.94
N ALA A 38 -9.58 -1.68 10.24
CA ALA A 38 -8.66 -2.35 11.15
C ALA A 38 -8.76 -3.87 10.99
N GLY A 39 -7.76 -4.46 10.34
CA GLY A 39 -7.76 -5.90 10.14
C GLY A 39 -7.69 -6.27 8.67
N ASP A 40 -8.29 -5.44 7.82
CA ASP A 40 -8.29 -5.69 6.39
C ASP A 40 -6.87 -5.66 5.82
N ARG A 41 -6.51 -6.72 5.11
CA ARG A 41 -5.17 -6.82 4.51
C ARG A 41 -5.08 -5.98 3.25
N ILE A 42 -3.96 -5.28 3.09
CA ILE A 42 -3.75 -4.43 1.92
C ILE A 42 -2.53 -4.89 1.12
N THR A 43 -2.77 -5.28 -0.13
CA THR A 43 -1.70 -5.74 -1.00
C THR A 43 -0.83 -4.58 -1.48
N VAL A 44 0.26 -4.32 -0.76
CA VAL A 44 1.17 -3.25 -1.12
C VAL A 44 1.78 -3.46 -2.49
N ILE A 45 1.50 -2.55 -3.42
CA ILE A 45 2.02 -2.65 -4.77
C ILE A 45 3.19 -1.69 -4.97
N SER A 46 3.09 -0.50 -4.39
CA SER A 46 4.14 0.51 -4.51
C SER A 46 4.32 1.25 -3.20
N LYS A 47 5.42 0.96 -2.51
CA LYS A 47 5.73 1.60 -1.24
C LYS A 47 7.19 2.04 -1.18
N THR A 48 7.50 2.94 -0.25
CA THR A 48 8.86 3.43 -0.10
C THR A 48 9.50 2.88 1.18
N ASP A 49 10.79 3.14 1.35
CA ASP A 49 11.51 2.68 2.52
C ASP A 49 10.93 3.27 3.80
N SER A 50 10.67 4.58 3.78
CA SER A 50 10.11 5.27 4.93
C SER A 50 8.72 4.75 5.26
N HIS A 51 8.39 4.71 6.54
CA HIS A 51 7.09 4.23 6.98
C HIS A 51 6.08 5.38 7.07
N PHE A 52 6.43 6.40 7.84
CA PHE A 52 5.56 7.56 8.01
C PHE A 52 4.91 7.95 6.69
N ASP A 53 5.71 7.93 5.62
CA ASP A 53 5.20 8.29 4.30
C ASP A 53 4.03 7.40 3.90
N TRP A 54 3.23 7.86 2.95
CA TRP A 54 2.08 7.10 2.48
C TRP A 54 2.48 6.11 1.39
N TRP A 55 1.86 4.95 1.40
CA TRP A 55 2.14 3.92 0.42
C TRP A 55 0.93 3.63 -0.45
N GLU A 56 1.12 2.84 -1.50
CA GLU A 56 0.03 2.49 -2.41
C GLU A 56 -0.21 0.98 -2.41
N GLY A 57 -1.37 0.58 -1.92
CA GLY A 57 -1.71 -0.83 -1.87
C GLY A 57 -3.04 -1.14 -2.54
N LYS A 58 -3.44 -2.40 -2.51
CA LYS A 58 -4.69 -2.83 -3.12
C LYS A 58 -5.54 -3.62 -2.13
N LEU A 59 -6.84 -3.35 -2.12
CA LEU A 59 -7.76 -4.04 -1.23
C LEU A 59 -9.10 -4.29 -1.90
N ARG A 60 -9.56 -5.53 -1.87
CA ARG A 60 -10.84 -5.90 -2.48
C ARG A 60 -10.92 -5.36 -3.90
N GLY A 61 -9.78 -5.29 -4.58
CA GLY A 61 -9.76 -4.80 -5.94
C GLY A 61 -9.53 -3.30 -6.01
N GLN A 62 -9.90 -2.60 -4.94
CA GLN A 62 -9.73 -1.15 -4.88
C GLN A 62 -8.26 -0.77 -4.71
N THR A 63 -7.88 0.37 -5.25
CA THR A 63 -6.49 0.84 -5.16
C THR A 63 -6.45 2.29 -4.70
N GLY A 64 -5.44 2.61 -3.87
CA GLY A 64 -5.30 3.96 -3.38
C GLY A 64 -4.13 4.11 -2.42
N ILE A 65 -3.85 5.34 -2.02
CA ILE A 65 -2.74 5.62 -1.10
C ILE A 65 -3.22 5.62 0.34
N PHE A 66 -2.30 5.37 1.26
CA PHE A 66 -2.63 5.35 2.69
C PHE A 66 -1.37 5.40 3.54
N PRO A 67 -1.49 5.94 4.76
CA PRO A 67 -0.38 6.06 5.70
C PRO A 67 0.07 4.70 6.23
N ALA A 68 1.35 4.37 6.01
CA ALA A 68 1.89 3.11 6.47
C ALA A 68 1.79 2.98 7.99
N ASN A 69 1.70 4.12 8.66
CA ASN A 69 1.60 4.15 10.13
C ASN A 69 0.29 3.51 10.58
N TYR A 70 -0.61 3.28 9.63
CA TYR A 70 -1.90 2.67 9.94
C TYR A 70 -1.86 1.16 9.70
N VAL A 71 -0.71 0.67 9.28
CA VAL A 71 -0.53 -0.76 9.02
C VAL A 71 0.77 -1.27 9.61
N THR A 72 0.90 -2.60 9.64
CA THR A 72 2.11 -3.22 10.19
C THR A 72 2.62 -4.33 9.28
N MET A 73 3.94 -4.49 9.24
CA MET A 73 4.56 -5.51 8.41
C MET A 73 4.94 -6.74 9.24
N ASN A 74 4.03 -7.70 9.32
CA ASN A 74 4.27 -8.92 10.09
C ASN A 74 4.90 -9.99 9.21
N SER A 75 5.59 -10.93 9.85
CA SER A 75 6.24 -12.02 9.12
C SER A 75 6.62 -13.15 10.07
N GLY A 76 6.97 -14.30 9.49
CA GLY A 76 7.35 -15.45 10.31
C GLY A 76 6.17 -16.32 10.66
N PRO A 77 6.41 -17.63 10.76
CA PRO A 77 5.36 -18.61 11.10
C PRO A 77 4.90 -18.47 12.55
N SER A 78 3.65 -18.05 12.73
CA SER A 78 3.09 -17.88 14.06
C SER A 78 4.13 -17.33 15.02
N SER A 79 4.90 -16.36 14.56
CA SER A 79 5.94 -15.75 15.38
C SER A 79 5.34 -14.75 16.37
N GLY A 80 5.35 -15.11 17.64
CA GLY A 80 4.81 -14.23 18.67
C GLY A 80 5.66 -13.00 18.90
N GLY A 1 1.81 11.24 -23.37
CA GLY A 1 3.17 11.41 -22.89
C GLY A 1 3.43 12.81 -22.37
N SER A 2 2.56 13.28 -21.47
CA SER A 2 2.70 14.61 -20.91
C SER A 2 3.92 14.69 -19.99
N SER A 3 4.25 15.91 -19.57
CA SER A 3 5.40 16.13 -18.71
C SER A 3 5.20 15.45 -17.35
N GLY A 4 6.14 14.60 -16.98
CA GLY A 4 6.05 13.89 -15.71
C GLY A 4 7.12 14.33 -14.73
N SER A 5 6.71 14.66 -13.51
CA SER A 5 7.64 15.09 -12.48
C SER A 5 8.10 13.91 -11.63
N SER A 6 9.32 13.44 -11.88
CA SER A 6 9.86 12.31 -11.14
C SER A 6 11.31 12.57 -10.75
N GLY A 7 11.55 12.74 -9.44
CA GLY A 7 12.89 12.99 -8.96
C GLY A 7 13.78 11.77 -9.02
N HIS A 8 14.37 11.42 -7.88
CA HIS A 8 15.25 10.25 -7.80
C HIS A 8 14.64 9.18 -6.90
N GLU A 9 13.73 8.39 -7.46
CA GLU A 9 13.08 7.33 -6.70
C GLU A 9 13.86 6.02 -6.81
N ARG A 10 14.80 5.82 -5.89
CA ARG A 10 15.61 4.62 -5.88
C ARG A 10 15.18 3.67 -4.76
N VAL A 11 13.88 3.51 -4.60
CA VAL A 11 13.34 2.64 -3.57
C VAL A 11 13.61 1.17 -3.88
N GLY A 12 13.40 0.79 -5.14
CA GLY A 12 13.62 -0.58 -5.56
C GLY A 12 12.34 -1.28 -5.95
N ASN A 13 12.36 -1.97 -7.08
CA ASN A 13 11.19 -2.68 -7.56
C ASN A 13 11.00 -3.98 -6.80
N LEU A 14 9.75 -4.29 -6.47
CA LEU A 14 9.43 -5.51 -5.74
C LEU A 14 8.67 -6.49 -6.62
N ASN A 15 9.41 -7.40 -7.26
CA ASN A 15 8.80 -8.40 -8.13
C ASN A 15 7.45 -8.85 -7.59
N GLN A 16 7.42 -9.21 -6.31
CA GLN A 16 6.19 -9.66 -5.68
C GLN A 16 5.70 -8.64 -4.66
N PRO A 17 4.37 -8.49 -4.56
CA PRO A 17 3.74 -7.55 -3.62
C PRO A 17 3.90 -7.98 -2.17
N ILE A 18 3.43 -7.14 -1.26
CA ILE A 18 3.53 -7.43 0.17
C ILE A 18 2.15 -7.40 0.82
N GLU A 19 2.02 -8.08 1.96
CA GLU A 19 0.76 -8.13 2.68
C GLU A 19 0.88 -7.45 4.04
N VAL A 20 0.06 -6.44 4.27
CA VAL A 20 0.07 -5.71 5.53
C VAL A 20 -1.31 -5.70 6.19
N THR A 21 -1.33 -5.77 7.52
CA THR A 21 -2.58 -5.77 8.26
C THR A 21 -2.89 -4.38 8.81
N ALA A 22 -4.03 -3.85 8.42
CA ALA A 22 -4.45 -2.52 8.88
C ALA A 22 -4.66 -2.51 10.39
N LEU A 23 -3.79 -1.79 11.10
CA LEU A 23 -3.89 -1.69 12.55
C LEU A 23 -5.10 -0.88 12.97
N TYR A 24 -5.50 0.06 12.11
CA TYR A 24 -6.64 0.92 12.40
C TYR A 24 -7.44 1.20 11.13
N SER A 25 -8.72 1.54 11.30
CA SER A 25 -9.58 1.84 10.16
C SER A 25 -9.21 3.17 9.52
N PHE A 26 -9.48 3.32 8.23
CA PHE A 26 -9.17 4.54 7.51
C PHE A 26 -10.21 4.79 6.41
N GLU A 27 -10.26 6.03 5.94
CA GLU A 27 -11.20 6.41 4.88
C GLU A 27 -10.58 7.43 3.94
N GLY A 28 -10.25 6.99 2.73
CA GLY A 28 -9.66 7.89 1.76
C GLY A 28 -10.43 9.19 1.61
N GLN A 29 -9.91 10.26 2.21
CA GLN A 29 -10.56 11.55 2.15
C GLN A 29 -10.55 12.11 0.73
N GLN A 30 -9.51 11.75 -0.02
CA GLN A 30 -9.37 12.21 -1.40
C GLN A 30 -9.92 11.17 -2.37
N PRO A 31 -10.28 11.63 -3.59
CA PRO A 31 -10.81 10.76 -4.63
C PRO A 31 -9.77 9.81 -5.19
N GLY A 32 -8.53 9.93 -4.71
CA GLY A 32 -7.46 9.07 -5.16
C GLY A 32 -6.81 8.30 -4.03
N ASP A 33 -7.56 8.09 -2.95
CA ASP A 33 -7.05 7.37 -1.80
C ASP A 33 -7.68 5.98 -1.70
N LEU A 34 -7.32 5.25 -0.64
CA LEU A 34 -7.85 3.91 -0.44
C LEU A 34 -8.61 3.82 0.89
N ASN A 35 -9.69 3.05 0.89
CA ASN A 35 -10.50 2.87 2.10
C ASN A 35 -10.36 1.45 2.65
N PHE A 36 -9.93 1.35 3.90
CA PHE A 36 -9.76 0.06 4.55
C PHE A 36 -10.21 0.11 6.01
N GLN A 37 -10.20 -1.04 6.66
CA GLN A 37 -10.62 -1.13 8.06
C GLN A 37 -9.55 -1.82 8.90
N ALA A 38 -9.61 -1.61 10.21
CA ALA A 38 -8.65 -2.22 11.13
C ALA A 38 -8.71 -3.74 11.05
N GLY A 39 -7.72 -4.33 10.39
CA GLY A 39 -7.68 -5.78 10.25
C GLY A 39 -7.58 -6.22 8.80
N ASP A 40 -8.20 -5.45 7.91
CA ASP A 40 -8.18 -5.78 6.49
C ASP A 40 -6.76 -5.82 5.96
N ARG A 41 -6.48 -6.79 5.11
CA ARG A 41 -5.14 -6.94 4.52
C ARG A 41 -5.03 -6.16 3.22
N ILE A 42 -4.00 -5.32 3.13
CA ILE A 42 -3.78 -4.50 1.95
C ILE A 42 -2.56 -5.01 1.17
N THR A 43 -2.75 -5.24 -0.12
CA THR A 43 -1.66 -5.72 -0.98
C THR A 43 -0.77 -4.57 -1.42
N VAL A 44 0.37 -4.42 -0.73
CA VAL A 44 1.32 -3.37 -1.05
C VAL A 44 1.92 -3.56 -2.44
N ILE A 45 1.64 -2.62 -3.34
CA ILE A 45 2.15 -2.69 -4.70
C ILE A 45 3.28 -1.70 -4.91
N SER A 46 3.19 -0.54 -4.27
CA SER A 46 4.20 0.49 -4.40
C SER A 46 4.41 1.21 -3.07
N LYS A 47 5.53 0.94 -2.42
CA LYS A 47 5.85 1.57 -1.14
C LYS A 47 7.32 1.97 -1.08
N THR A 48 7.68 2.73 -0.05
CA THR A 48 9.06 3.19 0.12
C THR A 48 9.67 2.63 1.41
N ASP A 49 10.91 3.00 1.67
CA ASP A 49 11.61 2.53 2.86
C ASP A 49 11.03 3.18 4.12
N SER A 50 10.77 4.47 4.04
CA SER A 50 10.21 5.21 5.18
C SER A 50 8.80 4.73 5.49
N HIS A 51 8.45 4.74 6.77
CA HIS A 51 7.12 4.31 7.21
C HIS A 51 6.14 5.48 7.18
N PHE A 52 6.40 6.50 7.98
CA PHE A 52 5.54 7.67 8.05
C PHE A 52 4.98 8.01 6.68
N ASP A 53 5.82 7.89 5.65
CA ASP A 53 5.40 8.19 4.28
C ASP A 53 4.19 7.35 3.89
N TRP A 54 3.44 7.83 2.90
CA TRP A 54 2.26 7.12 2.43
C TRP A 54 2.62 6.10 1.35
N TRP A 55 2.01 4.92 1.43
CA TRP A 55 2.26 3.86 0.47
C TRP A 55 1.04 3.61 -0.40
N GLU A 56 1.20 2.76 -1.40
CA GLU A 56 0.10 2.43 -2.31
C GLU A 56 -0.17 0.93 -2.31
N GLY A 57 -1.37 0.55 -1.87
CA GLY A 57 -1.74 -0.85 -1.83
C GLY A 57 -3.07 -1.13 -2.50
N LYS A 58 -3.49 -2.38 -2.48
CA LYS A 58 -4.76 -2.77 -3.09
C LYS A 58 -5.65 -3.51 -2.09
N LEU A 59 -6.91 -3.11 -2.02
CA LEU A 59 -7.86 -3.73 -1.11
C LEU A 59 -9.25 -3.79 -1.72
N ARG A 60 -9.98 -4.85 -1.43
CA ARG A 60 -11.33 -5.04 -1.95
C ARG A 60 -11.38 -4.71 -3.44
N GLY A 61 -10.35 -5.15 -4.17
CA GLY A 61 -10.30 -4.90 -5.60
C GLY A 61 -10.21 -3.43 -5.93
N GLN A 62 -9.49 -2.68 -5.09
CA GLN A 62 -9.33 -1.25 -5.30
C GLN A 62 -7.87 -0.84 -5.17
N THR A 63 -7.58 0.42 -5.47
CA THR A 63 -6.22 0.93 -5.40
C THR A 63 -6.20 2.37 -4.91
N GLY A 64 -5.22 2.70 -4.07
CA GLY A 64 -5.12 4.05 -3.54
C GLY A 64 -3.93 4.21 -2.61
N ILE A 65 -3.80 5.41 -2.03
CA ILE A 65 -2.70 5.69 -1.13
C ILE A 65 -3.18 5.71 0.33
N PHE A 66 -2.27 5.38 1.25
CA PHE A 66 -2.60 5.36 2.66
C PHE A 66 -1.33 5.39 3.51
N PRO A 67 -1.46 5.93 4.73
CA PRO A 67 -0.33 6.04 5.68
C PRO A 67 0.10 4.69 6.22
N ALA A 68 1.37 4.36 6.01
CA ALA A 68 1.92 3.09 6.49
C ALA A 68 1.77 2.96 8.00
N ASN A 69 1.62 4.09 8.68
CA ASN A 69 1.47 4.10 10.13
C ASN A 69 0.17 3.41 10.55
N TYR A 70 -0.74 3.24 9.58
CA TYR A 70 -2.02 2.59 9.86
C TYR A 70 -1.93 1.09 9.61
N VAL A 71 -0.76 0.63 9.18
CA VAL A 71 -0.55 -0.79 8.92
C VAL A 71 0.74 -1.29 9.57
N THR A 72 0.98 -2.59 9.46
CA THR A 72 2.17 -3.19 10.05
C THR A 72 2.72 -4.30 9.16
N MET A 73 4.02 -4.25 8.89
CA MET A 73 4.66 -5.26 8.05
C MET A 73 5.43 -6.26 8.91
N ASN A 74 4.80 -6.73 9.97
CA ASN A 74 5.41 -7.70 10.88
C ASN A 74 4.93 -9.11 10.58
N SER A 75 5.77 -10.10 10.86
CA SER A 75 5.43 -11.49 10.61
C SER A 75 5.93 -12.38 11.75
N GLY A 76 5.23 -13.48 11.98
CA GLY A 76 5.63 -14.40 13.03
C GLY A 76 4.82 -15.69 13.02
N PRO A 77 4.78 -16.38 14.16
CA PRO A 77 4.04 -17.64 14.31
C PRO A 77 2.53 -17.43 14.27
N SER A 78 1.85 -18.25 13.46
CA SER A 78 0.40 -18.15 13.33
C SER A 78 -0.24 -17.74 14.66
N SER A 79 -0.80 -16.54 14.69
CA SER A 79 -1.44 -16.03 15.90
C SER A 79 -2.71 -15.25 15.56
N GLY A 80 -3.71 -15.36 16.42
CA GLY A 80 -4.96 -14.66 16.19
C GLY A 80 -5.51 -14.91 14.80
N GLY A 1 16.10 1.27 -32.35
CA GLY A 1 16.70 1.11 -33.65
C GLY A 1 18.21 0.93 -33.59
N SER A 2 18.94 1.84 -34.21
CA SER A 2 20.40 1.78 -34.22
C SER A 2 20.99 2.62 -33.09
N SER A 3 20.65 3.90 -33.08
CA SER A 3 21.15 4.81 -32.05
C SER A 3 20.47 4.56 -30.72
N GLY A 4 19.15 4.44 -30.74
CA GLY A 4 18.40 4.20 -29.52
C GLY A 4 18.49 5.36 -28.54
N SER A 5 17.49 6.22 -28.57
CA SER A 5 17.47 7.39 -27.68
C SER A 5 17.21 6.96 -26.24
N SER A 6 16.06 6.31 -26.01
CA SER A 6 15.70 5.85 -24.69
C SER A 6 16.65 4.76 -24.20
N GLY A 7 17.24 4.97 -23.03
CA GLY A 7 18.17 4.01 -22.47
C GLY A 7 18.28 4.11 -20.96
N HIS A 8 17.14 4.27 -20.29
CA HIS A 8 17.11 4.38 -18.84
C HIS A 8 16.39 3.19 -18.21
N GLU A 9 16.92 2.69 -17.11
CA GLU A 9 16.32 1.56 -16.41
C GLU A 9 15.63 2.00 -15.13
N ARG A 10 14.41 2.53 -15.28
CA ARG A 10 13.64 3.00 -14.15
C ARG A 10 13.82 2.08 -12.94
N VAL A 11 14.54 2.55 -11.94
CA VAL A 11 14.78 1.77 -10.74
C VAL A 11 13.49 1.48 -9.99
N GLY A 12 13.17 0.20 -9.84
CA GLY A 12 11.95 -0.19 -9.15
C GLY A 12 11.39 -1.50 -9.66
N ASN A 13 12.26 -2.50 -9.79
CA ASN A 13 11.85 -3.81 -10.27
C ASN A 13 11.30 -4.66 -9.13
N LEU A 14 9.98 -4.80 -9.09
CA LEU A 14 9.32 -5.59 -8.04
C LEU A 14 9.14 -7.03 -8.49
N ASN A 15 9.12 -7.95 -7.53
CA ASN A 15 8.94 -9.37 -7.82
C ASN A 15 7.64 -9.89 -7.21
N GLN A 16 7.32 -9.41 -6.01
CA GLN A 16 6.10 -9.84 -5.32
C GLN A 16 5.64 -8.77 -4.33
N PRO A 17 4.32 -8.59 -4.22
CA PRO A 17 3.73 -7.61 -3.32
C PRO A 17 3.89 -8.00 -1.85
N ILE A 18 3.45 -7.13 -0.96
CA ILE A 18 3.55 -7.39 0.48
C ILE A 18 2.17 -7.34 1.13
N GLU A 19 1.99 -8.17 2.16
CA GLU A 19 0.72 -8.22 2.88
C GLU A 19 0.83 -7.54 4.24
N VAL A 20 -0.01 -6.52 4.45
CA VAL A 20 -0.01 -5.79 5.70
C VAL A 20 -1.41 -5.75 6.32
N THR A 21 -1.45 -5.69 7.65
CA THR A 21 -2.72 -5.64 8.36
C THR A 21 -2.99 -4.25 8.91
N ALA A 22 -4.11 -3.66 8.50
CA ALA A 22 -4.49 -2.33 8.95
C ALA A 22 -4.71 -2.30 10.46
N LEU A 23 -3.78 -1.68 11.17
CA LEU A 23 -3.87 -1.58 12.62
C LEU A 23 -5.12 -0.83 13.04
N TYR A 24 -5.55 0.12 12.21
CA TYR A 24 -6.74 0.91 12.49
C TYR A 24 -7.52 1.20 11.21
N SER A 25 -8.76 1.66 11.38
CA SER A 25 -9.62 1.98 10.24
C SER A 25 -9.19 3.29 9.59
N PHE A 26 -9.56 3.47 8.33
CA PHE A 26 -9.23 4.68 7.59
C PHE A 26 -10.19 4.90 6.43
N GLU A 27 -10.37 6.16 6.04
CA GLU A 27 -11.27 6.51 4.96
C GLU A 27 -10.65 7.59 4.07
N GLY A 28 -10.22 7.19 2.87
CA GLY A 28 -9.63 8.13 1.94
C GLY A 28 -10.41 9.42 1.83
N GLN A 29 -9.94 10.47 2.50
CA GLN A 29 -10.61 11.76 2.48
C GLN A 29 -10.39 12.46 1.15
N GLN A 30 -9.28 12.15 0.50
CA GLN A 30 -8.94 12.75 -0.79
C GLN A 30 -9.21 11.77 -1.94
N PRO A 31 -9.42 12.32 -3.14
CA PRO A 31 -9.68 11.52 -4.34
C PRO A 31 -8.45 10.73 -4.80
N GLY A 32 -8.58 9.41 -4.80
CA GLY A 32 -7.48 8.56 -5.21
C GLY A 32 -6.96 7.69 -4.09
N ASP A 33 -7.21 8.11 -2.85
CA ASP A 33 -6.77 7.36 -1.68
C ASP A 33 -7.41 5.97 -1.65
N LEU A 34 -7.15 5.23 -0.58
CA LEU A 34 -7.70 3.89 -0.43
C LEU A 34 -8.56 3.79 0.83
N ASN A 35 -9.52 2.88 0.80
CA ASN A 35 -10.42 2.69 1.94
C ASN A 35 -10.26 1.28 2.52
N PHE A 36 -9.89 1.23 3.80
CA PHE A 36 -9.69 -0.05 4.48
C PHE A 36 -10.18 0.03 5.93
N GLN A 37 -10.17 -1.11 6.61
CA GLN A 37 -10.61 -1.17 8.00
C GLN A 37 -9.59 -1.89 8.87
N ALA A 38 -9.64 -1.62 10.17
CA ALA A 38 -8.71 -2.25 11.11
C ALA A 38 -8.72 -3.77 10.95
N GLY A 39 -7.67 -4.31 10.33
CA GLY A 39 -7.59 -5.73 10.13
C GLY A 39 -7.50 -6.12 8.67
N ASP A 40 -8.22 -5.37 7.82
CA ASP A 40 -8.22 -5.63 6.39
C ASP A 40 -6.80 -5.69 5.84
N ARG A 41 -6.49 -6.75 5.12
CA ARG A 41 -5.16 -6.92 4.53
C ARG A 41 -5.03 -6.14 3.22
N ILE A 42 -3.98 -5.34 3.13
CA ILE A 42 -3.74 -4.53 1.94
C ILE A 42 -2.53 -5.04 1.16
N THR A 43 -2.72 -5.29 -0.13
CA THR A 43 -1.63 -5.77 -0.98
C THR A 43 -0.73 -4.63 -1.42
N VAL A 44 0.40 -4.48 -0.74
CA VAL A 44 1.36 -3.42 -1.07
C VAL A 44 1.95 -3.63 -2.46
N ILE A 45 1.66 -2.70 -3.36
CA ILE A 45 2.16 -2.78 -4.73
C ILE A 45 3.32 -1.81 -4.94
N SER A 46 3.21 -0.63 -4.34
CA SER A 46 4.24 0.39 -4.47
C SER A 46 4.38 1.19 -3.18
N LYS A 47 5.55 1.08 -2.55
CA LYS A 47 5.81 1.80 -1.31
C LYS A 47 7.22 2.40 -1.31
N THR A 48 7.55 3.09 -0.24
CA THR A 48 8.86 3.73 -0.12
C THR A 48 9.61 3.23 1.12
N ASP A 49 10.88 3.60 1.24
CA ASP A 49 11.70 3.19 2.37
C ASP A 49 11.39 4.03 3.60
N SER A 50 10.09 4.19 3.89
CA SER A 50 9.66 4.97 5.04
C SER A 50 8.21 4.67 5.40
N HIS A 51 7.93 4.58 6.69
CA HIS A 51 6.58 4.29 7.17
C HIS A 51 5.73 5.56 7.18
N PHE A 52 6.22 6.59 7.86
CA PHE A 52 5.51 7.86 7.95
C PHE A 52 4.90 8.24 6.61
N ASP A 53 5.63 7.99 5.53
CA ASP A 53 5.17 8.31 4.19
C ASP A 53 3.97 7.44 3.81
N TRP A 54 3.25 7.85 2.78
CA TRP A 54 2.08 7.12 2.31
C TRP A 54 2.46 6.12 1.23
N TRP A 55 1.91 4.90 1.34
CA TRP A 55 2.19 3.85 0.37
C TRP A 55 0.97 3.56 -0.49
N GLU A 56 1.16 2.76 -1.54
CA GLU A 56 0.06 2.42 -2.44
C GLU A 56 -0.20 0.91 -2.41
N GLY A 57 -1.38 0.53 -1.93
CA GLY A 57 -1.73 -0.87 -1.86
C GLY A 57 -3.07 -1.18 -2.52
N LYS A 58 -3.43 -2.44 -2.55
CA LYS A 58 -4.70 -2.86 -3.16
C LYS A 58 -5.53 -3.66 -2.16
N LEU A 59 -6.83 -3.38 -2.13
CA LEU A 59 -7.74 -4.07 -1.23
C LEU A 59 -9.09 -4.33 -1.91
N ARG A 60 -9.54 -5.57 -1.85
CA ARG A 60 -10.81 -5.95 -2.46
C ARG A 60 -10.94 -5.36 -3.87
N GLY A 61 -9.86 -5.45 -4.63
CA GLY A 61 -9.87 -4.92 -5.99
C GLY A 61 -9.62 -3.42 -6.03
N GLN A 62 -9.91 -2.74 -4.93
CA GLN A 62 -9.72 -1.31 -4.85
C GLN A 62 -8.24 -0.97 -4.73
N THR A 63 -7.87 0.27 -5.06
CA THR A 63 -6.50 0.71 -4.99
C THR A 63 -6.41 2.19 -4.60
N GLY A 64 -5.42 2.53 -3.79
CA GLY A 64 -5.25 3.90 -3.36
C GLY A 64 -4.07 4.06 -2.40
N ILE A 65 -3.78 5.31 -2.03
CA ILE A 65 -2.68 5.60 -1.12
C ILE A 65 -3.15 5.60 0.33
N PHE A 66 -2.23 5.30 1.24
CA PHE A 66 -2.56 5.27 2.66
C PHE A 66 -1.29 5.30 3.51
N PRO A 67 -1.40 5.84 4.73
CA PRO A 67 -0.27 5.94 5.66
C PRO A 67 0.17 4.58 6.20
N ALA A 68 1.44 4.24 5.98
CA ALA A 68 1.98 2.97 6.44
C ALA A 68 1.86 2.84 7.94
N ASN A 69 1.68 3.97 8.63
CA ASN A 69 1.56 3.98 10.08
C ASN A 69 0.24 3.35 10.51
N TYR A 70 -0.68 3.19 9.56
CA TYR A 70 -1.99 2.61 9.85
C TYR A 70 -1.96 1.10 9.65
N VAL A 71 -0.87 0.61 9.06
CA VAL A 71 -0.73 -0.82 8.80
C VAL A 71 0.59 -1.35 9.38
N THR A 72 0.85 -2.64 9.17
CA THR A 72 2.07 -3.26 9.65
C THR A 72 2.50 -4.42 8.76
N MET A 73 3.79 -4.49 8.48
CA MET A 73 4.33 -5.55 7.62
C MET A 73 5.17 -6.53 8.45
N ASN A 74 4.81 -6.69 9.72
CA ASN A 74 5.53 -7.59 10.61
C ASN A 74 6.03 -8.82 9.85
N SER A 75 7.25 -9.24 10.15
CA SER A 75 7.84 -10.41 9.50
C SER A 75 7.61 -11.67 10.32
N GLY A 76 6.96 -12.66 9.70
CA GLY A 76 6.68 -13.90 10.40
C GLY A 76 5.45 -14.60 9.86
N PRO A 77 4.84 -15.46 10.69
CA PRO A 77 3.64 -16.21 10.31
C PRO A 77 2.41 -15.31 10.20
N SER A 78 1.43 -15.76 9.42
CA SER A 78 0.20 -14.99 9.24
C SER A 78 -0.79 -15.27 10.35
N SER A 79 -1.80 -14.41 10.47
CA SER A 79 -2.81 -14.56 11.50
C SER A 79 -3.95 -15.46 11.02
N GLY A 80 -4.51 -16.25 11.94
CA GLY A 80 -5.60 -17.14 11.59
C GLY A 80 -6.69 -17.16 12.64
N GLY A 1 12.19 29.27 -14.47
CA GLY A 1 11.22 29.49 -13.41
C GLY A 1 10.58 28.19 -12.94
N SER A 2 11.39 27.31 -12.37
CA SER A 2 10.90 26.03 -11.87
C SER A 2 11.84 25.46 -10.81
N SER A 3 11.43 24.35 -10.21
CA SER A 3 12.24 23.70 -9.17
C SER A 3 13.23 22.72 -9.78
N GLY A 4 14.51 22.91 -9.48
CA GLY A 4 15.54 22.04 -10.01
C GLY A 4 16.82 22.09 -9.19
N SER A 5 17.03 21.08 -8.37
CA SER A 5 18.22 21.02 -7.53
C SER A 5 18.80 19.61 -7.50
N SER A 6 20.12 19.51 -7.53
CA SER A 6 20.81 18.23 -7.52
C SER A 6 20.21 17.31 -6.45
N GLY A 7 19.75 16.14 -6.88
CA GLY A 7 19.16 15.19 -5.96
C GLY A 7 19.04 13.80 -6.55
N HIS A 8 18.40 12.89 -5.81
CA HIS A 8 18.21 11.52 -6.27
C HIS A 8 16.75 11.09 -6.14
N GLU A 9 16.42 9.98 -6.77
CA GLU A 9 15.05 9.46 -6.72
C GLU A 9 15.01 8.10 -6.02
N ARG A 10 13.80 7.57 -5.84
CA ARG A 10 13.63 6.28 -5.19
C ARG A 10 13.21 5.21 -6.20
N VAL A 11 14.13 4.32 -6.54
CA VAL A 11 13.85 3.26 -7.49
C VAL A 11 13.73 1.90 -6.79
N GLY A 12 12.87 1.05 -7.32
CA GLY A 12 12.67 -0.27 -6.73
C GLY A 12 11.50 -1.01 -7.33
N ASN A 13 11.77 -2.14 -7.98
CA ASN A 13 10.72 -2.94 -8.60
C ASN A 13 10.58 -4.28 -7.90
N LEU A 14 9.45 -4.47 -7.22
CA LEU A 14 9.18 -5.71 -6.51
C LEU A 14 8.19 -6.58 -7.28
N ASN A 15 8.71 -7.61 -7.94
CA ASN A 15 7.86 -8.52 -8.71
C ASN A 15 6.51 -8.71 -8.04
N GLN A 16 6.52 -9.20 -6.81
CA GLN A 16 5.29 -9.43 -6.06
C GLN A 16 5.11 -8.37 -4.97
N PRO A 17 3.86 -7.98 -4.73
CA PRO A 17 3.52 -6.97 -3.71
C PRO A 17 3.73 -7.48 -2.29
N ILE A 18 3.32 -6.70 -1.31
CA ILE A 18 3.46 -7.07 0.09
C ILE A 18 2.11 -7.12 0.78
N GLU A 19 2.06 -7.79 1.93
CA GLU A 19 0.82 -7.91 2.69
C GLU A 19 0.96 -7.23 4.06
N VAL A 20 0.09 -6.27 4.32
CA VAL A 20 0.11 -5.54 5.59
C VAL A 20 -1.28 -5.53 6.23
N THR A 21 -1.30 -5.67 7.56
CA THR A 21 -2.55 -5.67 8.30
C THR A 21 -2.86 -4.30 8.87
N ALA A 22 -3.98 -3.72 8.46
CA ALA A 22 -4.39 -2.41 8.94
C ALA A 22 -4.61 -2.41 10.44
N LEU A 23 -3.71 -1.77 11.17
CA LEU A 23 -3.82 -1.70 12.62
C LEU A 23 -5.04 -0.90 13.05
N TYR A 24 -5.45 0.04 12.20
CA TYR A 24 -6.61 0.88 12.49
C TYR A 24 -7.42 1.14 11.22
N SER A 25 -8.61 1.71 11.39
CA SER A 25 -9.48 2.01 10.26
C SER A 25 -9.01 3.28 9.54
N PHE A 26 -9.48 3.47 8.32
CA PHE A 26 -9.12 4.63 7.52
C PHE A 26 -10.23 5.00 6.54
N GLU A 27 -10.14 6.21 5.99
CA GLU A 27 -11.15 6.68 5.04
C GLU A 27 -10.54 7.69 4.08
N GLY A 28 -10.40 7.29 2.81
CA GLY A 28 -9.84 8.18 1.81
C GLY A 28 -10.63 9.46 1.66
N GLN A 29 -9.96 10.59 1.90
CA GLN A 29 -10.61 11.89 1.78
C GLN A 29 -10.64 12.36 0.34
N GLN A 30 -9.65 11.93 -0.44
CA GLN A 30 -9.57 12.31 -1.85
C GLN A 30 -10.06 11.18 -2.75
N PRO A 31 -10.42 11.54 -3.99
CA PRO A 31 -10.91 10.57 -4.98
C PRO A 31 -9.82 9.63 -5.46
N GLY A 32 -8.63 9.78 -4.90
CA GLY A 32 -7.52 8.92 -5.28
C GLY A 32 -6.90 8.20 -4.10
N ASP A 33 -7.71 7.99 -3.05
CA ASP A 33 -7.23 7.32 -1.85
C ASP A 33 -7.79 5.90 -1.77
N LEU A 34 -7.50 5.22 -0.67
CA LEU A 34 -7.98 3.85 -0.46
C LEU A 34 -8.82 3.75 0.81
N ASN A 35 -9.73 2.78 0.84
CA ASN A 35 -10.59 2.58 2.00
C ASN A 35 -10.38 1.20 2.60
N PHE A 36 -9.95 1.15 3.85
CA PHE A 36 -9.70 -0.11 4.54
C PHE A 36 -10.18 -0.04 5.99
N GLN A 37 -10.10 -1.17 6.69
CA GLN A 37 -10.52 -1.23 8.08
C GLN A 37 -9.47 -1.94 8.93
N ALA A 38 -9.58 -1.79 10.24
CA ALA A 38 -8.65 -2.41 11.18
C ALA A 38 -8.67 -3.93 11.03
N GLY A 39 -7.65 -4.47 10.38
CA GLY A 39 -7.57 -5.92 10.19
C GLY A 39 -7.53 -6.31 8.73
N ASP A 40 -8.09 -5.46 7.88
CA ASP A 40 -8.12 -5.73 6.44
C ASP A 40 -6.70 -5.73 5.87
N ARG A 41 -6.37 -6.79 5.13
CA ARG A 41 -5.05 -6.91 4.53
C ARG A 41 -4.96 -6.09 3.24
N ILE A 42 -3.94 -5.25 3.16
CA ILE A 42 -3.74 -4.40 1.99
C ILE A 42 -2.53 -4.86 1.18
N THR A 43 -2.76 -5.24 -0.06
CA THR A 43 -1.68 -5.70 -0.95
C THR A 43 -0.84 -4.52 -1.44
N VAL A 44 0.29 -4.29 -0.78
CA VAL A 44 1.18 -3.20 -1.15
C VAL A 44 1.81 -3.45 -2.52
N ILE A 45 1.56 -2.53 -3.45
CA ILE A 45 2.09 -2.65 -4.80
C ILE A 45 3.27 -1.70 -5.01
N SER A 46 3.17 -0.51 -4.41
CA SER A 46 4.23 0.48 -4.53
C SER A 46 4.39 1.27 -3.23
N LYS A 47 5.48 0.99 -2.51
CA LYS A 47 5.75 1.67 -1.25
C LYS A 47 7.21 2.09 -1.16
N THR A 48 7.60 2.66 -0.02
CA THR A 48 8.96 3.11 0.18
C THR A 48 9.56 2.49 1.44
N ASP A 49 10.88 2.41 1.48
CA ASP A 49 11.58 1.84 2.63
C ASP A 49 11.72 2.87 3.75
N SER A 50 10.60 3.31 4.28
CA SER A 50 10.60 4.30 5.36
C SER A 50 9.18 4.52 5.90
N HIS A 51 9.06 4.53 7.23
CA HIS A 51 7.76 4.73 7.87
C HIS A 51 7.36 6.19 7.82
N PHE A 52 6.20 6.50 8.41
CA PHE A 52 5.70 7.87 8.44
C PHE A 52 5.52 8.40 7.03
N ASP A 53 5.18 7.51 6.09
CA ASP A 53 4.97 7.89 4.70
C ASP A 53 3.76 7.16 4.11
N TRP A 54 3.18 7.74 3.07
CA TRP A 54 2.02 7.14 2.42
C TRP A 54 2.46 6.16 1.33
N TRP A 55 1.88 4.96 1.36
CA TRP A 55 2.21 3.94 0.38
C TRP A 55 1.01 3.63 -0.51
N GLU A 56 1.23 2.84 -1.55
CA GLU A 56 0.17 2.47 -2.48
C GLU A 56 -0.11 0.98 -2.43
N GLY A 57 -1.30 0.62 -1.95
CA GLY A 57 -1.67 -0.78 -1.85
C GLY A 57 -3.01 -1.07 -2.51
N LYS A 58 -3.42 -2.33 -2.47
CA LYS A 58 -4.68 -2.74 -3.08
C LYS A 58 -5.53 -3.54 -2.10
N LEU A 59 -6.83 -3.29 -2.10
CA LEU A 59 -7.74 -4.00 -1.20
C LEU A 59 -9.05 -4.31 -1.90
N ARG A 60 -9.48 -5.57 -1.83
CA ARG A 60 -10.71 -6.01 -2.47
C ARG A 60 -10.81 -5.47 -3.89
N GLY A 61 -9.67 -5.40 -4.57
CA GLY A 61 -9.65 -4.89 -5.93
C GLY A 61 -9.40 -3.40 -6.01
N GLN A 62 -9.82 -2.69 -4.96
CA GLN A 62 -9.64 -1.24 -4.92
C GLN A 62 -8.16 -0.87 -4.81
N THR A 63 -7.85 0.39 -5.10
CA THR A 63 -6.48 0.86 -5.04
C THR A 63 -6.42 2.33 -4.63
N GLY A 64 -5.42 2.68 -3.84
CA GLY A 64 -5.27 4.05 -3.39
C GLY A 64 -4.05 4.25 -2.51
N ILE A 65 -3.93 5.43 -1.91
CA ILE A 65 -2.81 5.74 -1.05
C ILE A 65 -3.23 5.77 0.42
N PHE A 66 -2.32 5.38 1.30
CA PHE A 66 -2.60 5.37 2.73
C PHE A 66 -1.29 5.41 3.53
N PRO A 67 -1.38 5.98 4.75
CA PRO A 67 -0.23 6.10 5.65
C PRO A 67 0.23 4.74 6.19
N ALA A 68 1.49 4.41 5.98
CA ALA A 68 2.05 3.15 6.45
C ALA A 68 1.88 3.00 7.96
N ASN A 69 1.90 4.14 8.66
CA ASN A 69 1.75 4.14 10.11
C ASN A 69 0.42 3.53 10.53
N TYR A 70 -0.50 3.44 9.57
CA TYR A 70 -1.82 2.88 9.84
C TYR A 70 -1.83 1.37 9.60
N VAL A 71 -0.67 0.83 9.20
CA VAL A 71 -0.54 -0.59 8.94
C VAL A 71 0.74 -1.15 9.55
N THR A 72 0.87 -2.48 9.54
CA THR A 72 2.05 -3.14 10.10
C THR A 72 2.55 -4.22 9.16
N MET A 73 3.74 -4.75 9.46
CA MET A 73 4.33 -5.80 8.65
C MET A 73 4.80 -6.96 9.51
N ASN A 74 3.97 -7.36 10.47
CA ASN A 74 4.31 -8.45 11.37
C ASN A 74 4.53 -9.74 10.58
N SER A 75 5.79 -10.15 10.48
CA SER A 75 6.16 -11.36 9.76
C SER A 75 6.21 -12.56 10.71
N GLY A 76 6.40 -13.75 10.14
CA GLY A 76 6.46 -14.95 10.94
C GLY A 76 5.10 -15.42 11.41
N PRO A 77 4.93 -16.74 11.51
CA PRO A 77 3.67 -17.35 11.94
C PRO A 77 3.39 -17.10 13.42
N SER A 78 4.36 -16.55 14.12
CA SER A 78 4.21 -16.26 15.55
C SER A 78 3.20 -15.15 15.77
N SER A 79 2.70 -15.05 17.00
CA SER A 79 1.71 -14.04 17.35
C SER A 79 2.07 -13.35 18.66
N GLY A 80 2.35 -14.15 19.68
CA GLY A 80 2.71 -13.61 20.98
C GLY A 80 1.75 -14.03 22.07
N GLY A 1 -2.46 20.06 -15.00
CA GLY A 1 -1.87 18.90 -14.36
C GLY A 1 -0.36 18.87 -14.53
N SER A 2 0.21 17.68 -14.63
CA SER A 2 1.65 17.51 -14.78
C SER A 2 1.99 16.11 -15.27
N SER A 3 2.69 16.04 -16.40
CA SER A 3 3.07 14.76 -16.98
C SER A 3 4.59 14.56 -16.91
N GLY A 4 5.01 13.65 -16.05
CA GLY A 4 6.43 13.38 -15.89
C GLY A 4 6.85 12.08 -16.55
N SER A 5 7.96 11.50 -16.08
CA SER A 5 8.46 10.26 -16.63
C SER A 5 9.17 9.44 -15.55
N SER A 6 9.40 8.16 -15.85
CA SER A 6 10.07 7.26 -14.90
C SER A 6 11.58 7.42 -14.98
N GLY A 7 12.11 8.45 -14.33
CA GLY A 7 13.54 8.68 -14.34
C GLY A 7 14.29 7.74 -13.42
N HIS A 8 15.45 8.19 -12.93
CA HIS A 8 16.26 7.38 -12.03
C HIS A 8 15.39 6.64 -11.03
N GLU A 9 15.12 5.36 -11.31
CA GLU A 9 14.30 4.55 -10.43
C GLU A 9 15.13 3.95 -9.30
N ARG A 10 15.11 4.62 -8.15
CA ARG A 10 15.87 4.15 -6.99
C ARG A 10 15.89 2.63 -6.93
N VAL A 11 17.10 2.06 -6.92
CA VAL A 11 17.26 0.61 -6.87
C VAL A 11 16.23 -0.02 -5.93
N GLY A 12 15.66 -1.13 -6.36
CA GLY A 12 14.67 -1.82 -5.54
C GLY A 12 13.68 -2.61 -6.39
N ASN A 13 14.06 -3.83 -6.74
CA ASN A 13 13.19 -4.69 -7.55
C ASN A 13 12.01 -5.20 -6.72
N LEU A 14 10.85 -5.31 -7.36
CA LEU A 14 9.65 -5.79 -6.70
C LEU A 14 9.13 -7.07 -7.35
N ASN A 15 9.75 -8.19 -7.02
CA ASN A 15 9.34 -9.48 -7.58
C ASN A 15 7.90 -9.80 -7.20
N GLN A 16 7.49 -9.37 -6.02
CA GLN A 16 6.13 -9.61 -5.53
C GLN A 16 5.71 -8.55 -4.53
N PRO A 17 4.39 -8.31 -4.44
CA PRO A 17 3.83 -7.32 -3.51
C PRO A 17 3.96 -7.75 -2.05
N ILE A 18 3.67 -6.83 -1.15
CA ILE A 18 3.75 -7.11 0.28
C ILE A 18 2.37 -7.11 0.93
N GLU A 19 2.21 -7.88 2.00
CA GLU A 19 0.94 -7.97 2.70
C GLU A 19 1.06 -7.38 4.10
N VAL A 20 0.18 -6.43 4.41
CA VAL A 20 0.19 -5.79 5.73
C VAL A 20 -1.22 -5.74 6.31
N THR A 21 -1.30 -5.76 7.64
CA THR A 21 -2.59 -5.72 8.33
C THR A 21 -2.87 -4.32 8.87
N ALA A 22 -4.05 -3.80 8.54
CA ALA A 22 -4.44 -2.46 8.99
C ALA A 22 -4.66 -2.45 10.51
N LEU A 23 -3.81 -1.71 11.22
CA LEU A 23 -3.91 -1.61 12.67
C LEU A 23 -5.15 -0.81 13.07
N TYR A 24 -5.54 0.12 12.22
CA TYR A 24 -6.71 0.95 12.49
C TYR A 24 -7.51 1.22 11.21
N SER A 25 -8.77 1.60 11.37
CA SER A 25 -9.63 1.88 10.23
C SER A 25 -9.27 3.21 9.59
N PHE A 26 -9.59 3.35 8.30
CA PHE A 26 -9.29 4.58 7.56
C PHE A 26 -10.28 4.77 6.42
N GLU A 27 -10.44 6.01 5.99
CA GLU A 27 -11.35 6.34 4.89
C GLU A 27 -10.77 7.44 4.00
N GLY A 28 -10.35 7.05 2.81
CA GLY A 28 -9.77 8.02 1.88
C GLY A 28 -10.61 9.28 1.77
N GLN A 29 -10.16 10.33 2.43
CA GLN A 29 -10.89 11.61 2.41
C GLN A 29 -10.71 12.31 1.06
N GLN A 30 -9.57 12.05 0.42
CA GLN A 30 -9.29 12.66 -0.87
C GLN A 30 -9.55 11.68 -2.01
N PRO A 31 -9.78 12.22 -3.22
CA PRO A 31 -10.06 11.41 -4.41
C PRO A 31 -8.83 10.63 -4.87
N GLY A 32 -8.89 9.31 -4.75
CA GLY A 32 -7.78 8.48 -5.18
C GLY A 32 -7.25 7.62 -4.04
N ASP A 33 -7.41 8.09 -2.81
CA ASP A 33 -6.94 7.35 -1.65
C ASP A 33 -7.60 5.99 -1.56
N LEU A 34 -7.27 5.23 -0.52
CA LEU A 34 -7.84 3.91 -0.32
C LEU A 34 -8.56 3.81 1.03
N ASN A 35 -9.71 3.16 1.04
CA ASN A 35 -10.48 3.00 2.27
C ASN A 35 -10.38 1.57 2.80
N PHE A 36 -9.90 1.43 4.02
CA PHE A 36 -9.75 0.12 4.66
C PHE A 36 -10.26 0.15 6.08
N GLN A 37 -10.21 -1.01 6.75
CA GLN A 37 -10.67 -1.13 8.12
C GLN A 37 -9.66 -1.90 8.96
N ALA A 38 -9.62 -1.59 10.26
CA ALA A 38 -8.71 -2.26 11.17
C ALA A 38 -8.75 -3.78 10.98
N GLY A 39 -7.72 -4.32 10.33
CA GLY A 39 -7.66 -5.74 10.09
C GLY A 39 -7.58 -6.09 8.62
N ASP A 40 -8.26 -5.29 7.79
CA ASP A 40 -8.27 -5.51 6.35
C ASP A 40 -6.84 -5.59 5.81
N ARG A 41 -6.54 -6.66 5.08
CA ARG A 41 -5.22 -6.84 4.51
C ARG A 41 -5.06 -6.05 3.22
N ILE A 42 -4.05 -5.18 3.17
CA ILE A 42 -3.80 -4.36 2.00
C ILE A 42 -2.57 -4.85 1.24
N THR A 43 -2.76 -5.16 -0.03
CA THR A 43 -1.67 -5.64 -0.88
C THR A 43 -0.80 -4.48 -1.37
N VAL A 44 0.32 -4.24 -0.69
CA VAL A 44 1.23 -3.17 -1.06
C VAL A 44 1.87 -3.44 -2.42
N ILE A 45 1.60 -2.57 -3.38
CA ILE A 45 2.15 -2.70 -4.72
C ILE A 45 3.29 -1.72 -4.95
N SER A 46 3.15 -0.52 -4.40
CA SER A 46 4.17 0.51 -4.55
C SER A 46 4.38 1.25 -3.23
N LYS A 47 5.50 0.95 -2.57
CA LYS A 47 5.83 1.59 -1.29
C LYS A 47 7.28 2.07 -1.28
N THR A 48 7.64 2.84 -0.26
CA THR A 48 9.00 3.36 -0.14
C THR A 48 9.68 2.78 1.10
N ASP A 49 10.96 3.12 1.27
CA ASP A 49 11.73 2.63 2.41
C ASP A 49 11.16 3.17 3.72
N SER A 50 10.86 4.47 3.73
CA SER A 50 10.32 5.11 4.93
C SER A 50 8.89 4.64 5.19
N HIS A 51 8.51 4.60 6.46
CA HIS A 51 7.16 4.18 6.85
C HIS A 51 6.22 5.37 6.92
N PHE A 52 6.57 6.36 7.74
CA PHE A 52 5.76 7.55 7.90
C PHE A 52 5.11 7.95 6.58
N ASP A 53 5.88 7.89 5.50
CA ASP A 53 5.38 8.25 4.18
C ASP A 53 4.16 7.39 3.81
N TRP A 54 3.41 7.86 2.82
CA TRP A 54 2.22 7.13 2.38
C TRP A 54 2.57 6.12 1.30
N TRP A 55 2.01 4.92 1.42
CA TRP A 55 2.27 3.86 0.44
C TRP A 55 1.02 3.59 -0.40
N GLU A 56 1.19 2.77 -1.44
CA GLU A 56 0.09 2.44 -2.33
C GLU A 56 -0.14 0.92 -2.37
N GLY A 57 -1.33 0.51 -1.96
CA GLY A 57 -1.67 -0.91 -1.96
C GLY A 57 -2.99 -1.20 -2.62
N LYS A 58 -3.44 -2.44 -2.52
CA LYS A 58 -4.71 -2.85 -3.12
C LYS A 58 -5.58 -3.59 -2.11
N LEU A 59 -6.88 -3.30 -2.13
CA LEU A 59 -7.82 -3.92 -1.22
C LEU A 59 -9.17 -4.15 -1.90
N ARG A 60 -9.67 -5.37 -1.81
CA ARG A 60 -10.95 -5.72 -2.41
C ARG A 60 -11.04 -5.20 -3.85
N GLY A 61 -10.05 -5.57 -4.66
CA GLY A 61 -10.03 -5.14 -6.04
C GLY A 61 -10.05 -3.63 -6.18
N GLN A 62 -9.24 -2.95 -5.36
CA GLN A 62 -9.17 -1.50 -5.38
C GLN A 62 -7.73 -1.03 -5.28
N THR A 63 -7.50 0.26 -5.56
CA THR A 63 -6.16 0.84 -5.50
C THR A 63 -6.21 2.26 -4.96
N GLY A 64 -5.25 2.58 -4.09
CA GLY A 64 -5.20 3.91 -3.52
C GLY A 64 -4.03 4.09 -2.57
N ILE A 65 -3.85 5.31 -2.08
CA ILE A 65 -2.76 5.60 -1.15
C ILE A 65 -3.24 5.62 0.29
N PHE A 66 -2.35 5.27 1.21
CA PHE A 66 -2.69 5.25 2.63
C PHE A 66 -1.43 5.31 3.50
N PRO A 67 -1.58 5.86 4.71
CA PRO A 67 -0.47 5.99 5.66
C PRO A 67 -0.01 4.64 6.20
N ALA A 68 1.27 4.32 5.99
CA ALA A 68 1.83 3.07 6.46
C ALA A 68 1.72 2.95 7.98
N ASN A 69 1.69 4.10 8.65
CA ASN A 69 1.59 4.13 10.11
C ASN A 69 0.27 3.54 10.58
N TYR A 70 -0.64 3.31 9.63
CA TYR A 70 -1.94 2.74 9.95
C TYR A 70 -1.95 1.23 9.74
N VAL A 71 -0.85 0.71 9.20
CA VAL A 71 -0.72 -0.72 8.95
C VAL A 71 0.53 -1.29 9.61
N THR A 72 0.72 -2.59 9.47
CA THR A 72 1.88 -3.26 10.06
C THR A 72 2.37 -4.40 9.17
N MET A 73 3.61 -4.82 9.39
CA MET A 73 4.20 -5.90 8.61
C MET A 73 4.29 -7.18 9.44
N ASN A 74 3.18 -7.55 10.07
CA ASN A 74 3.14 -8.75 10.88
C ASN A 74 2.21 -9.80 10.28
N SER A 75 2.72 -11.01 10.09
CA SER A 75 1.93 -12.09 9.51
C SER A 75 1.09 -12.78 10.58
N GLY A 76 -0.02 -12.14 10.95
CA GLY A 76 -0.90 -12.70 11.96
C GLY A 76 -1.66 -13.91 11.46
N PRO A 77 -1.92 -14.87 12.37
CA PRO A 77 -2.64 -16.09 12.04
C PRO A 77 -4.11 -15.84 11.75
N SER A 78 -4.65 -16.52 10.74
CA SER A 78 -6.05 -16.37 10.37
C SER A 78 -6.96 -16.50 11.59
N SER A 79 -8.13 -15.89 11.50
CA SER A 79 -9.10 -15.93 12.61
C SER A 79 -8.50 -15.33 13.87
N GLY A 80 -7.80 -14.20 13.71
CA GLY A 80 -7.19 -13.55 14.85
C GLY A 80 -5.74 -13.93 15.03
N GLY A 1 15.67 19.78 -28.15
CA GLY A 1 16.10 18.42 -28.47
C GLY A 1 16.63 17.67 -27.26
N SER A 2 15.73 17.00 -26.54
CA SER A 2 16.11 16.25 -25.36
C SER A 2 16.24 14.76 -25.68
N SER A 3 17.30 14.14 -25.18
CA SER A 3 17.54 12.72 -25.42
C SER A 3 16.98 11.88 -24.27
N GLY A 4 17.38 12.22 -23.06
CA GLY A 4 16.91 11.48 -21.89
C GLY A 4 17.95 11.42 -20.79
N SER A 5 17.54 10.92 -19.62
CA SER A 5 18.45 10.82 -18.48
C SER A 5 18.34 9.44 -17.83
N SER A 6 17.11 8.93 -17.74
CA SER A 6 16.87 7.63 -17.13
C SER A 6 17.81 7.40 -15.95
N GLY A 7 17.98 8.43 -15.13
CA GLY A 7 18.86 8.31 -13.98
C GLY A 7 18.15 8.64 -12.68
N HIS A 8 17.89 7.61 -11.88
CA HIS A 8 17.19 7.78 -10.61
C HIS A 8 17.66 6.74 -9.59
N GLU A 9 17.58 7.10 -8.31
CA GLU A 9 18.00 6.19 -7.25
C GLU A 9 17.02 5.02 -7.11
N ARG A 10 17.52 3.81 -7.35
CA ARG A 10 16.69 2.62 -7.27
C ARG A 10 15.91 2.59 -5.95
N VAL A 11 14.63 2.26 -6.04
CA VAL A 11 13.78 2.20 -4.86
C VAL A 11 13.44 0.75 -4.50
N GLY A 12 14.45 -0.10 -4.53
CA GLY A 12 14.24 -1.50 -4.20
C GLY A 12 13.01 -2.08 -4.88
N ASN A 13 13.20 -2.64 -6.07
CA ASN A 13 12.08 -3.22 -6.82
C ASN A 13 11.46 -4.39 -6.04
N LEU A 14 10.17 -4.62 -6.28
CA LEU A 14 9.46 -5.70 -5.61
C LEU A 14 8.65 -6.52 -6.61
N ASN A 15 9.33 -7.37 -7.36
CA ASN A 15 8.67 -8.21 -8.36
C ASN A 15 7.34 -8.73 -7.83
N GLN A 16 7.22 -8.82 -6.51
CA GLN A 16 6.00 -9.31 -5.87
C GLN A 16 5.51 -8.33 -4.81
N PRO A 17 4.18 -8.20 -4.69
CA PRO A 17 3.56 -7.30 -3.72
C PRO A 17 3.76 -7.78 -2.28
N ILE A 18 3.32 -6.96 -1.32
CA ILE A 18 3.44 -7.31 0.09
C ILE A 18 2.08 -7.27 0.78
N GLU A 19 1.95 -8.05 1.84
CA GLU A 19 0.70 -8.10 2.60
C GLU A 19 0.87 -7.46 3.98
N VAL A 20 0.02 -6.47 4.27
CA VAL A 20 0.08 -5.77 5.55
C VAL A 20 -1.30 -5.71 6.19
N THR A 21 -1.33 -5.82 7.51
CA THR A 21 -2.59 -5.77 8.25
C THR A 21 -2.84 -4.38 8.81
N ALA A 22 -3.96 -3.78 8.41
CA ALA A 22 -4.32 -2.45 8.86
C ALA A 22 -4.55 -2.43 10.38
N LEU A 23 -3.63 -1.79 11.09
CA LEU A 23 -3.73 -1.69 12.54
C LEU A 23 -4.95 -0.88 12.97
N TYR A 24 -5.30 0.09 12.14
CA TYR A 24 -6.46 0.95 12.42
C TYR A 24 -7.24 1.24 11.15
N SER A 25 -8.49 1.68 11.32
CA SER A 25 -9.34 1.99 10.18
C SER A 25 -8.93 3.31 9.52
N PHE A 26 -9.39 3.52 8.30
CA PHE A 26 -9.06 4.73 7.56
C PHE A 26 -10.09 5.00 6.47
N GLU A 27 -10.14 6.25 6.00
CA GLU A 27 -11.08 6.63 4.95
C GLU A 27 -10.43 7.61 3.98
N GLY A 28 -10.16 7.14 2.76
CA GLY A 28 -9.55 7.99 1.76
C GLY A 28 -10.24 9.33 1.63
N GLN A 29 -9.64 10.36 2.20
CA GLN A 29 -10.22 11.70 2.15
C GLN A 29 -10.18 12.26 0.73
N GLN A 30 -9.14 11.90 -0.01
CA GLN A 30 -8.99 12.34 -1.39
C GLN A 30 -9.60 11.35 -2.37
N PRO A 31 -9.94 11.83 -3.57
CA PRO A 31 -10.53 11.00 -4.62
C PRO A 31 -9.54 9.99 -5.20
N GLY A 32 -8.34 9.96 -4.63
CA GLY A 32 -7.32 9.04 -5.10
C GLY A 32 -6.68 8.27 -3.96
N ASP A 33 -7.45 8.02 -2.92
CA ASP A 33 -6.96 7.28 -1.76
C ASP A 33 -7.64 5.91 -1.66
N LEU A 34 -7.31 5.16 -0.61
CA LEU A 34 -7.88 3.85 -0.39
C LEU A 34 -8.62 3.78 0.94
N ASN A 35 -9.69 2.99 0.97
CA ASN A 35 -10.49 2.84 2.18
C ASN A 35 -10.36 1.44 2.75
N PHE A 36 -9.89 1.34 4.00
CA PHE A 36 -9.71 0.06 4.66
C PHE A 36 -10.18 0.13 6.10
N GLN A 37 -10.11 -1.01 6.79
CA GLN A 37 -10.54 -1.08 8.19
C GLN A 37 -9.52 -1.87 9.02
N ALA A 38 -9.43 -1.54 10.30
CA ALA A 38 -8.50 -2.22 11.19
C ALA A 38 -8.60 -3.74 11.05
N GLY A 39 -7.62 -4.33 10.37
CA GLY A 39 -7.62 -5.77 10.17
C GLY A 39 -7.56 -6.14 8.71
N ASP A 40 -8.20 -5.34 7.86
CA ASP A 40 -8.22 -5.60 6.43
C ASP A 40 -6.80 -5.62 5.86
N ARG A 41 -6.50 -6.65 5.09
CA ARG A 41 -5.17 -6.79 4.49
C ARG A 41 -5.05 -5.95 3.21
N ILE A 42 -4.01 -5.12 3.16
CA ILE A 42 -3.80 -4.27 2.00
C ILE A 42 -2.59 -4.74 1.18
N THR A 43 -2.84 -5.18 -0.04
CA THR A 43 -1.78 -5.66 -0.92
C THR A 43 -0.88 -4.51 -1.37
N VAL A 44 0.23 -4.33 -0.66
CA VAL A 44 1.18 -3.27 -0.99
C VAL A 44 1.87 -3.54 -2.33
N ILE A 45 1.60 -2.67 -3.30
CA ILE A 45 2.20 -2.81 -4.63
C ILE A 45 3.36 -1.84 -4.81
N SER A 46 3.20 -0.63 -4.28
CA SER A 46 4.24 0.39 -4.39
C SER A 46 4.40 1.15 -3.08
N LYS A 47 5.51 0.90 -2.40
CA LYS A 47 5.79 1.55 -1.12
C LYS A 47 7.19 2.16 -1.12
N THR A 48 7.46 2.99 -0.12
CA THR A 48 8.77 3.64 0.00
C THR A 48 9.51 3.15 1.24
N ASP A 49 10.76 3.56 1.37
CA ASP A 49 11.58 3.16 2.51
C ASP A 49 11.31 4.05 3.71
N SER A 50 10.03 4.34 3.96
CA SER A 50 9.64 5.18 5.08
C SER A 50 8.23 4.85 5.54
N HIS A 51 8.05 4.65 6.84
CA HIS A 51 6.75 4.33 7.40
C HIS A 51 5.83 5.56 7.38
N PHE A 52 6.22 6.59 8.12
CA PHE A 52 5.43 7.82 8.19
C PHE A 52 4.84 8.16 6.83
N ASP A 53 5.65 7.97 5.78
CA ASP A 53 5.21 8.26 4.41
C ASP A 53 4.01 7.38 4.03
N TRP A 54 3.33 7.77 2.96
CA TRP A 54 2.17 7.02 2.49
C TRP A 54 2.57 6.00 1.42
N TRP A 55 1.94 4.83 1.46
CA TRP A 55 2.23 3.78 0.49
C TRP A 55 1.03 3.53 -0.42
N GLU A 56 1.22 2.65 -1.39
CA GLU A 56 0.15 2.32 -2.33
C GLU A 56 -0.11 0.81 -2.35
N GLY A 57 -1.30 0.42 -1.91
CA GLY A 57 -1.65 -0.99 -1.89
C GLY A 57 -2.97 -1.27 -2.56
N LYS A 58 -3.43 -2.52 -2.49
CA LYS A 58 -4.69 -2.91 -3.10
C LYS A 58 -5.57 -3.64 -2.10
N LEU A 59 -6.84 -3.26 -2.05
CA LEU A 59 -7.80 -3.88 -1.13
C LEU A 59 -9.17 -4.01 -1.77
N ARG A 60 -9.86 -5.10 -1.46
CA ARG A 60 -11.19 -5.34 -2.02
C ARG A 60 -11.23 -5.02 -3.51
N GLY A 61 -10.22 -5.49 -4.23
CA GLY A 61 -10.15 -5.23 -5.66
C GLY A 61 -10.09 -3.75 -5.99
N GLN A 62 -9.38 -3.00 -5.16
CA GLN A 62 -9.23 -1.57 -5.36
C GLN A 62 -7.78 -1.13 -5.20
N THR A 63 -7.51 0.13 -5.51
CA THR A 63 -6.16 0.68 -5.41
C THR A 63 -6.18 2.11 -4.91
N GLY A 64 -5.20 2.46 -4.09
CA GLY A 64 -5.12 3.81 -3.55
C GLY A 64 -3.94 4.00 -2.61
N ILE A 65 -3.80 5.21 -2.08
CA ILE A 65 -2.71 5.51 -1.17
C ILE A 65 -3.20 5.52 0.28
N PHE A 66 -2.30 5.24 1.21
CA PHE A 66 -2.64 5.21 2.63
C PHE A 66 -1.38 5.29 3.49
N PRO A 67 -1.53 5.82 4.71
CA PRO A 67 -0.41 5.97 5.65
C PRO A 67 0.05 4.62 6.20
N ALA A 68 1.33 4.30 5.99
CA ALA A 68 1.90 3.06 6.47
C ALA A 68 1.70 2.91 7.98
N ASN A 69 1.66 4.03 8.68
CA ASN A 69 1.49 4.03 10.12
C ASN A 69 0.15 3.39 10.51
N TYR A 70 -0.70 3.17 9.51
CA TYR A 70 -2.00 2.57 9.75
C TYR A 70 -1.97 1.08 9.45
N VAL A 71 -0.78 0.56 9.18
CA VAL A 71 -0.62 -0.86 8.88
C VAL A 71 0.62 -1.43 9.57
N THR A 72 0.85 -2.73 9.40
CA THR A 72 2.00 -3.39 10.00
C THR A 72 2.46 -4.57 9.15
N MET A 73 3.77 -4.81 9.15
CA MET A 73 4.33 -5.91 8.39
C MET A 73 4.70 -7.08 9.29
N ASN A 74 3.70 -7.85 9.68
CA ASN A 74 3.92 -9.00 10.56
C ASN A 74 4.46 -10.19 9.77
N SER A 75 5.64 -10.66 10.16
CA SER A 75 6.27 -11.80 9.49
C SER A 75 6.12 -13.07 10.30
N GLY A 76 5.02 -13.79 10.06
CA GLY A 76 4.77 -15.03 10.79
C GLY A 76 3.87 -15.97 10.03
N PRO A 77 4.09 -17.28 10.20
CA PRO A 77 3.30 -18.32 9.54
C PRO A 77 1.87 -18.39 10.06
N SER A 78 1.55 -17.49 10.99
CA SER A 78 0.21 -17.46 11.58
C SER A 78 -0.85 -17.84 10.55
N SER A 79 -1.65 -18.85 10.89
CA SER A 79 -2.70 -19.33 9.99
C SER A 79 -3.98 -18.52 10.18
N GLY A 80 -5.04 -18.92 9.48
CA GLY A 80 -6.31 -18.22 9.59
C GLY A 80 -6.17 -16.72 9.40
N GLY A 1 4.24 22.77 -25.11
CA GLY A 1 3.87 21.38 -24.90
C GLY A 1 4.41 20.47 -25.97
N SER A 2 5.69 20.63 -26.31
CA SER A 2 6.32 19.82 -27.33
C SER A 2 6.28 18.34 -26.95
N SER A 3 5.97 17.49 -27.92
CA SER A 3 5.89 16.05 -27.69
C SER A 3 7.24 15.39 -27.92
N GLY A 4 7.75 14.73 -26.89
CA GLY A 4 9.04 14.06 -26.99
C GLY A 4 8.89 12.59 -27.30
N SER A 5 9.32 11.74 -26.38
CA SER A 5 9.25 10.30 -26.57
C SER A 5 8.66 9.62 -25.33
N SER A 6 7.62 8.84 -25.54
CA SER A 6 6.95 8.13 -24.44
C SER A 6 7.81 6.96 -23.98
N GLY A 7 7.80 6.72 -22.66
CA GLY A 7 8.57 5.62 -22.10
C GLY A 7 9.05 5.91 -20.69
N HIS A 8 9.31 4.85 -19.94
CA HIS A 8 9.78 4.99 -18.56
C HIS A 8 11.29 4.75 -18.47
N GLU A 9 11.71 3.57 -18.89
CA GLU A 9 13.13 3.21 -18.85
C GLU A 9 13.61 3.07 -17.41
N ARG A 10 12.80 2.44 -16.58
CA ARG A 10 13.14 2.24 -15.17
C ARG A 10 12.87 0.80 -14.74
N VAL A 11 13.80 0.24 -13.96
CA VAL A 11 13.66 -1.13 -13.48
C VAL A 11 13.30 -1.15 -11.99
N GLY A 12 12.54 -2.17 -11.59
CA GLY A 12 12.14 -2.29 -10.20
C GLY A 12 11.94 -3.74 -9.78
N ASN A 13 12.36 -4.06 -8.56
CA ASN A 13 12.23 -5.41 -8.04
C ASN A 13 10.83 -5.64 -7.46
N LEU A 14 9.82 -5.23 -8.21
CA LEU A 14 8.43 -5.39 -7.78
C LEU A 14 7.89 -6.76 -8.15
N ASN A 15 8.78 -7.74 -8.22
CA ASN A 15 8.41 -9.11 -8.56
C ASN A 15 7.02 -9.44 -8.01
N GLN A 16 6.73 -8.95 -6.81
CA GLN A 16 5.45 -9.20 -6.17
C GLN A 16 5.22 -8.23 -5.01
N PRO A 17 3.94 -7.86 -4.80
CA PRO A 17 3.56 -6.94 -3.73
C PRO A 17 3.73 -7.55 -2.34
N ILE A 18 3.35 -6.79 -1.31
CA ILE A 18 3.46 -7.27 0.06
C ILE A 18 2.11 -7.25 0.76
N GLU A 19 1.99 -8.05 1.82
CA GLU A 19 0.74 -8.13 2.57
C GLU A 19 0.89 -7.48 3.95
N VAL A 20 0.06 -6.49 4.22
CA VAL A 20 0.10 -5.79 5.50
C VAL A 20 -1.28 -5.71 6.14
N THR A 21 -1.33 -5.75 7.46
CA THR A 21 -2.58 -5.69 8.20
C THR A 21 -2.82 -4.29 8.77
N ALA A 22 -3.98 -3.73 8.47
CA ALA A 22 -4.33 -2.40 8.96
C ALA A 22 -4.56 -2.41 10.46
N LEU A 23 -3.67 -1.75 11.21
CA LEU A 23 -3.78 -1.69 12.66
C LEU A 23 -4.97 -0.83 13.08
N TYR A 24 -5.37 0.09 12.21
CA TYR A 24 -6.48 0.98 12.49
C TYR A 24 -7.28 1.26 11.22
N SER A 25 -8.52 1.72 11.40
CA SER A 25 -9.39 2.02 10.27
C SER A 25 -8.94 3.30 9.57
N PHE A 26 -9.37 3.46 8.32
CA PHE A 26 -9.01 4.64 7.54
C PHE A 26 -10.05 4.93 6.46
N GLU A 27 -10.06 6.15 5.96
CA GLU A 27 -11.01 6.56 4.93
C GLU A 27 -10.37 7.52 3.94
N GLY A 28 -10.10 7.03 2.73
CA GLY A 28 -9.49 7.85 1.71
C GLY A 28 -10.18 9.19 1.55
N GLN A 29 -9.57 10.23 2.11
CA GLN A 29 -10.14 11.58 2.04
C GLN A 29 -10.14 12.08 0.61
N GLN A 30 -9.11 11.71 -0.15
CA GLN A 30 -8.99 12.14 -1.55
C GLN A 30 -9.66 11.14 -2.47
N PRO A 31 -10.06 11.61 -3.67
CA PRO A 31 -10.73 10.77 -4.68
C PRO A 31 -9.78 9.74 -5.28
N GLY A 32 -8.55 9.71 -4.79
CA GLY A 32 -7.58 8.76 -5.29
C GLY A 32 -6.88 7.99 -4.19
N ASP A 33 -7.57 7.83 -3.06
CA ASP A 33 -7.02 7.10 -1.92
C ASP A 33 -7.68 5.74 -1.78
N LEU A 34 -7.32 5.03 -0.71
CA LEU A 34 -7.88 3.71 -0.45
C LEU A 34 -8.62 3.67 0.88
N ASN A 35 -9.73 2.95 0.93
CA ASN A 35 -10.52 2.84 2.16
C ASN A 35 -10.39 1.43 2.76
N PHE A 36 -9.99 1.37 4.02
CA PHE A 36 -9.83 0.10 4.70
C PHE A 36 -10.25 0.21 6.16
N GLN A 37 -10.28 -0.92 6.86
CA GLN A 37 -10.67 -0.94 8.27
C GLN A 37 -9.65 -1.71 9.10
N ALA A 38 -9.56 -1.37 10.37
CA ALA A 38 -8.62 -2.03 11.27
C ALA A 38 -8.71 -3.54 11.15
N GLY A 39 -7.72 -4.14 10.46
CA GLY A 39 -7.71 -5.57 10.28
C GLY A 39 -7.64 -5.97 8.82
N ASP A 40 -8.29 -5.19 7.96
CA ASP A 40 -8.29 -5.47 6.53
C ASP A 40 -6.87 -5.52 5.98
N ARG A 41 -6.58 -6.59 5.24
CA ARG A 41 -5.25 -6.76 4.66
C ARG A 41 -5.12 -5.99 3.35
N ILE A 42 -4.05 -5.21 3.22
CA ILE A 42 -3.81 -4.43 2.03
C ILE A 42 -2.58 -4.93 1.26
N THR A 43 -2.76 -5.22 -0.02
CA THR A 43 -1.68 -5.70 -0.85
C THR A 43 -0.77 -4.57 -1.31
N VAL A 44 0.29 -4.32 -0.56
CA VAL A 44 1.23 -3.25 -0.90
C VAL A 44 1.86 -3.49 -2.26
N ILE A 45 1.47 -2.66 -3.23
CA ILE A 45 1.99 -2.76 -4.58
C ILE A 45 3.18 -1.83 -4.79
N SER A 46 3.09 -0.63 -4.22
CA SER A 46 4.16 0.35 -4.34
C SER A 46 4.35 1.11 -3.03
N LYS A 47 5.48 0.86 -2.37
CA LYS A 47 5.78 1.51 -1.10
C LYS A 47 7.17 2.15 -1.14
N THR A 48 7.52 2.85 -0.08
CA THR A 48 8.81 3.52 0.01
C THR A 48 9.62 2.99 1.20
N ASP A 49 10.82 3.54 1.38
CA ASP A 49 11.69 3.13 2.48
C ASP A 49 11.37 3.92 3.74
N SER A 50 10.19 4.52 3.77
CA SER A 50 9.76 5.32 4.92
C SER A 50 8.38 4.88 5.40
N HIS A 51 8.24 4.73 6.71
CA HIS A 51 6.97 4.32 7.31
C HIS A 51 5.98 5.48 7.34
N PHE A 52 6.31 6.49 8.13
CA PHE A 52 5.44 7.66 8.26
C PHE A 52 4.84 8.04 6.91
N ASP A 53 5.64 7.92 5.86
CA ASP A 53 5.19 8.25 4.52
C ASP A 53 3.99 7.40 4.12
N TRP A 54 3.32 7.80 3.04
CA TRP A 54 2.14 7.07 2.55
C TRP A 54 2.53 6.10 1.44
N TRP A 55 2.01 4.88 1.52
CA TRP A 55 2.30 3.87 0.52
C TRP A 55 1.07 3.58 -0.34
N GLU A 56 1.25 2.78 -1.38
CA GLU A 56 0.15 2.43 -2.28
C GLU A 56 -0.10 0.94 -2.28
N GLY A 57 -1.31 0.54 -1.88
CA GLY A 57 -1.66 -0.87 -1.83
C GLY A 57 -2.98 -1.16 -2.50
N LYS A 58 -3.35 -2.44 -2.56
CA LYS A 58 -4.60 -2.85 -3.18
C LYS A 58 -5.48 -3.62 -2.19
N LEU A 59 -6.76 -3.28 -2.15
CA LEU A 59 -7.69 -3.94 -1.24
C LEU A 59 -9.01 -4.24 -1.95
N ARG A 60 -9.45 -5.49 -1.87
CA ARG A 60 -10.69 -5.91 -2.50
C ARG A 60 -10.81 -5.34 -3.91
N GLY A 61 -9.68 -5.30 -4.62
CA GLY A 61 -9.68 -4.77 -5.97
C GLY A 61 -9.42 -3.27 -6.01
N GLN A 62 -9.81 -2.58 -4.95
CA GLN A 62 -9.61 -1.13 -4.87
C GLN A 62 -8.13 -0.79 -4.79
N THR A 63 -7.78 0.39 -5.30
CA THR A 63 -6.39 0.84 -5.29
C THR A 63 -6.29 2.29 -4.80
N GLY A 64 -5.22 2.58 -4.05
CA GLY A 64 -5.02 3.92 -3.54
C GLY A 64 -3.85 4.01 -2.58
N ILE A 65 -3.60 5.19 -2.06
CA ILE A 65 -2.50 5.41 -1.12
C ILE A 65 -3.01 5.44 0.32
N PHE A 66 -2.11 5.19 1.26
CA PHE A 66 -2.46 5.19 2.68
C PHE A 66 -1.22 5.23 3.55
N PRO A 67 -1.36 5.78 4.77
CA PRO A 67 -0.25 5.90 5.71
C PRO A 67 0.16 4.55 6.29
N ALA A 68 1.44 4.21 6.09
CA ALA A 68 1.97 2.94 6.59
C ALA A 68 1.71 2.78 8.08
N ASN A 69 1.73 3.91 8.80
CA ASN A 69 1.49 3.89 10.24
C ASN A 69 0.15 3.26 10.56
N TYR A 70 -0.71 3.14 9.56
CA TYR A 70 -2.03 2.56 9.74
C TYR A 70 -2.02 1.07 9.38
N VAL A 71 -0.84 0.51 9.24
CA VAL A 71 -0.68 -0.90 8.90
C VAL A 71 0.56 -1.49 9.55
N THR A 72 0.69 -2.81 9.49
CA THR A 72 1.82 -3.50 10.07
C THR A 72 2.37 -4.56 9.13
N MET A 73 3.70 -4.73 9.13
CA MET A 73 4.34 -5.71 8.27
C MET A 73 4.96 -6.83 9.10
N ASN A 74 4.27 -7.97 9.16
CA ASN A 74 4.76 -9.11 9.91
C ASN A 74 4.00 -10.38 9.52
N SER A 75 4.67 -11.52 9.63
CA SER A 75 4.06 -12.81 9.28
C SER A 75 4.76 -13.95 10.01
N GLY A 76 4.00 -15.00 10.31
CA GLY A 76 4.56 -16.14 11.01
C GLY A 76 3.51 -17.18 11.34
N PRO A 77 3.80 -18.03 12.34
CA PRO A 77 2.88 -19.08 12.78
C PRO A 77 1.64 -18.53 13.48
N SER A 78 1.64 -17.21 13.71
CA SER A 78 0.52 -16.57 14.37
C SER A 78 -0.80 -17.16 13.91
N SER A 79 -1.69 -17.43 14.87
CA SER A 79 -3.00 -18.01 14.57
C SER A 79 -4.05 -17.50 15.54
N GLY A 80 -5.19 -17.07 15.00
CA GLY A 80 -6.27 -16.56 15.83
C GLY A 80 -6.27 -15.05 15.91
N GLY A 1 6.03 9.17 -38.15
CA GLY A 1 6.53 8.44 -37.00
C GLY A 1 7.77 9.09 -36.40
N SER A 2 7.90 8.98 -35.09
CA SER A 2 9.04 9.56 -34.39
C SER A 2 9.34 8.80 -33.10
N SER A 3 10.59 8.85 -32.66
CA SER A 3 11.01 8.15 -31.45
C SER A 3 12.40 8.61 -31.02
N GLY A 4 12.85 8.14 -29.86
CA GLY A 4 14.15 8.51 -29.34
C GLY A 4 14.82 7.38 -28.58
N SER A 5 15.70 7.74 -27.65
CA SER A 5 16.41 6.75 -26.85
C SER A 5 15.97 6.82 -25.39
N SER A 6 15.21 5.83 -24.95
CA SER A 6 14.72 5.78 -23.58
C SER A 6 15.81 5.29 -22.64
N GLY A 7 15.78 5.78 -21.39
CA GLY A 7 16.77 5.38 -20.41
C GLY A 7 16.14 4.90 -19.12
N HIS A 8 15.55 3.72 -19.15
CA HIS A 8 14.92 3.14 -17.97
C HIS A 8 15.77 3.37 -16.73
N GLU A 9 15.19 4.01 -15.72
CA GLU A 9 15.90 4.29 -14.48
C GLU A 9 16.30 2.99 -13.78
N ARG A 10 15.34 2.08 -13.65
CA ARG A 10 15.58 0.80 -13.00
C ARG A 10 16.12 1.00 -11.59
N VAL A 11 15.49 1.90 -10.83
CA VAL A 11 15.90 2.18 -9.47
C VAL A 11 15.29 1.19 -8.49
N GLY A 12 15.23 -0.07 -8.89
CA GLY A 12 14.67 -1.10 -8.04
C GLY A 12 13.89 -2.14 -8.81
N ASN A 13 13.37 -3.14 -8.11
CA ASN A 13 12.60 -4.21 -8.74
C ASN A 13 11.45 -4.65 -7.84
N LEU A 14 10.39 -5.15 -8.46
CA LEU A 14 9.22 -5.61 -7.71
C LEU A 14 8.73 -6.96 -8.24
N ASN A 15 9.25 -8.03 -7.65
CA ASN A 15 8.88 -9.38 -8.06
C ASN A 15 7.51 -9.75 -7.51
N GLN A 16 7.20 -9.24 -6.32
CA GLN A 16 5.92 -9.52 -5.67
C GLN A 16 5.61 -8.47 -4.62
N PRO A 17 4.31 -8.17 -4.45
CA PRO A 17 3.83 -7.18 -3.47
C PRO A 17 4.02 -7.65 -2.04
N ILE A 18 3.53 -6.85 -1.09
CA ILE A 18 3.65 -7.19 0.32
C ILE A 18 2.28 -7.16 1.01
N GLU A 19 2.09 -8.04 1.97
CA GLU A 19 0.83 -8.12 2.70
C GLU A 19 0.96 -7.48 4.08
N VAL A 20 0.07 -6.54 4.37
CA VAL A 20 0.08 -5.85 5.66
C VAL A 20 -1.33 -5.74 6.24
N THR A 21 -1.41 -5.79 7.56
CA THR A 21 -2.70 -5.69 8.24
C THR A 21 -2.93 -4.29 8.79
N ALA A 22 -4.05 -3.69 8.41
CA ALA A 22 -4.39 -2.34 8.87
C ALA A 22 -4.68 -2.33 10.37
N LEU A 23 -3.76 -1.74 11.13
CA LEU A 23 -3.91 -1.65 12.58
C LEU A 23 -5.11 -0.79 12.96
N TYR A 24 -5.40 0.20 12.13
CA TYR A 24 -6.53 1.10 12.37
C TYR A 24 -7.30 1.37 11.08
N SER A 25 -8.54 1.82 11.23
CA SER A 25 -9.38 2.11 10.08
C SER A 25 -8.95 3.40 9.40
N PHE A 26 -9.43 3.62 8.18
CA PHE A 26 -9.09 4.81 7.41
C PHE A 26 -10.06 5.00 6.25
N GLU A 27 -10.51 6.24 6.06
CA GLU A 27 -11.45 6.56 4.99
C GLU A 27 -10.88 7.65 4.09
N GLY A 28 -10.31 7.24 2.95
CA GLY A 28 -9.74 8.20 2.02
C GLY A 28 -10.73 9.28 1.62
N GLN A 29 -10.50 10.50 2.10
CA GLN A 29 -11.38 11.62 1.77
C GLN A 29 -11.26 12.00 0.30
N GLN A 30 -10.14 11.63 -0.31
CA GLN A 30 -9.91 11.93 -1.72
C GLN A 30 -10.16 10.72 -2.59
N PRO A 31 -10.55 10.96 -3.86
CA PRO A 31 -10.83 9.88 -4.82
C PRO A 31 -9.56 9.14 -5.24
N GLY A 32 -8.43 9.54 -4.67
CA GLY A 32 -7.17 8.90 -5.00
C GLY A 32 -6.61 8.10 -3.85
N ASP A 33 -7.28 8.14 -2.71
CA ASP A 33 -6.85 7.41 -1.53
C ASP A 33 -7.49 6.03 -1.48
N LEU A 34 -7.21 5.29 -0.41
CA LEU A 34 -7.75 3.95 -0.24
C LEU A 34 -8.57 3.86 1.04
N ASN A 35 -9.64 3.05 1.00
CA ASN A 35 -10.51 2.88 2.15
C ASN A 35 -10.36 1.48 2.73
N PHE A 36 -9.95 1.40 3.99
CA PHE A 36 -9.76 0.12 4.67
C PHE A 36 -10.18 0.21 6.13
N GLN A 37 -10.28 -0.94 6.78
CA GLN A 37 -10.68 -0.99 8.18
C GLN A 37 -9.67 -1.78 9.01
N ALA A 38 -9.63 -1.50 10.31
CA ALA A 38 -8.71 -2.19 11.21
C ALA A 38 -8.82 -3.70 11.05
N GLY A 39 -7.84 -4.30 10.38
CA GLY A 39 -7.84 -5.74 10.18
C GLY A 39 -7.76 -6.11 8.71
N ASP A 40 -8.35 -5.28 7.85
CA ASP A 40 -8.35 -5.53 6.42
C ASP A 40 -6.92 -5.61 5.88
N ARG A 41 -6.67 -6.57 5.00
CA ARG A 41 -5.35 -6.75 4.42
C ARG A 41 -5.19 -5.89 3.16
N ILE A 42 -4.11 -5.12 3.11
CA ILE A 42 -3.84 -4.26 1.96
C ILE A 42 -2.61 -4.73 1.20
N THR A 43 -2.79 -5.03 -0.08
CA THR A 43 -1.69 -5.48 -0.93
C THR A 43 -0.79 -4.32 -1.34
N VAL A 44 0.37 -4.23 -0.70
CA VAL A 44 1.32 -3.17 -1.00
C VAL A 44 1.92 -3.34 -2.38
N ILE A 45 1.49 -2.49 -3.32
CA ILE A 45 1.99 -2.55 -4.69
C ILE A 45 3.15 -1.58 -4.90
N SER A 46 3.05 -0.41 -4.27
CA SER A 46 4.09 0.61 -4.38
C SER A 46 4.34 1.28 -3.05
N LYS A 47 5.47 0.98 -2.43
CA LYS A 47 5.83 1.56 -1.15
C LYS A 47 7.30 1.99 -1.13
N THR A 48 7.68 2.72 -0.10
CA THR A 48 9.06 3.20 0.04
C THR A 48 9.71 2.62 1.28
N ASP A 49 10.99 2.96 1.48
CA ASP A 49 11.74 2.48 2.64
C ASP A 49 11.16 3.04 3.93
N SER A 50 10.99 4.36 3.97
CA SER A 50 10.46 5.04 5.14
C SER A 50 9.05 4.55 5.45
N HIS A 51 8.65 4.68 6.72
CA HIS A 51 7.31 4.25 7.14
C HIS A 51 6.35 5.43 7.17
N PHE A 52 6.65 6.41 8.01
CA PHE A 52 5.80 7.60 8.13
C PHE A 52 5.20 7.97 6.78
N ASP A 53 6.01 7.87 5.73
CA ASP A 53 5.56 8.20 4.38
C ASP A 53 4.30 7.41 4.02
N TRP A 54 3.65 7.81 2.94
CA TRP A 54 2.43 7.14 2.49
C TRP A 54 2.75 6.11 1.40
N TRP A 55 2.10 4.96 1.48
CA TRP A 55 2.31 3.90 0.51
C TRP A 55 1.05 3.67 -0.33
N GLU A 56 1.19 2.84 -1.36
CA GLU A 56 0.06 2.54 -2.24
C GLU A 56 -0.21 1.03 -2.28
N GLY A 57 -1.39 0.64 -1.81
CA GLY A 57 -1.75 -0.77 -1.80
C GLY A 57 -3.10 -1.03 -2.46
N LYS A 58 -3.50 -2.29 -2.49
CA LYS A 58 -4.78 -2.68 -3.09
C LYS A 58 -5.63 -3.47 -2.10
N LEU A 59 -6.92 -3.16 -2.06
CA LEU A 59 -7.84 -3.84 -1.17
C LEU A 59 -9.15 -4.15 -1.87
N ARG A 60 -9.58 -5.41 -1.79
CA ARG A 60 -10.83 -5.83 -2.42
C ARG A 60 -10.88 -5.39 -3.88
N GLY A 61 -9.72 -5.27 -4.50
CA GLY A 61 -9.65 -4.84 -5.89
C GLY A 61 -9.40 -3.36 -6.03
N GLN A 62 -9.78 -2.60 -5.01
CA GLN A 62 -9.60 -1.16 -5.02
C GLN A 62 -8.12 -0.79 -4.93
N THR A 63 -7.81 0.47 -5.21
CA THR A 63 -6.44 0.95 -5.17
C THR A 63 -6.38 2.40 -4.69
N GLY A 64 -5.37 2.71 -3.88
CA GLY A 64 -5.21 4.06 -3.37
C GLY A 64 -4.03 4.20 -2.45
N ILE A 65 -3.80 5.41 -1.95
CA ILE A 65 -2.68 5.67 -1.06
C ILE A 65 -3.14 5.66 0.40
N PHE A 66 -2.21 5.34 1.31
CA PHE A 66 -2.52 5.29 2.72
C PHE A 66 -1.25 5.29 3.56
N PRO A 67 -1.35 5.80 4.79
CA PRO A 67 -0.21 5.88 5.72
C PRO A 67 0.22 4.50 6.21
N ALA A 68 1.48 4.14 5.96
CA ALA A 68 2.00 2.85 6.40
C ALA A 68 1.92 2.70 7.91
N ASN A 69 1.79 3.83 8.61
CA ASN A 69 1.70 3.81 10.06
C ASN A 69 0.37 3.21 10.52
N TYR A 70 -0.57 3.09 9.59
CA TYR A 70 -1.88 2.52 9.89
C TYR A 70 -1.89 1.02 9.65
N VAL A 71 -0.78 0.50 9.13
CA VAL A 71 -0.66 -0.93 8.86
C VAL A 71 0.60 -1.50 9.50
N THR A 72 0.83 -2.79 9.27
CA THR A 72 1.99 -3.47 9.83
C THR A 72 2.44 -4.62 8.93
N MET A 73 3.74 -4.68 8.68
CA MET A 73 4.30 -5.73 7.83
C MET A 73 5.08 -6.74 8.67
N ASN A 74 4.70 -6.88 9.92
CA ASN A 74 5.35 -7.82 10.83
C ASN A 74 4.61 -9.14 10.88
N SER A 75 5.21 -10.13 11.53
CA SER A 75 4.61 -11.46 11.64
C SER A 75 4.05 -11.67 13.05
N GLY A 76 2.73 -11.85 13.13
CA GLY A 76 2.09 -12.07 14.41
C GLY A 76 1.43 -13.43 14.51
N PRO A 77 0.46 -13.56 15.43
CA PRO A 77 -0.27 -14.81 15.63
C PRO A 77 -1.19 -15.14 14.48
N SER A 78 -1.16 -16.41 14.04
CA SER A 78 -2.00 -16.85 12.94
C SER A 78 -3.40 -17.21 13.42
N SER A 79 -4.32 -17.37 12.48
CA SER A 79 -5.71 -17.70 12.80
C SER A 79 -5.92 -19.21 12.77
N GLY A 80 -6.74 -19.70 13.69
CA GLY A 80 -7.02 -21.13 13.75
C GLY A 80 -7.80 -21.52 14.98
N GLY A 1 0.18 8.73 -42.68
CA GLY A 1 0.50 7.45 -42.05
C GLY A 1 0.40 7.52 -40.53
N SER A 2 0.86 6.46 -39.87
CA SER A 2 0.83 6.40 -38.42
C SER A 2 2.20 6.66 -37.81
N SER A 3 2.25 6.72 -36.48
CA SER A 3 3.51 6.98 -35.79
C SER A 3 4.15 5.67 -35.34
N GLY A 4 5.37 5.78 -34.80
CA GLY A 4 6.06 4.59 -34.33
C GLY A 4 5.58 4.12 -32.98
N SER A 5 6.50 4.00 -32.03
CA SER A 5 6.15 3.54 -30.69
C SER A 5 7.14 4.06 -29.66
N SER A 6 6.63 4.64 -28.58
CA SER A 6 7.48 5.19 -27.53
C SER A 6 7.08 4.62 -26.17
N GLY A 7 7.85 3.64 -25.70
CA GLY A 7 7.57 3.03 -24.41
C GLY A 7 8.23 3.76 -23.26
N HIS A 8 7.42 4.28 -22.36
CA HIS A 8 7.93 5.01 -21.20
C HIS A 8 8.90 4.14 -20.39
N GLU A 9 10.12 4.63 -20.22
CA GLU A 9 11.14 3.89 -19.47
C GLU A 9 11.06 4.24 -17.99
N ARG A 10 10.39 3.38 -17.23
CA ARG A 10 10.24 3.60 -15.79
C ARG A 10 10.89 2.45 -15.01
N VAL A 11 11.45 2.78 -13.85
CA VAL A 11 12.10 1.78 -13.00
C VAL A 11 11.22 1.41 -11.81
N GLY A 12 11.59 0.35 -11.11
CA GLY A 12 10.83 -0.08 -9.96
C GLY A 12 10.44 -1.55 -10.04
N ASN A 13 11.43 -2.41 -10.26
CA ASN A 13 11.19 -3.84 -10.37
C ASN A 13 10.29 -4.33 -9.23
N LEU A 14 9.08 -4.76 -9.57
CA LEU A 14 8.14 -5.25 -8.58
C LEU A 14 8.14 -6.78 -8.53
N ASN A 15 9.23 -7.34 -8.03
CA ASN A 15 9.37 -8.79 -7.93
C ASN A 15 8.10 -9.41 -7.35
N GLN A 16 7.56 -8.77 -6.32
CA GLN A 16 6.34 -9.26 -5.67
C GLN A 16 5.84 -8.26 -4.63
N PRO A 17 4.51 -8.15 -4.51
CA PRO A 17 3.87 -7.24 -3.55
C PRO A 17 4.08 -7.69 -2.10
N ILE A 18 3.59 -6.88 -1.17
CA ILE A 18 3.71 -7.18 0.25
C ILE A 18 2.34 -7.22 0.92
N GLU A 19 2.24 -7.98 2.02
CA GLU A 19 0.99 -8.09 2.75
C GLU A 19 1.08 -7.40 4.11
N VAL A 20 0.18 -6.46 4.35
CA VAL A 20 0.17 -5.72 5.61
C VAL A 20 -1.23 -5.69 6.21
N THR A 21 -1.31 -5.77 7.53
CA THR A 21 -2.59 -5.76 8.23
C THR A 21 -2.88 -4.37 8.80
N ALA A 22 -3.98 -3.77 8.36
CA ALA A 22 -4.38 -2.45 8.82
C ALA A 22 -4.62 -2.45 10.33
N LEU A 23 -3.75 -1.78 11.07
CA LEU A 23 -3.86 -1.71 12.53
C LEU A 23 -5.10 -0.89 12.93
N TYR A 24 -5.42 0.12 12.11
CA TYR A 24 -6.56 0.97 12.39
C TYR A 24 -7.34 1.27 11.11
N SER A 25 -8.59 1.68 11.26
CA SER A 25 -9.43 2.00 10.11
C SER A 25 -8.97 3.28 9.43
N PHE A 26 -9.48 3.53 8.23
CA PHE A 26 -9.12 4.72 7.47
C PHE A 26 -10.16 5.02 6.40
N GLU A 27 -10.21 6.28 5.98
CA GLU A 27 -11.16 6.70 4.95
C GLU A 27 -10.51 7.66 3.96
N GLY A 28 -10.23 7.17 2.77
CA GLY A 28 -9.60 7.99 1.76
C GLY A 28 -10.29 9.33 1.59
N GLN A 29 -9.70 10.38 2.15
CA GLN A 29 -10.26 11.71 2.06
C GLN A 29 -10.23 12.23 0.63
N GLN A 30 -9.18 11.88 -0.10
CA GLN A 30 -9.03 12.30 -1.49
C GLN A 30 -9.71 11.32 -2.43
N PRO A 31 -10.05 11.80 -3.63
CA PRO A 31 -10.72 10.98 -4.66
C PRO A 31 -9.79 9.92 -5.24
N GLY A 32 -8.56 9.87 -4.73
CA GLY A 32 -7.60 8.90 -5.21
C GLY A 32 -6.93 8.13 -4.09
N ASP A 33 -7.66 7.96 -2.99
CA ASP A 33 -7.13 7.24 -1.83
C ASP A 33 -7.79 5.87 -1.70
N LEU A 34 -7.42 5.13 -0.66
CA LEU A 34 -7.96 3.80 -0.42
C LEU A 34 -8.66 3.74 0.93
N ASN A 35 -9.78 3.02 0.98
CA ASN A 35 -10.54 2.88 2.21
C ASN A 35 -10.43 1.46 2.76
N PHE A 36 -10.03 1.36 4.03
CA PHE A 36 -9.88 0.06 4.67
C PHE A 36 -10.32 0.12 6.14
N GLN A 37 -10.24 -1.02 6.83
CA GLN A 37 -10.63 -1.09 8.23
C GLN A 37 -9.61 -1.87 9.04
N ALA A 38 -9.58 -1.62 10.35
CA ALA A 38 -8.64 -2.30 11.23
C ALA A 38 -8.72 -3.82 11.07
N GLY A 39 -7.73 -4.38 10.38
CA GLY A 39 -7.71 -5.81 10.17
C GLY A 39 -7.66 -6.17 8.69
N ASP A 40 -8.26 -5.34 7.86
CA ASP A 40 -8.27 -5.57 6.41
C ASP A 40 -6.85 -5.59 5.85
N ARG A 41 -6.55 -6.61 5.06
CA ARG A 41 -5.23 -6.75 4.46
C ARG A 41 -5.11 -5.90 3.19
N ILE A 42 -4.00 -5.18 3.08
CA ILE A 42 -3.77 -4.32 1.92
C ILE A 42 -2.54 -4.79 1.14
N THR A 43 -2.77 -5.20 -0.11
CA THR A 43 -1.68 -5.67 -0.96
C THR A 43 -0.80 -4.51 -1.42
N VAL A 44 0.34 -4.34 -0.76
CA VAL A 44 1.27 -3.28 -1.09
C VAL A 44 1.84 -3.47 -2.49
N ILE A 45 1.49 -2.55 -3.40
CA ILE A 45 1.96 -2.62 -4.78
C ILE A 45 3.13 -1.67 -5.00
N SER A 46 3.05 -0.49 -4.39
CA SER A 46 4.09 0.52 -4.52
C SER A 46 4.32 1.24 -3.20
N LYS A 47 5.44 0.93 -2.54
CA LYS A 47 5.77 1.55 -1.27
C LYS A 47 7.25 1.93 -1.23
N THR A 48 7.62 2.73 -0.23
CA THR A 48 9.00 3.17 -0.08
C THR A 48 9.63 2.60 1.19
N ASP A 49 10.89 2.96 1.44
CA ASP A 49 11.59 2.49 2.63
C ASP A 49 11.30 3.38 3.82
N SER A 50 10.05 3.83 3.94
CA SER A 50 9.65 4.69 5.03
C SER A 50 8.17 4.47 5.38
N HIS A 51 7.91 4.22 6.66
CA HIS A 51 6.54 3.98 7.12
C HIS A 51 5.77 5.30 7.19
N PHE A 52 6.30 6.26 7.93
CA PHE A 52 5.66 7.56 8.09
C PHE A 52 5.05 8.02 6.77
N ASP A 53 5.78 7.83 5.68
CA ASP A 53 5.31 8.24 4.36
C ASP A 53 4.11 7.40 3.94
N TRP A 54 3.37 7.87 2.94
CA TRP A 54 2.20 7.17 2.44
C TRP A 54 2.58 6.17 1.35
N TRP A 55 1.93 5.02 1.37
CA TRP A 55 2.20 3.98 0.38
C TRP A 55 0.96 3.70 -0.46
N GLU A 56 1.13 2.90 -1.52
CA GLU A 56 0.02 2.55 -2.41
C GLU A 56 -0.21 1.05 -2.41
N GLY A 57 -1.38 0.64 -1.91
CA GLY A 57 -1.72 -0.77 -1.88
C GLY A 57 -3.07 -1.07 -2.49
N LYS A 58 -3.44 -2.34 -2.53
CA LYS A 58 -4.72 -2.76 -3.10
C LYS A 58 -5.57 -3.48 -2.06
N LEU A 59 -6.85 -3.15 -2.02
CA LEU A 59 -7.78 -3.77 -1.08
C LEU A 59 -9.07 -4.18 -1.76
N ARG A 60 -9.46 -5.43 -1.59
CA ARG A 60 -10.69 -5.94 -2.19
C ARG A 60 -10.80 -5.50 -3.65
N GLY A 61 -9.67 -5.39 -4.32
CA GLY A 61 -9.65 -4.98 -5.71
C GLY A 61 -9.40 -3.49 -5.87
N GLN A 62 -9.84 -2.71 -4.89
CA GLN A 62 -9.65 -1.26 -4.93
C GLN A 62 -8.18 -0.90 -4.82
N THR A 63 -7.86 0.35 -5.14
CA THR A 63 -6.48 0.82 -5.08
C THR A 63 -6.42 2.28 -4.65
N GLY A 64 -5.38 2.63 -3.90
CA GLY A 64 -5.22 4.00 -3.43
C GLY A 64 -4.03 4.16 -2.51
N ILE A 65 -3.85 5.36 -1.98
CA ILE A 65 -2.74 5.65 -1.08
C ILE A 65 -3.21 5.66 0.38
N PHE A 66 -2.28 5.37 1.29
CA PHE A 66 -2.59 5.34 2.71
C PHE A 66 -1.32 5.38 3.55
N PRO A 67 -1.43 5.92 4.77
CA PRO A 67 -0.30 6.04 5.69
C PRO A 67 0.17 4.68 6.22
N ALA A 68 1.44 4.36 5.99
CA ALA A 68 1.99 3.09 6.45
C ALA A 68 1.84 2.93 7.96
N ASN A 69 1.75 4.06 8.66
CA ASN A 69 1.60 4.04 10.11
C ASN A 69 0.27 3.41 10.51
N TYR A 70 -0.60 3.21 9.54
CA TYR A 70 -1.91 2.62 9.79
C TYR A 70 -1.89 1.12 9.52
N VAL A 71 -0.70 0.60 9.19
CA VAL A 71 -0.54 -0.82 8.91
C VAL A 71 0.70 -1.38 9.58
N THR A 72 0.88 -2.70 9.51
CA THR A 72 2.02 -3.35 10.12
C THR A 72 2.54 -4.49 9.24
N MET A 73 3.84 -4.76 9.32
CA MET A 73 4.45 -5.82 8.54
C MET A 73 4.61 -7.09 9.36
N ASN A 74 3.57 -7.92 9.39
CA ASN A 74 3.60 -9.16 10.14
C ASN A 74 2.83 -10.26 9.40
N SER A 75 3.47 -11.41 9.25
CA SER A 75 2.85 -12.54 8.56
C SER A 75 2.39 -13.59 9.57
N GLY A 76 1.08 -13.69 9.75
CA GLY A 76 0.53 -14.66 10.68
C GLY A 76 -0.33 -14.02 11.74
N PRO A 77 -0.52 -14.73 12.87
CA PRO A 77 -1.33 -14.24 13.98
C PRO A 77 -0.66 -13.09 14.72
N SER A 78 -1.27 -12.67 15.83
CA SER A 78 -0.74 -11.57 16.63
C SER A 78 0.42 -12.03 17.49
N SER A 79 1.47 -11.22 17.57
CA SER A 79 2.64 -11.54 18.38
C SER A 79 2.61 -10.80 19.71
N GLY A 80 3.51 -11.19 20.61
CA GLY A 80 3.58 -10.56 21.91
C GLY A 80 2.34 -10.82 22.75
N GLY A 1 -7.41 0.53 -31.19
CA GLY A 1 -6.08 1.01 -30.89
C GLY A 1 -5.39 1.61 -32.10
N SER A 2 -5.00 2.88 -31.99
CA SER A 2 -4.34 3.57 -33.10
C SER A 2 -3.73 4.89 -32.62
N SER A 3 -2.50 5.16 -33.03
CA SER A 3 -1.81 6.38 -32.64
C SER A 3 -2.15 6.77 -31.21
N GLY A 4 -2.17 5.78 -30.33
CA GLY A 4 -2.48 6.02 -28.92
C GLY A 4 -2.08 4.87 -28.03
N SER A 5 -1.43 5.20 -26.92
CA SER A 5 -0.99 4.17 -25.97
C SER A 5 -0.55 4.81 -24.65
N SER A 6 -1.24 4.46 -23.57
CA SER A 6 -0.92 4.99 -22.26
C SER A 6 0.56 4.80 -21.92
N GLY A 7 1.03 3.57 -22.08
CA GLY A 7 2.42 3.28 -21.80
C GLY A 7 2.71 3.18 -20.31
N HIS A 8 2.83 1.95 -19.82
CA HIS A 8 3.10 1.72 -18.40
C HIS A 8 4.59 1.55 -18.15
N GLU A 9 5.12 2.30 -17.18
CA GLU A 9 6.54 2.23 -16.86
C GLU A 9 6.81 1.14 -15.81
N ARG A 10 8.07 0.95 -15.47
CA ARG A 10 8.46 -0.06 -14.49
C ARG A 10 9.43 0.52 -13.46
N VAL A 11 8.95 0.71 -12.24
CA VAL A 11 9.78 1.25 -11.17
C VAL A 11 10.47 0.14 -10.39
N GLY A 12 11.80 0.17 -10.36
CA GLY A 12 12.55 -0.83 -9.64
C GLY A 12 12.02 -2.24 -9.88
N ASN A 13 12.33 -3.15 -8.97
CA ASN A 13 11.88 -4.53 -9.08
C ASN A 13 10.73 -4.81 -8.12
N LEU A 14 9.67 -5.42 -8.64
CA LEU A 14 8.51 -5.75 -7.82
C LEU A 14 8.08 -7.20 -8.04
N ASN A 15 9.03 -8.11 -7.99
CA ASN A 15 8.76 -9.53 -8.18
C ASN A 15 7.40 -9.90 -7.60
N GLN A 16 7.09 -9.36 -6.43
CA GLN A 16 5.82 -9.63 -5.77
C GLN A 16 5.50 -8.55 -4.74
N PRO A 17 4.21 -8.29 -4.54
CA PRO A 17 3.73 -7.29 -3.59
C PRO A 17 3.97 -7.71 -2.14
N ILE A 18 3.47 -6.91 -1.20
CA ILE A 18 3.63 -7.20 0.22
C ILE A 18 2.27 -7.22 0.93
N GLU A 19 2.21 -7.96 2.04
CA GLU A 19 0.97 -8.06 2.80
C GLU A 19 1.09 -7.30 4.12
N VAL A 20 0.14 -6.40 4.36
CA VAL A 20 0.12 -5.61 5.58
C VAL A 20 -1.27 -5.57 6.20
N THR A 21 -1.33 -5.69 7.53
CA THR A 21 -2.60 -5.66 8.24
C THR A 21 -2.89 -4.28 8.79
N ALA A 22 -4.09 -3.77 8.49
CA ALA A 22 -4.50 -2.45 8.95
C ALA A 22 -4.71 -2.44 10.46
N LEU A 23 -3.75 -1.83 11.18
CA LEU A 23 -3.83 -1.76 12.63
C LEU A 23 -5.07 -0.98 13.07
N TYR A 24 -5.45 0.01 12.26
CA TYR A 24 -6.62 0.83 12.57
C TYR A 24 -7.43 1.12 11.31
N SER A 25 -8.57 1.78 11.48
CA SER A 25 -9.44 2.11 10.36
C SER A 25 -8.97 3.38 9.67
N PHE A 26 -9.37 3.56 8.42
CA PHE A 26 -8.99 4.74 7.64
C PHE A 26 -10.04 5.07 6.60
N GLU A 27 -10.05 6.32 6.14
CA GLU A 27 -11.01 6.76 5.14
C GLU A 27 -10.35 7.70 4.14
N GLY A 28 -10.10 7.20 2.93
CA GLY A 28 -9.48 8.00 1.90
C GLY A 28 -10.14 9.35 1.73
N GLN A 29 -9.52 10.38 2.27
CA GLN A 29 -10.06 11.74 2.18
C GLN A 29 -10.06 12.24 0.75
N GLN A 30 -9.02 11.85 0.00
CA GLN A 30 -8.90 12.25 -1.40
C GLN A 30 -9.58 11.25 -2.32
N PRO A 31 -9.99 11.72 -3.51
CA PRO A 31 -10.66 10.88 -4.51
C PRO A 31 -9.72 9.86 -5.13
N GLY A 32 -8.47 9.85 -4.67
CA GLY A 32 -7.49 8.90 -5.19
C GLY A 32 -6.82 8.10 -4.09
N ASP A 33 -7.52 7.91 -2.97
CA ASP A 33 -6.99 7.16 -1.85
C ASP A 33 -7.68 5.81 -1.73
N LEU A 34 -7.33 5.07 -0.68
CA LEU A 34 -7.92 3.75 -0.45
C LEU A 34 -8.59 3.68 0.92
N ASN A 35 -9.75 3.05 0.98
CA ASN A 35 -10.49 2.93 2.23
C ASN A 35 -10.39 1.51 2.78
N PHE A 36 -9.93 1.40 4.02
CA PHE A 36 -9.77 0.10 4.66
C PHE A 36 -10.24 0.16 6.12
N GLN A 37 -10.21 -0.99 6.78
CA GLN A 37 -10.63 -1.08 8.18
C GLN A 37 -9.61 -1.84 9.01
N ALA A 38 -9.57 -1.55 10.31
CA ALA A 38 -8.64 -2.22 11.21
C ALA A 38 -8.72 -3.73 11.07
N GLY A 39 -7.73 -4.31 10.39
CA GLY A 39 -7.71 -5.75 10.20
C GLY A 39 -7.65 -6.14 8.73
N ASP A 40 -8.30 -5.35 7.88
CA ASP A 40 -8.31 -5.61 6.46
C ASP A 40 -6.89 -5.63 5.89
N ARG A 41 -6.59 -6.65 5.11
CA ARG A 41 -5.26 -6.78 4.50
C ARG A 41 -5.16 -5.95 3.23
N ILE A 42 -4.05 -5.23 3.08
CA ILE A 42 -3.82 -4.40 1.90
C ILE A 42 -2.60 -4.86 1.13
N THR A 43 -2.82 -5.32 -0.09
CA THR A 43 -1.72 -5.79 -0.94
C THR A 43 -0.87 -4.63 -1.43
N VAL A 44 0.25 -4.39 -0.75
CA VAL A 44 1.16 -3.31 -1.11
C VAL A 44 1.79 -3.57 -2.47
N ILE A 45 1.62 -2.61 -3.38
CA ILE A 45 2.17 -2.73 -4.73
C ILE A 45 3.31 -1.74 -4.94
N SER A 46 3.16 -0.55 -4.37
CA SER A 46 4.18 0.49 -4.50
C SER A 46 4.35 1.25 -3.18
N LYS A 47 5.46 1.01 -2.50
CA LYS A 47 5.74 1.67 -1.22
C LYS A 47 7.15 2.24 -1.21
N THR A 48 7.47 2.98 -0.16
CA THR A 48 8.79 3.58 -0.02
C THR A 48 9.50 3.08 1.23
N ASP A 49 10.78 3.41 1.35
CA ASP A 49 11.57 3.01 2.51
C ASP A 49 11.30 3.91 3.71
N SER A 50 10.02 4.16 3.97
CA SER A 50 9.63 5.01 5.08
C SER A 50 8.19 4.73 5.51
N HIS A 51 7.98 4.60 6.82
CA HIS A 51 6.66 4.32 7.36
C HIS A 51 5.80 5.58 7.35
N PHE A 52 6.25 6.61 8.05
CA PHE A 52 5.51 7.87 8.12
C PHE A 52 4.90 8.22 6.77
N ASP A 53 5.68 8.02 5.71
CA ASP A 53 5.22 8.31 4.35
C ASP A 53 4.02 7.45 3.99
N TRP A 54 3.32 7.81 2.91
CA TRP A 54 2.16 7.08 2.47
C TRP A 54 2.52 6.10 1.35
N TRP A 55 1.98 4.90 1.43
CA TRP A 55 2.25 3.87 0.42
C TRP A 55 1.01 3.59 -0.43
N GLU A 56 1.18 2.81 -1.48
CA GLU A 56 0.08 2.47 -2.37
C GLU A 56 -0.14 0.96 -2.42
N GLY A 57 -1.29 0.52 -1.91
CA GLY A 57 -1.60 -0.90 -1.90
C GLY A 57 -2.92 -1.21 -2.57
N LYS A 58 -3.35 -2.46 -2.48
CA LYS A 58 -4.61 -2.89 -3.09
C LYS A 58 -5.49 -3.60 -2.07
N LEU A 59 -6.78 -3.28 -2.09
CA LEU A 59 -7.73 -3.89 -1.17
C LEU A 59 -9.06 -4.18 -1.87
N ARG A 60 -9.52 -5.43 -1.74
CA ARG A 60 -10.77 -5.84 -2.37
C ARG A 60 -10.86 -5.33 -3.80
N GLY A 61 -9.78 -5.47 -4.55
CA GLY A 61 -9.76 -5.02 -5.93
C GLY A 61 -9.47 -3.53 -6.04
N GLN A 62 -9.79 -2.78 -4.98
CA GLN A 62 -9.57 -1.35 -4.97
C GLN A 62 -8.08 -1.03 -4.87
N THR A 63 -7.72 0.22 -5.13
CA THR A 63 -6.34 0.65 -5.06
C THR A 63 -6.24 2.14 -4.71
N GLY A 64 -5.19 2.49 -3.95
CA GLY A 64 -5.00 3.86 -3.56
C GLY A 64 -3.83 4.04 -2.61
N ILE A 65 -3.67 5.24 -2.08
CA ILE A 65 -2.57 5.53 -1.16
C ILE A 65 -3.07 5.56 0.28
N PHE A 66 -2.16 5.29 1.22
CA PHE A 66 -2.51 5.28 2.64
C PHE A 66 -1.24 5.30 3.49
N PRO A 67 -1.37 5.85 4.70
CA PRO A 67 -0.25 5.95 5.65
C PRO A 67 0.17 4.59 6.20
N ALA A 68 1.42 4.24 6.02
CA ALA A 68 1.95 2.96 6.50
C ALA A 68 1.79 2.84 8.02
N ASN A 69 1.60 3.98 8.67
CA ASN A 69 1.44 4.00 10.13
C ASN A 69 0.11 3.37 10.53
N TYR A 70 -0.77 3.18 9.56
CA TYR A 70 -2.08 2.60 9.81
C TYR A 70 -2.06 1.09 9.55
N VAL A 71 -0.93 0.59 9.07
CA VAL A 71 -0.78 -0.83 8.78
C VAL A 71 0.51 -1.38 9.39
N THR A 72 0.76 -2.66 9.15
CA THR A 72 1.96 -3.31 9.68
C THR A 72 2.39 -4.46 8.78
N MET A 73 3.69 -4.77 8.79
CA MET A 73 4.23 -5.85 7.99
C MET A 73 4.66 -7.02 8.87
N ASN A 74 3.72 -7.93 9.12
CA ASN A 74 4.00 -9.11 9.95
C ASN A 74 3.51 -10.37 9.27
N SER A 75 4.23 -11.47 9.50
CA SER A 75 3.88 -12.76 8.91
C SER A 75 3.36 -13.73 9.97
N GLY A 76 2.52 -14.66 9.55
CA GLY A 76 1.96 -15.64 10.47
C GLY A 76 0.51 -15.35 10.81
N PRO A 77 0.04 -15.89 11.94
CA PRO A 77 -1.34 -15.71 12.40
C PRO A 77 -1.62 -14.29 12.85
N SER A 78 -2.70 -13.71 12.36
CA SER A 78 -3.08 -12.35 12.72
C SER A 78 -4.04 -12.34 13.91
N SER A 79 -3.95 -11.29 14.72
CA SER A 79 -4.80 -11.16 15.90
C SER A 79 -6.26 -10.99 15.50
N GLY A 80 -7.16 -11.46 16.35
CA GLY A 80 -8.58 -11.35 16.06
C GLY A 80 -9.20 -12.67 15.65
N GLY A 1 2.15 -1.41 -39.94
CA GLY A 1 2.83 -0.18 -39.58
C GLY A 1 3.70 -0.34 -38.34
N SER A 2 3.51 0.53 -37.36
CA SER A 2 4.28 0.48 -36.13
C SER A 2 3.51 -0.22 -35.03
N SER A 3 4.19 -1.07 -34.26
CA SER A 3 3.57 -1.81 -33.18
C SER A 3 3.59 -1.00 -31.89
N GLY A 4 4.72 -0.38 -31.60
CA GLY A 4 4.85 0.42 -30.38
C GLY A 4 6.05 0.02 -29.56
N SER A 5 6.51 0.95 -28.71
CA SER A 5 7.67 0.70 -27.86
C SER A 5 7.49 1.35 -26.50
N SER A 6 7.88 0.65 -25.45
CA SER A 6 7.76 1.16 -24.09
C SER A 6 9.08 0.99 -23.32
N GLY A 7 9.64 2.10 -22.88
CA GLY A 7 10.90 2.07 -22.15
C GLY A 7 10.76 2.63 -20.73
N HIS A 8 10.74 1.74 -19.75
CA HIS A 8 10.62 2.16 -18.36
C HIS A 8 11.85 1.73 -17.55
N GLU A 9 12.14 2.47 -16.48
CA GLU A 9 13.28 2.16 -15.64
C GLU A 9 12.97 1.01 -14.69
N ARG A 10 13.90 0.07 -14.56
CA ARG A 10 13.72 -1.08 -13.70
C ARG A 10 14.38 -0.85 -12.34
N VAL A 11 14.20 0.35 -11.80
CA VAL A 11 14.77 0.70 -10.50
C VAL A 11 13.86 0.28 -9.36
N GLY A 12 13.27 -0.91 -9.49
CA GLY A 12 12.38 -1.41 -8.47
C GLY A 12 12.59 -2.89 -8.20
N ASN A 13 12.54 -3.69 -9.25
CA ASN A 13 12.72 -5.14 -9.14
C ASN A 13 11.62 -5.75 -8.25
N LEU A 14 10.40 -5.24 -8.41
CA LEU A 14 9.27 -5.74 -7.63
C LEU A 14 8.58 -6.90 -8.35
N ASN A 15 8.81 -8.11 -7.87
CA ASN A 15 8.22 -9.31 -8.46
C ASN A 15 6.84 -9.57 -7.86
N GLN A 16 6.68 -9.23 -6.59
CA GLN A 16 5.40 -9.44 -5.90
C GLN A 16 5.21 -8.40 -4.79
N PRO A 17 3.96 -7.97 -4.60
CA PRO A 17 3.61 -6.98 -3.58
C PRO A 17 3.73 -7.54 -2.17
N ILE A 18 3.50 -6.69 -1.18
CA ILE A 18 3.58 -7.10 0.23
C ILE A 18 2.20 -7.16 0.87
N GLU A 19 2.10 -7.86 1.99
CA GLU A 19 0.84 -7.99 2.71
C GLU A 19 0.93 -7.36 4.09
N VAL A 20 0.04 -6.41 4.37
CA VAL A 20 0.02 -5.72 5.65
C VAL A 20 -1.38 -5.72 6.25
N THR A 21 -1.45 -5.81 7.57
CA THR A 21 -2.73 -5.82 8.27
C THR A 21 -3.06 -4.44 8.83
N ALA A 22 -4.20 -3.89 8.43
CA ALA A 22 -4.62 -2.58 8.90
C ALA A 22 -4.82 -2.57 10.42
N LEU A 23 -3.96 -1.83 11.11
CA LEU A 23 -4.03 -1.75 12.56
C LEU A 23 -5.27 -0.97 13.00
N TYR A 24 -5.63 0.05 12.21
CA TYR A 24 -6.80 0.87 12.52
C TYR A 24 -7.58 1.19 11.25
N SER A 25 -8.80 1.69 11.43
CA SER A 25 -9.66 2.03 10.30
C SER A 25 -9.17 3.31 9.62
N PHE A 26 -9.57 3.49 8.37
CA PHE A 26 -9.18 4.66 7.60
C PHE A 26 -10.20 4.95 6.50
N GLU A 27 -10.20 6.19 6.02
CA GLU A 27 -11.12 6.61 4.96
C GLU A 27 -10.45 7.60 4.01
N GLY A 28 -10.12 7.13 2.81
CA GLY A 28 -9.48 7.98 1.84
C GLY A 28 -10.18 9.32 1.69
N GLN A 29 -9.61 10.35 2.29
CA GLN A 29 -10.20 11.70 2.23
C GLN A 29 -10.15 12.24 0.80
N GLN A 30 -9.09 11.90 0.08
CA GLN A 30 -8.92 12.35 -1.30
C GLN A 30 -9.51 11.34 -2.28
N PRO A 31 -9.84 11.82 -3.49
CA PRO A 31 -10.43 10.96 -4.53
C PRO A 31 -9.42 9.97 -5.10
N GLY A 32 -8.21 9.98 -4.54
CA GLY A 32 -7.17 9.08 -5.01
C GLY A 32 -6.57 8.26 -3.87
N ASP A 33 -7.36 8.04 -2.82
CA ASP A 33 -6.91 7.27 -1.68
C ASP A 33 -7.60 5.91 -1.63
N LEU A 34 -7.30 5.13 -0.59
CA LEU A 34 -7.90 3.81 -0.43
C LEU A 34 -8.67 3.71 0.88
N ASN A 35 -9.73 2.93 0.89
CA ASN A 35 -10.55 2.75 2.08
C ASN A 35 -10.40 1.35 2.65
N PHE A 36 -9.99 1.27 3.91
CA PHE A 36 -9.79 -0.01 4.58
C PHE A 36 -10.24 0.06 6.04
N GLN A 37 -10.27 -1.09 6.70
CA GLN A 37 -10.67 -1.16 8.09
C GLN A 37 -9.65 -1.92 8.93
N ALA A 38 -9.68 -1.70 10.24
CA ALA A 38 -8.76 -2.37 11.15
C ALA A 38 -8.83 -3.88 11.00
N GLY A 39 -7.82 -4.45 10.33
CA GLY A 39 -7.79 -5.89 10.13
C GLY A 39 -7.73 -6.27 8.66
N ASP A 40 -8.28 -5.41 7.81
CA ASP A 40 -8.29 -5.65 6.38
C ASP A 40 -6.87 -5.72 5.82
N ARG A 41 -6.55 -6.79 5.10
CA ARG A 41 -5.24 -6.97 4.52
C ARG A 41 -5.10 -6.17 3.23
N ILE A 42 -4.06 -5.33 3.16
CA ILE A 42 -3.82 -4.52 1.97
C ILE A 42 -2.58 -5.00 1.23
N THR A 43 -2.75 -5.34 -0.05
CA THR A 43 -1.64 -5.80 -0.87
C THR A 43 -0.80 -4.64 -1.36
N VAL A 44 0.30 -4.36 -0.66
CA VAL A 44 1.20 -3.27 -1.03
C VAL A 44 1.82 -3.51 -2.40
N ILE A 45 1.45 -2.67 -3.36
CA ILE A 45 1.97 -2.79 -4.72
C ILE A 45 3.15 -1.84 -4.94
N SER A 46 3.06 -0.65 -4.36
CA SER A 46 4.11 0.34 -4.49
C SER A 46 4.30 1.12 -3.19
N LYS A 47 5.43 0.88 -2.52
CA LYS A 47 5.73 1.56 -1.27
C LYS A 47 7.12 2.20 -1.31
N THR A 48 7.50 2.85 -0.21
CA THR A 48 8.79 3.51 -0.13
C THR A 48 9.57 3.03 1.09
N ASP A 49 10.77 3.57 1.28
CA ASP A 49 11.61 3.20 2.41
C ASP A 49 11.00 3.67 3.72
N SER A 50 10.85 4.98 3.87
CA SER A 50 10.28 5.56 5.07
C SER A 50 8.87 5.03 5.32
N HIS A 51 8.54 4.80 6.59
CA HIS A 51 7.23 4.29 6.97
C HIS A 51 6.21 5.42 7.04
N PHE A 52 6.49 6.43 7.85
CA PHE A 52 5.58 7.56 8.01
C PHE A 52 4.94 7.93 6.67
N ASP A 53 5.73 7.89 5.60
CA ASP A 53 5.24 8.22 4.27
C ASP A 53 4.04 7.33 3.91
N TRP A 54 3.31 7.73 2.87
CA TRP A 54 2.15 6.99 2.42
C TRP A 54 2.53 5.97 1.34
N TRP A 55 1.95 4.78 1.42
CA TRP A 55 2.23 3.73 0.45
C TRP A 55 1.01 3.47 -0.43
N GLU A 56 1.20 2.66 -1.47
CA GLU A 56 0.12 2.33 -2.38
C GLU A 56 -0.14 0.82 -2.39
N GLY A 57 -1.31 0.42 -1.87
CA GLY A 57 -1.65 -0.98 -1.82
C GLY A 57 -2.98 -1.28 -2.49
N LYS A 58 -3.41 -2.53 -2.44
CA LYS A 58 -4.67 -2.94 -3.04
C LYS A 58 -5.54 -3.68 -2.03
N LEU A 59 -6.84 -3.38 -2.03
CA LEU A 59 -7.77 -4.03 -1.12
C LEU A 59 -9.10 -4.29 -1.80
N ARG A 60 -9.58 -5.53 -1.72
CA ARG A 60 -10.84 -5.91 -2.34
C ARG A 60 -10.97 -5.32 -3.74
N GLY A 61 -9.98 -5.60 -4.58
CA GLY A 61 -9.99 -5.09 -5.94
C GLY A 61 -10.01 -3.58 -5.99
N GLN A 62 -9.20 -2.94 -5.14
CA GLN A 62 -9.13 -1.49 -5.10
C GLN A 62 -7.68 -1.01 -5.08
N THR A 63 -7.48 0.28 -5.30
CA THR A 63 -6.14 0.86 -5.32
C THR A 63 -6.16 2.29 -4.78
N GLY A 64 -5.17 2.61 -3.95
CA GLY A 64 -5.09 3.95 -3.37
C GLY A 64 -3.90 4.11 -2.44
N ILE A 65 -3.68 5.33 -1.98
CA ILE A 65 -2.57 5.61 -1.09
C ILE A 65 -3.04 5.68 0.37
N PHE A 66 -2.18 5.28 1.29
CA PHE A 66 -2.51 5.29 2.71
C PHE A 66 -1.23 5.32 3.56
N PRO A 67 -1.35 5.89 4.77
CA PRO A 67 -0.22 6.00 5.70
C PRO A 67 0.18 4.65 6.27
N ALA A 68 1.44 4.28 6.05
CA ALA A 68 1.96 3.01 6.55
C ALA A 68 1.83 2.92 8.06
N ASN A 69 1.70 4.07 8.71
CA ASN A 69 1.57 4.12 10.16
C ASN A 69 0.23 3.53 10.61
N TYR A 70 -0.66 3.32 9.65
CA TYR A 70 -1.98 2.75 9.94
C TYR A 70 -1.99 1.25 9.73
N VAL A 71 -0.86 0.71 9.28
CA VAL A 71 -0.74 -0.72 9.03
C VAL A 71 0.51 -1.29 9.68
N THR A 72 0.69 -2.60 9.59
CA THR A 72 1.84 -3.27 10.17
C THR A 72 2.41 -4.32 9.22
N MET A 73 3.72 -4.27 9.00
CA MET A 73 4.39 -5.21 8.12
C MET A 73 5.33 -6.13 8.90
N ASN A 74 4.83 -7.31 9.26
CA ASN A 74 5.62 -8.26 10.02
C ASN A 74 5.92 -9.51 9.18
N SER A 75 4.88 -10.06 8.57
CA SER A 75 5.02 -11.26 7.74
C SER A 75 5.86 -12.31 8.45
N GLY A 76 5.57 -12.54 9.72
CA GLY A 76 6.30 -13.52 10.49
C GLY A 76 5.44 -14.19 11.55
N PRO A 77 5.72 -15.47 11.83
CA PRO A 77 4.98 -16.25 12.82
C PRO A 77 5.26 -15.77 14.25
N SER A 78 6.18 -14.82 14.39
CA SER A 78 6.53 -14.29 15.69
C SER A 78 5.33 -14.25 16.61
N SER A 79 4.33 -13.45 16.25
CA SER A 79 3.11 -13.32 17.05
C SER A 79 1.96 -14.09 16.42
N GLY A 80 1.12 -14.68 17.25
CA GLY A 80 -0.01 -15.44 16.76
C GLY A 80 -1.29 -14.63 16.74
#